data_7ZPL
#
_entry.id   7ZPL
#
_cell.length_a   1.00
_cell.length_b   1.00
_cell.length_c   1.00
_cell.angle_alpha   90.00
_cell.angle_beta   90.00
_cell.angle_gamma   90.00
#
_symmetry.space_group_name_H-M   'P 1'
#
loop_
_entity.id
_entity.type
_entity.pdbx_description
1 polymer 'Polymerase acidic protein'
2 polymer 'RNA-directed RNA polymerase catalytic subunit'
3 polymer 'Polymerase basic protein 2'
4 polymer "5' vRNA"
5 non-polymer 'MAGNESIUM ION'
#
loop_
_entity_poly.entity_id
_entity_poly.type
_entity_poly.pdbx_seq_one_letter_code
_entity_poly.pdbx_strand_id
1 'polypeptide(L)'
;GMEDFVRQCFNPMIVELAEKAMKEYGEDPKIETNKFASICTHLEVCFMYSDFHFIDERGESTIIESGDPNVLLKHRFEII
EGRDRTMAWTVVNSICNTTGVEKPKFLPDLYDYKENRFIEIGVTRREVHIYYLEKANKIKSEKTHIHIFSFTGEEMATKA
DYTLDEESRARIKTRLFTIRQEMASRGLWDSFRQSERGEETIEERFEITGTMRRLADQSLPPNFSSLENFRAYVDGFEPN
GCIEGKLSQMSKEVNARIEPFLRTTPRPLRLPDGPPCSQRSKFLLMDALKLSIEDPSHEGEGIPLYDAIKCMKTFFGWKE
PNIIKPHEKGINPNYLLTWKQVLAELQDIENEEKIPRTKNMKKTSQLKWALGENMAPEKVDFEDCKDVNDLKQYDSDEPE
PRSLACWIQSEFNKACELTDSSWVELDEIGEDVAPIEHIASMRRNYFTAEVSHCRATEYIMKGVYINTALLNASCAAMDD
FQLIPMISKCRTKEGRRKTNLYGFIIKGRSHLRNDTDVVNFVSMEFSLTDPRLEPHKWEKYCVLEIGDMLLRTAVGQVSR
PMFLYVRTNGTSKIKMKWGMEMRRCLLQSLQQIESMIEAESSVKEKDLTKEFFENKSETWPIGESPKGVEEGSIGKVCRT
LLAKSVFNSLYASPQLEGFSAESRKLLLIVQALRDNLEPGTFDLEGLYEAIEECLINDPWVLLNASWFNSFLTHALR
;
A,D
2 'polypeptide(L)'
;MDVNPTLLFLKVPVQNAISTTFPYTGDPPYSHGTGTGYTMDTVNRTHKYSEKGKWTTNTETGAPQLNPIDGPLPEDNEPS
GYAQTDCVLEAMAFLEESHPGIFENSCLETMEIVQQTRVDKLTQGRQTYDWTLNRNQPAATALANTIEVFRSNGLTANES
GRLIDFLKDVMDSMDKEEMEITTHFQRKRRVRDNMTKKMVTQRTIGKKKQRLNKRSYLIRALTLNTMTKDAERGKLKRRA
IATPGMQIRGFVYFVEALARSICEKLEQSGLPVGGNEKKAKLANVVRKMMTNSQDTELSFTITGDNTKWNENQNPRMFLA
MITYITRNQPEWFRNVLSIAPIMFSNKMARLGKGYMFESKSMKLRTQVPAEMLANIDLKYFNKSTREKIEKIRPLLIDGT
ASLSPGMMMGMFNMLSTVLGVSILNLGQKKYTKTTYWWDGLQSSDDFALIVNAPNHEGIQAGVDRFYRTCKLVGINMSKK
KSYINRTGTFEFTSFFYRYGFVANFSMELPSFGVSGINESADMSVGVTVIKNNMINNDLGPATAQMALQLFIKDYRYTYR
CHRGDTQIQTRRAFELKKLWEQTRSKAGLLVSDGGPNLYNIRNLHIPEVCLKWELMDEDYQGRLCNPMNPFVSHKEIDSV
NNAVVMPAHGPAKSMEYDAVATTHSWIPKRNRSILNTSQRGILEDEQMYQKCCNLFEKFFPSSSYRRPVGISSMVEAMVS
RARIDARIDFESGRIKKEEFAEIMKICSTIEELRRQK
;
B,E
3 'polypeptide(L)'
;MERIKELRDLMSQSRTREILTKTTVDHMAIIKKYTSGRQEKNPALRMKWMMAMKYPITADKRIMEMIPERNEQGQTLWSK
TNDAGSDRVMVSPLAVTWWNRNGPTTSTVHYPKVYKTYFEKVERLKHGTFGPVHFRNQVKIRRRVDINPGHADLSAKEAQ
DVIMEVVFPNEVGARILTSESQLTITKEKKKELQDCKIAPLMVAYMLERELVRKTRFLPVAGGTSSVYIEVLHLTQGTCW
EQMYTPGGEVRNDDVDQSLIIAARNIVRRATVSADPLASLLEMCHSTQIGGVRMVDILRQNPTEEQAVDICKAAMGLRIS
SSFSFGGFTFKRTSGSSVKREEEVLTGNLQTLKIRVHEGYEEFTMVGRRATAILRKATRRLIQLIVSGKDEQSIAEAIIV
AMVFSQEDCMIKAVRGDLNFVNRANQRLNPMHQLLRHFQKDAKVLFQNWGIEPIDNVMGMIGILPDMTPSTEMSLRGVRV
SKMGVDEYSSTERVVVSIDRFLRVRDQRGNVLLSPEEVSETQGTEKLTITYSSSMMWEINGPESVLVNTYQWIIRNWENV
KIQWSQDPTMLYNKMEFEPFQSLVPKAARGQYSGFVRVLFQQMRDVLGTFDTVQIIKLLPFAAAPPEQSRMQFSSLTVNV
RGSGMRIVVRGNSPVFNYNKATKRLTVLGKDAGALMEDPDEGTAGVESAVLRGFLILGKENKRYGPALSINELSNLAKGE
KANVLIGQGDVVLVMKRKRDSSILTDSQTATKRIRMAIN
;
C,F
4 'polyribonucleotide' AGUAGUAACAAGAG V,U
#
loop_
_chem_comp.id
_chem_comp.type
_chem_comp.name
_chem_comp.formula
A RNA linking ADENOSINE-5'-MONOPHOSPHATE 'C10 H14 N5 O7 P'
C RNA linking CYTIDINE-5'-MONOPHOSPHATE 'C9 H14 N3 O8 P'
G RNA linking GUANOSINE-5'-MONOPHOSPHATE 'C10 H14 N5 O8 P'
MG non-polymer 'MAGNESIUM ION' 'Mg 2'
U RNA linking URIDINE-5'-MONOPHOSPHATE 'C9 H13 N2 O9 P'
#
# COMPACT_ATOMS: atom_id res chain seq x y z
N GLU A 204 -16.69 -77.57 9.15
CA GLU A 204 -15.47 -76.81 8.94
C GLU A 204 -14.24 -77.70 8.92
N ARG A 205 -13.51 -77.69 7.80
CA ARG A 205 -12.30 -78.48 7.66
C ARG A 205 -11.19 -77.62 7.09
N PHE A 206 -9.97 -77.90 7.50
CA PHE A 206 -8.80 -77.17 7.02
C PHE A 206 -7.61 -78.13 7.05
N GLU A 207 -7.32 -78.73 5.90
CA GLU A 207 -6.28 -79.74 5.81
C GLU A 207 -4.95 -79.10 5.42
N ILE A 208 -3.90 -79.92 5.46
CA ILE A 208 -2.54 -79.50 5.12
C ILE A 208 -2.11 -80.23 3.87
N THR A 209 -1.68 -79.47 2.86
CA THR A 209 -1.26 -80.05 1.59
C THR A 209 0.20 -80.51 1.67
N GLY A 210 0.65 -81.15 0.60
CA GLY A 210 2.00 -81.72 0.59
C GLY A 210 3.09 -80.67 0.73
N THR A 211 2.96 -79.56 -0.01
CA THR A 211 3.96 -78.50 0.09
C THR A 211 3.99 -77.92 1.49
N MET A 212 2.83 -77.62 2.05
CA MET A 212 2.79 -77.10 3.42
C MET A 212 3.18 -78.17 4.43
N ARG A 213 2.90 -79.45 4.15
CA ARG A 213 3.35 -80.51 5.04
C ARG A 213 4.87 -80.54 5.09
N ARG A 214 5.53 -80.44 3.94
CA ARG A 214 6.99 -80.39 3.93
C ARG A 214 7.51 -79.13 4.62
N LEU A 215 6.85 -78.00 4.38
CA LEU A 215 7.26 -76.76 5.04
C LEU A 215 7.17 -76.87 6.56
N ALA A 216 6.08 -77.46 7.05
CA ALA A 216 5.94 -77.69 8.48
C ALA A 216 7.02 -78.63 9.00
N ASP A 217 7.26 -79.72 8.28
CA ASP A 217 8.30 -80.67 8.70
C ASP A 217 9.67 -80.01 8.72
N GLN A 218 9.86 -78.95 7.94
CA GLN A 218 11.08 -78.16 8.01
C GLN A 218 11.04 -77.11 9.11
N SER A 219 9.94 -77.01 9.86
CA SER A 219 9.81 -75.99 10.89
C SER A 219 9.53 -76.62 12.25
N LEU A 220 10.26 -77.67 12.60
CA LEU A 220 10.12 -78.36 13.87
C LEU A 220 11.42 -78.30 14.65
N PRO A 221 11.36 -78.44 15.98
CA PRO A 221 12.59 -78.52 16.77
C PRO A 221 13.37 -79.77 16.44
N PRO A 222 14.66 -79.82 16.80
CA PRO A 222 15.45 -81.01 16.49
C PRO A 222 14.91 -82.24 17.21
N ASN A 223 15.24 -83.41 16.65
CA ASN A 223 14.77 -84.70 17.16
C ASN A 223 13.25 -84.82 17.08
N PHE A 224 12.69 -84.35 15.96
CA PHE A 224 11.26 -84.50 15.68
C PHE A 224 11.10 -84.70 14.18
N SER A 225 10.80 -85.92 13.78
CA SER A 225 10.75 -86.25 12.35
C SER A 225 9.55 -85.63 11.66
N SER A 226 8.37 -85.74 12.28
CA SER A 226 7.13 -85.30 11.66
C SER A 226 6.32 -84.45 12.62
N LEU A 227 5.45 -83.62 12.06
CA LEU A 227 4.60 -82.75 12.87
C LEU A 227 3.66 -83.54 13.75
N GLU A 228 3.18 -84.69 13.28
CA GLU A 228 2.30 -85.52 14.10
C GLU A 228 3.02 -86.02 15.35
N ASN A 229 4.30 -86.39 15.22
CA ASN A 229 5.06 -86.84 16.39
C ASN A 229 5.20 -85.73 17.41
N PHE A 230 5.50 -84.51 16.95
CA PHE A 230 5.62 -83.38 17.88
C PHE A 230 4.29 -83.07 18.54
N ARG A 231 3.19 -83.12 17.77
CA ARG A 231 1.88 -82.87 18.34
C ARG A 231 1.52 -83.91 19.40
N ALA A 232 1.82 -85.18 19.13
CA ALA A 232 1.57 -86.24 20.10
C ALA A 232 2.43 -86.05 21.34
N TYR A 233 3.69 -85.65 21.17
CA TYR A 233 4.57 -85.41 22.31
C TYR A 233 4.03 -84.28 23.17
N VAL A 234 3.55 -83.20 22.54
CA VAL A 234 2.99 -82.08 23.29
C VAL A 234 1.70 -82.49 24.00
N ASP A 235 0.88 -83.30 23.34
CA ASP A 235 -0.40 -83.70 23.92
C ASP A 235 -0.22 -84.54 25.17
N GLY A 236 0.87 -85.28 25.28
CA GLY A 236 1.10 -86.15 26.42
C GLY A 236 2.28 -85.73 27.28
N PHE A 237 2.42 -84.43 27.52
CA PHE A 237 3.54 -83.89 28.28
C PHE A 237 3.11 -83.63 29.72
N GLU A 238 4.02 -83.91 30.65
CA GLU A 238 3.83 -83.63 32.06
C GLU A 238 5.11 -83.00 32.60
N PRO A 239 5.02 -81.87 33.30
CA PRO A 239 6.24 -81.22 33.83
C PRO A 239 6.85 -82.05 34.95
N ASN A 240 8.11 -82.46 34.76
CA ASN A 240 8.82 -83.28 35.74
C ASN A 240 10.20 -82.68 35.99
N GLY A 241 10.26 -81.69 36.88
CA GLY A 241 11.50 -81.09 37.33
C GLY A 241 12.51 -80.70 36.27
N CYS A 242 12.02 -80.39 35.06
CA CYS A 242 12.94 -80.02 33.98
C CYS A 242 13.63 -78.69 34.27
N ILE A 243 12.90 -77.72 34.81
CA ILE A 243 13.46 -76.39 35.05
C ILE A 243 14.58 -76.44 36.07
N GLU A 244 14.38 -77.18 37.16
CA GLU A 244 15.41 -77.28 38.18
C GLU A 244 16.66 -77.97 37.65
N GLY A 245 16.48 -79.04 36.85
CA GLY A 245 17.62 -79.69 36.26
C GLY A 245 18.38 -78.79 35.30
N LYS A 246 17.65 -78.02 34.49
CA LYS A 246 18.30 -77.07 33.59
C LYS A 246 19.05 -75.99 34.36
N LEU A 247 18.47 -75.52 35.47
CA LEU A 247 19.14 -74.53 36.30
C LEU A 247 20.42 -75.09 36.89
N SER A 248 20.38 -76.34 37.38
CA SER A 248 21.59 -76.95 37.91
C SER A 248 22.64 -77.17 36.83
N GLN A 249 22.21 -77.49 35.60
CA GLN A 249 23.16 -77.74 34.52
C GLN A 249 23.94 -76.47 34.16
N MET A 250 23.27 -75.32 34.16
CA MET A 250 23.91 -74.08 33.77
C MET A 250 25.02 -73.70 34.76
N SER A 251 26.04 -73.03 34.24
CA SER A 251 27.16 -72.61 35.07
C SER A 251 26.75 -71.43 35.95
N LYS A 252 27.64 -71.05 36.86
CA LYS A 252 27.40 -69.94 37.77
C LYS A 252 27.73 -68.58 37.16
N GLU A 253 28.25 -68.56 35.93
CA GLU A 253 28.59 -67.30 35.29
C GLU A 253 27.36 -66.49 34.89
N VAL A 254 26.21 -67.15 34.72
CA VAL A 254 24.98 -66.44 34.39
C VAL A 254 24.35 -65.93 35.68
N ASN A 255 24.74 -64.73 36.10
CA ASN A 255 24.26 -64.16 37.35
C ASN A 255 23.98 -62.67 37.13
N ALA A 256 23.12 -62.13 37.99
CA ALA A 256 22.75 -60.72 37.96
C ALA A 256 22.96 -60.15 39.37
N ARG A 257 24.19 -59.71 39.64
CA ARG A 257 24.50 -59.12 40.93
C ARG A 257 23.88 -57.73 41.05
N ILE A 258 23.71 -57.30 42.29
CA ILE A 258 23.13 -55.99 42.59
C ILE A 258 24.24 -55.13 43.17
N GLU A 259 24.74 -54.20 42.37
CA GLU A 259 25.78 -53.29 42.83
C GLU A 259 25.14 -52.14 43.58
N PRO A 260 25.50 -51.91 44.85
CA PRO A 260 24.91 -50.78 45.59
C PRO A 260 25.28 -49.45 44.96
N PHE A 261 24.35 -48.50 45.05
CA PHE A 261 24.54 -47.14 44.55
C PHE A 261 24.71 -46.22 45.76
N LEU A 262 25.96 -45.92 46.10
CA LEU A 262 26.26 -45.10 47.26
C LEU A 262 26.32 -43.62 46.86
N ARG A 263 26.71 -42.77 47.80
CA ARG A 263 26.80 -41.34 47.54
C ARG A 263 28.06 -40.96 46.79
N THR A 264 29.01 -41.88 46.62
CA THR A 264 30.24 -41.62 45.89
C THR A 264 30.32 -42.38 44.57
N THR A 265 29.42 -43.34 44.33
CA THR A 265 29.45 -44.10 43.08
C THR A 265 29.26 -43.23 41.84
N PRO A 266 28.27 -42.33 41.76
CA PRO A 266 28.09 -41.56 40.53
C PRO A 266 29.27 -40.62 40.28
N ARG A 267 29.69 -40.53 39.01
CA ARG A 267 30.75 -39.66 38.56
C ARG A 267 30.23 -38.67 37.52
N PRO A 268 30.84 -37.49 37.40
CA PRO A 268 30.38 -36.52 36.41
C PRO A 268 30.56 -37.03 34.99
N LEU A 269 29.67 -36.59 34.11
CA LEU A 269 29.73 -36.99 32.71
C LEU A 269 30.96 -36.41 32.03
N ARG A 270 31.46 -37.14 31.04
CA ARG A 270 32.67 -36.77 30.31
C ARG A 270 32.29 -36.09 29.01
N LEU A 271 32.43 -34.77 28.97
CA LEU A 271 32.11 -34.01 27.75
C LEU A 271 33.19 -34.21 26.70
N PRO A 272 32.81 -34.25 25.42
CA PRO A 272 33.82 -34.41 24.37
C PRO A 272 34.68 -33.16 24.21
N ASP A 273 35.88 -33.38 23.67
CA ASP A 273 36.84 -32.31 23.45
C ASP A 273 36.97 -32.01 21.96
N GLY A 274 37.55 -30.85 21.67
CA GLY A 274 37.73 -30.41 20.30
C GLY A 274 37.51 -28.92 20.15
N PRO A 275 37.29 -28.48 18.91
CA PRO A 275 37.04 -27.05 18.68
C PRO A 275 35.72 -26.64 19.28
N PRO A 276 35.57 -25.37 19.66
CA PRO A 276 34.31 -24.91 20.24
C PRO A 276 33.17 -25.00 19.24
N CYS A 277 31.97 -25.24 19.76
CA CYS A 277 30.79 -25.35 18.92
C CYS A 277 30.37 -23.97 18.40
N SER A 278 29.64 -23.99 17.30
CA SER A 278 29.19 -22.77 16.64
C SER A 278 27.66 -22.76 16.56
N GLN A 279 27.12 -21.56 16.35
CA GLN A 279 25.68 -21.40 16.26
C GLN A 279 25.13 -22.12 15.03
N ARG A 280 23.98 -22.78 15.20
CA ARG A 280 23.38 -23.53 14.10
C ARG A 280 21.87 -23.32 14.00
N SER A 281 21.35 -22.24 14.58
CA SER A 281 19.93 -21.95 14.49
C SER A 281 19.58 -21.38 13.12
N LYS A 282 18.30 -21.43 12.79
CA LYS A 282 17.84 -20.92 11.51
C LYS A 282 17.84 -19.40 11.44
N PHE A 283 17.85 -18.72 12.59
CA PHE A 283 17.88 -17.27 12.62
C PHE A 283 18.48 -16.83 13.95
N LEU A 284 18.92 -15.57 13.98
CA LEU A 284 19.50 -15.01 15.18
C LEU A 284 18.47 -14.93 16.29
N LEU A 285 18.91 -15.19 17.53
CA LEU A 285 18.03 -15.20 18.69
C LEU A 285 18.33 -14.07 19.65
N MET A 286 19.57 -13.96 20.11
CA MET A 286 19.94 -12.94 21.09
C MET A 286 20.40 -11.64 20.44
N ASP A 287 21.04 -11.72 19.28
CA ASP A 287 21.62 -10.56 18.62
C ASP A 287 20.70 -9.97 17.56
N ALA A 288 19.48 -10.46 17.44
CA ALA A 288 18.57 -9.97 16.42
C ALA A 288 18.17 -8.52 16.68
N LEU A 289 18.13 -7.73 15.62
CA LEU A 289 17.72 -6.34 15.67
C LEU A 289 16.52 -6.14 14.75
N LYS A 290 15.55 -5.36 15.22
CA LYS A 290 14.28 -5.18 14.53
C LYS A 290 14.10 -3.72 14.12
N LEU A 291 13.58 -3.54 12.91
CA LEU A 291 13.11 -2.23 12.44
C LEU A 291 11.59 -2.21 12.59
N SER A 292 11.10 -1.28 13.40
CA SER A 292 9.72 -1.31 13.86
C SER A 292 8.92 -0.14 13.29
N ILE A 293 7.67 -0.42 12.92
CA ILE A 293 6.70 0.59 12.51
C ILE A 293 5.42 0.38 13.31
N GLU A 294 4.64 1.45 13.42
CA GLU A 294 3.39 1.43 14.20
C GLU A 294 2.22 1.30 13.23
N ASP A 295 1.70 0.09 13.12
CA ASP A 295 0.54 -0.16 12.25
C ASP A 295 -0.73 0.27 12.98
N PRO A 296 -1.54 1.14 12.39
CA PRO A 296 -2.79 1.55 13.05
C PRO A 296 -3.86 0.47 13.00
N SER A 297 -5.05 0.80 13.51
CA SER A 297 -6.14 -0.19 13.56
C SER A 297 -6.56 -0.63 12.16
N HIS A 298 -6.64 0.31 11.23
CA HIS A 298 -7.07 0.01 9.87
C HIS A 298 -5.92 -0.62 9.09
N GLU A 299 -6.08 -0.71 7.77
CA GLU A 299 -5.11 -1.28 6.83
C GLU A 299 -4.52 -2.59 7.36
N GLY A 300 -5.35 -3.61 7.50
CA GLY A 300 -4.89 -4.88 8.04
C GLY A 300 -3.80 -5.50 7.19
N GLU A 301 -3.04 -6.39 7.82
CA GLU A 301 -1.86 -6.99 7.22
C GLU A 301 -2.27 -7.89 6.06
N GLY A 302 -2.03 -7.45 4.84
CA GLY A 302 -2.35 -8.25 3.67
C GLY A 302 -1.13 -8.63 2.85
N ILE A 303 -0.12 -7.78 2.82
CA ILE A 303 1.10 -8.04 2.05
C ILE A 303 2.30 -7.73 2.92
N PRO A 304 3.26 -8.66 3.05
CA PRO A 304 4.44 -8.39 3.87
C PRO A 304 5.53 -7.62 3.13
N LEU A 305 5.57 -7.68 1.80
CA LEU A 305 6.64 -7.01 1.06
C LEU A 305 6.58 -5.50 1.27
N TYR A 306 5.39 -4.91 1.22
CA TYR A 306 5.27 -3.47 1.41
C TYR A 306 5.58 -3.08 2.85
N ASP A 307 5.23 -3.92 3.82
CA ASP A 307 5.62 -3.65 5.20
C ASP A 307 7.14 -3.66 5.36
N ALA A 308 7.81 -4.62 4.73
CA ALA A 308 9.27 -4.64 4.76
C ALA A 308 9.86 -3.41 4.10
N ILE A 309 9.27 -2.98 2.98
CA ILE A 309 9.75 -1.78 2.30
C ILE A 309 9.59 -0.56 3.19
N LYS A 310 8.45 -0.44 3.87
CA LYS A 310 8.25 0.68 4.79
C LYS A 310 9.25 0.66 5.94
N CYS A 311 9.48 -0.53 6.50
CA CYS A 311 10.44 -0.65 7.60
C CYS A 311 11.85 -0.27 7.15
N MET A 312 12.22 -0.66 5.92
CA MET A 312 13.50 -0.24 5.38
C MET A 312 13.55 1.27 5.17
N LYS A 313 12.43 1.85 4.72
CA LYS A 313 12.37 3.30 4.50
C LYS A 313 12.49 4.07 5.80
N THR A 314 12.07 3.49 6.92
CA THR A 314 12.16 4.18 8.20
C THR A 314 13.59 4.42 8.65
N PHE A 315 14.58 3.78 8.04
CA PHE A 315 15.97 3.94 8.40
C PHE A 315 16.68 4.84 7.40
N PHE A 316 17.57 5.69 7.91
CA PHE A 316 18.29 6.66 7.07
C PHE A 316 19.80 6.64 7.34
N GLY A 317 20.34 5.56 7.87
CA GLY A 317 21.75 5.52 8.22
C GLY A 317 22.55 4.49 7.45
N TRP A 318 22.18 4.25 6.20
CA TRP A 318 22.90 3.28 5.38
C TRP A 318 24.28 3.83 4.99
N LYS A 319 25.17 2.91 4.62
CA LYS A 319 26.51 3.26 4.18
C LYS A 319 27.01 2.16 3.26
N GLU A 320 28.21 2.34 2.74
CA GLU A 320 28.79 1.36 1.84
C GLU A 320 29.19 0.11 2.63
N PRO A 321 28.64 -1.06 2.30
CA PRO A 321 28.97 -2.27 3.07
C PRO A 321 30.41 -2.70 2.84
N ASN A 322 30.98 -3.31 3.87
CA ASN A 322 32.32 -3.86 3.81
C ASN A 322 32.40 -5.09 4.70
N ILE A 323 33.31 -6.00 4.34
CA ILE A 323 33.44 -7.27 5.04
C ILE A 323 34.21 -7.07 6.34
N ILE A 324 33.64 -7.52 7.45
CA ILE A 324 34.28 -7.45 8.76
C ILE A 324 34.82 -8.80 9.18
N LYS A 325 33.98 -9.82 9.19
CA LYS A 325 34.39 -11.19 9.52
C LYS A 325 34.18 -12.08 8.30
N PRO A 326 35.23 -12.41 7.56
CA PRO A 326 35.07 -13.20 6.34
C PRO A 326 34.75 -14.65 6.63
N HIS A 327 34.01 -15.27 5.70
CA HIS A 327 33.74 -16.70 5.77
C HIS A 327 34.96 -17.46 5.28
N GLU A 328 35.26 -18.58 5.95
CA GLU A 328 36.49 -19.31 5.65
C GLU A 328 36.32 -20.21 4.43
N LYS A 329 35.27 -21.02 4.40
CA LYS A 329 35.07 -22.02 3.36
C LYS A 329 34.25 -21.51 2.18
N GLY A 330 33.87 -20.24 2.16
CA GLY A 330 33.07 -19.71 1.09
C GLY A 330 33.66 -18.52 0.39
N ILE A 331 33.15 -18.20 -0.80
CA ILE A 331 33.61 -17.04 -1.55
C ILE A 331 32.94 -15.80 -0.95
N ASN A 332 33.73 -14.98 -0.27
CA ASN A 332 33.17 -13.83 0.43
C ASN A 332 32.52 -12.80 -0.50
N PRO A 333 33.14 -12.37 -1.61
CA PRO A 333 32.48 -11.33 -2.44
C PRO A 333 31.11 -11.73 -2.94
N ASN A 334 30.90 -13.01 -3.26
CA ASN A 334 29.58 -13.45 -3.72
C ASN A 334 28.49 -13.12 -2.70
N TYR A 335 28.84 -13.14 -1.41
CA TYR A 335 27.88 -12.71 -0.40
C TYR A 335 27.60 -11.21 -0.53
N LEU A 336 28.66 -10.40 -0.63
CA LEU A 336 28.48 -8.95 -0.68
C LEU A 336 27.67 -8.54 -1.89
N LEU A 337 28.03 -9.05 -3.07
CA LEU A 337 27.27 -8.76 -4.28
C LEU A 337 25.81 -9.17 -4.15
N THR A 338 25.51 -10.13 -3.29
CA THR A 338 24.11 -10.48 -3.04
C THR A 338 23.39 -9.33 -2.34
N TRP A 339 23.97 -8.80 -1.26
CA TRP A 339 23.27 -7.83 -0.43
C TRP A 339 22.90 -6.59 -1.24
N LYS A 340 23.86 -6.06 -2.00
CA LYS A 340 23.57 -4.90 -2.85
C LYS A 340 22.43 -5.20 -3.81
N GLN A 341 22.43 -6.41 -4.39
CA GLN A 341 21.33 -6.79 -5.28
C GLN A 341 20.00 -6.72 -4.55
N VAL A 342 19.96 -7.17 -3.30
CA VAL A 342 18.73 -7.11 -2.52
C VAL A 342 18.23 -5.68 -2.42
N LEU A 343 19.17 -4.73 -2.29
CA LEU A 343 18.78 -3.33 -2.32
C LEU A 343 18.24 -2.94 -3.69
N ALA A 344 18.97 -3.30 -4.75
CA ALA A 344 18.61 -2.85 -6.09
C ALA A 344 17.23 -3.36 -6.48
N GLU A 345 16.98 -4.66 -6.25
CA GLU A 345 15.68 -5.23 -6.58
C GLU A 345 14.55 -4.56 -5.82
N LEU A 346 14.85 -3.92 -4.69
CA LEU A 346 13.81 -3.15 -4.01
C LEU A 346 13.48 -1.87 -4.77
N GLN A 347 14.51 -1.16 -5.23
CA GLN A 347 14.26 0.10 -5.93
C GLN A 347 13.53 -0.12 -7.25
N ASP A 348 13.79 -1.25 -7.91
CA ASP A 348 13.07 -1.55 -9.15
C ASP A 348 11.58 -1.74 -8.90
N ILE A 349 11.17 -1.90 -7.64
CA ILE A 349 9.74 -1.94 -7.33
C ILE A 349 9.13 -0.56 -7.48
N GLU A 350 9.86 0.49 -7.08
CA GLU A 350 9.26 1.81 -7.01
C GLU A 350 8.97 2.40 -8.38
N ASN A 351 9.77 2.06 -9.39
CA ASN A 351 9.55 2.58 -10.73
C ASN A 351 8.74 1.64 -11.62
N GLU A 352 8.31 0.49 -11.09
CA GLU A 352 7.51 -0.44 -11.86
C GLU A 352 6.13 0.14 -12.15
N GLU A 353 5.63 -0.11 -13.36
CA GLU A 353 4.33 0.44 -13.74
C GLU A 353 3.19 -0.22 -12.97
N LYS A 354 3.34 -1.48 -12.59
CA LYS A 354 2.34 -2.20 -11.81
C LYS A 354 3.01 -2.80 -10.58
N ILE A 355 2.53 -2.45 -9.40
CA ILE A 355 3.13 -2.90 -8.15
C ILE A 355 2.84 -4.40 -7.98
N PRO A 356 3.86 -5.23 -7.84
CA PRO A 356 3.64 -6.67 -7.70
C PRO A 356 3.45 -7.09 -6.24
N ARG A 357 2.88 -8.27 -6.08
CA ARG A 357 2.67 -8.83 -4.74
C ARG A 357 3.96 -9.43 -4.19
N THR A 358 4.54 -10.38 -4.91
CA THR A 358 5.78 -11.03 -4.51
C THR A 358 6.87 -10.71 -5.52
N LYS A 359 8.11 -10.65 -5.03
CA LYS A 359 9.26 -10.31 -5.85
C LYS A 359 10.15 -11.54 -6.01
N ASN A 360 10.50 -11.84 -7.26
CA ASN A 360 11.39 -12.95 -7.58
C ASN A 360 12.74 -12.38 -8.01
N MET A 361 13.81 -12.78 -7.31
CA MET A 361 15.13 -12.29 -7.63
C MET A 361 15.65 -12.91 -8.92
N LYS A 362 16.39 -12.11 -9.68
CA LYS A 362 17.01 -12.60 -10.91
C LYS A 362 18.18 -13.51 -10.58
N LYS A 363 18.29 -14.61 -11.33
CA LYS A 363 19.31 -15.61 -11.07
C LYS A 363 20.65 -15.11 -11.58
N THR A 364 21.34 -14.36 -10.73
CA THR A 364 22.65 -13.82 -11.07
C THR A 364 23.74 -14.84 -10.79
N SER A 365 24.99 -14.47 -11.08
CA SER A 365 26.12 -15.38 -10.86
C SER A 365 26.31 -15.67 -9.38
N GLN A 366 26.22 -14.66 -8.52
CA GLN A 366 26.45 -14.87 -7.10
C GLN A 366 25.33 -15.66 -6.46
N LEU A 367 24.09 -15.47 -6.92
CA LEU A 367 22.97 -16.24 -6.37
C LEU A 367 23.02 -17.70 -6.79
N LYS A 368 23.64 -18.01 -7.92
CA LYS A 368 23.75 -19.40 -8.36
C LYS A 368 24.75 -20.20 -7.53
N TRP A 369 25.78 -19.55 -6.99
CA TRP A 369 26.75 -20.24 -6.16
C TRP A 369 26.30 -20.36 -4.71
N ALA A 370 25.69 -19.30 -4.17
CA ALA A 370 25.25 -19.30 -2.78
C ALA A 370 24.02 -20.16 -2.53
N LEU A 371 23.29 -20.53 -3.57
CA LEU A 371 22.09 -21.35 -3.44
C LEU A 371 22.32 -22.78 -3.89
N GLY A 372 23.57 -23.15 -4.18
CA GLY A 372 23.89 -24.53 -4.52
C GLY A 372 23.25 -25.04 -5.79
N GLU A 373 23.27 -24.24 -6.84
CA GLU A 373 22.72 -24.66 -8.12
C GLU A 373 23.77 -25.40 -8.94
N ASN A 374 23.34 -26.48 -9.59
CA ASN A 374 24.22 -27.32 -10.42
C ASN A 374 25.39 -27.86 -9.60
N MET A 375 25.11 -28.30 -8.38
CA MET A 375 26.13 -28.87 -7.51
C MET A 375 26.02 -30.37 -7.35
N ALA A 376 24.83 -30.94 -7.53
CA ALA A 376 24.67 -32.38 -7.39
C ALA A 376 25.30 -33.10 -8.59
N PRO A 377 25.89 -34.26 -8.38
CA PRO A 377 26.44 -35.03 -9.51
C PRO A 377 25.33 -35.52 -10.42
N GLU A 378 25.68 -35.69 -11.70
CA GLU A 378 24.72 -36.19 -12.68
C GLU A 378 24.37 -37.64 -12.40
N LYS A 379 23.10 -37.98 -12.57
CA LYS A 379 22.62 -39.34 -12.35
C LYS A 379 22.84 -40.15 -13.62
N VAL A 380 23.68 -41.17 -13.52
CA VAL A 380 24.01 -42.04 -14.66
C VAL A 380 23.83 -43.49 -14.22
N ASP A 381 23.57 -44.36 -15.19
CA ASP A 381 23.38 -45.77 -14.91
C ASP A 381 24.70 -46.43 -14.52
N PHE A 382 24.60 -47.51 -13.74
CA PHE A 382 25.78 -48.21 -13.28
C PHE A 382 26.53 -48.88 -14.42
N GLU A 383 25.83 -49.25 -15.49
CA GLU A 383 26.48 -49.94 -16.60
C GLU A 383 27.50 -49.04 -17.29
N ASP A 384 27.21 -47.75 -17.43
CA ASP A 384 28.10 -46.84 -18.13
C ASP A 384 29.26 -46.34 -17.28
N CYS A 385 29.29 -46.67 -15.99
CA CYS A 385 30.36 -46.25 -15.10
C CYS A 385 30.82 -47.42 -14.24
N LYS A 386 30.84 -48.62 -14.82
CA LYS A 386 31.28 -49.79 -14.07
C LYS A 386 32.77 -49.70 -13.76
N ASP A 387 33.59 -49.31 -14.73
CA ASP A 387 35.04 -49.24 -14.57
C ASP A 387 35.45 -47.80 -14.35
N VAL A 388 35.35 -47.36 -13.09
CA VAL A 388 35.82 -46.05 -12.65
C VAL A 388 36.74 -46.26 -11.46
N ASN A 389 37.89 -45.59 -11.49
CA ASN A 389 38.90 -45.82 -10.46
C ASN A 389 38.52 -45.25 -9.10
N ASP A 390 37.55 -44.34 -9.04
CA ASP A 390 37.19 -43.69 -7.79
C ASP A 390 35.68 -43.72 -7.56
N LEU A 391 35.00 -44.74 -8.07
CA LEU A 391 33.56 -44.88 -7.89
C LEU A 391 33.32 -45.66 -6.60
N LYS A 392 32.92 -44.95 -5.55
CA LYS A 392 32.64 -45.55 -4.25
C LYS A 392 31.32 -45.02 -3.72
N GLN A 393 30.84 -45.66 -2.65
CA GLN A 393 29.60 -45.23 -2.01
C GLN A 393 29.84 -43.97 -1.18
N TYR A 394 28.74 -43.35 -0.75
CA TYR A 394 28.83 -42.14 0.05
C TYR A 394 29.53 -42.41 1.37
N ASP A 395 30.31 -41.43 1.83
CA ASP A 395 31.09 -41.58 3.05
C ASP A 395 30.17 -41.40 4.25
N SER A 396 29.91 -42.50 4.96
CA SER A 396 29.05 -42.49 6.14
C SER A 396 29.93 -42.37 7.38
N ASP A 397 30.44 -41.16 7.60
CA ASP A 397 31.35 -40.88 8.70
C ASP A 397 30.59 -40.30 9.89
N GLU A 398 31.18 -40.46 11.08
CA GLU A 398 30.60 -39.92 12.29
C GLU A 398 30.82 -38.41 12.36
N PRO A 399 29.90 -37.68 13.00
CA PRO A 399 30.09 -36.24 13.15
C PRO A 399 31.34 -35.92 13.98
N GLU A 400 31.98 -34.81 13.64
CA GLU A 400 33.19 -34.41 14.34
C GLU A 400 32.85 -33.95 15.75
N PRO A 401 33.65 -34.35 16.75
CA PRO A 401 33.38 -33.91 18.11
C PRO A 401 33.61 -32.41 18.28
N ARG A 402 32.85 -31.81 19.20
CA ARG A 402 32.94 -30.40 19.48
C ARG A 402 32.93 -30.18 20.99
N SER A 403 33.52 -29.08 21.42
CA SER A 403 33.61 -28.73 22.83
C SER A 403 32.58 -27.65 23.17
N LEU A 404 32.04 -27.72 24.37
CA LEU A 404 31.00 -26.79 24.79
C LEU A 404 31.57 -25.38 24.94
N ALA A 405 30.79 -24.41 24.49
CA ALA A 405 31.14 -23.00 24.57
C ALA A 405 30.18 -22.27 25.51
N CYS A 406 30.55 -21.05 25.88
CA CYS A 406 29.83 -20.29 26.88
C CYS A 406 28.71 -19.43 26.31
N TRP A 407 28.59 -19.31 24.99
CA TRP A 407 27.57 -18.42 24.43
C TRP A 407 26.17 -19.02 24.54
N ILE A 408 26.05 -20.34 24.58
CA ILE A 408 24.73 -20.97 24.66
C ILE A 408 24.08 -20.68 26.00
N GLN A 409 24.88 -20.65 27.07
CA GLN A 409 24.34 -20.30 28.39
C GLN A 409 23.80 -18.88 28.40
N SER A 410 24.53 -17.94 27.79
CA SER A 410 24.05 -16.57 27.71
C SER A 410 22.79 -16.48 26.86
N GLU A 411 22.73 -17.25 25.77
CA GLU A 411 21.53 -17.28 24.94
C GLU A 411 20.32 -17.74 25.75
N PHE A 412 20.49 -18.82 26.52
CA PHE A 412 19.38 -19.31 27.34
C PHE A 412 19.01 -18.30 28.42
N ASN A 413 20.00 -17.65 29.03
CA ASN A 413 19.71 -16.66 30.05
C ASN A 413 18.91 -15.49 29.49
N LYS A 414 19.28 -15.01 28.30
CA LYS A 414 18.52 -13.94 27.67
C LYS A 414 17.18 -14.41 27.13
N ALA A 415 17.01 -15.71 26.92
CA ALA A 415 15.73 -16.21 26.42
C ALA A 415 14.64 -16.17 27.49
N CYS A 416 15.01 -16.25 28.76
CA CYS A 416 14.04 -16.28 29.84
C CYS A 416 13.61 -14.89 30.33
N GLU A 417 14.26 -13.83 29.86
CA GLU A 417 13.95 -12.50 30.34
C GLU A 417 12.63 -12.00 29.76
N LEU A 418 12.06 -11.00 30.41
CA LEU A 418 10.80 -10.40 29.99
C LEU A 418 11.05 -9.27 28.99
N THR A 419 10.08 -9.06 28.11
CA THR A 419 10.12 -8.01 27.12
C THR A 419 9.11 -6.92 27.46
N ASP A 420 9.14 -5.84 26.69
CA ASP A 420 8.23 -4.72 26.88
C ASP A 420 6.98 -4.79 26.01
N SER A 421 6.80 -5.87 25.25
CA SER A 421 5.66 -6.02 24.36
C SER A 421 4.95 -7.34 24.62
N SER A 422 3.73 -7.43 24.11
CA SER A 422 2.92 -8.65 24.20
C SER A 422 3.00 -9.40 22.88
N TRP A 423 3.40 -10.67 22.94
CA TRP A 423 3.66 -11.46 21.75
C TRP A 423 2.59 -12.49 21.45
N VAL A 424 1.72 -12.81 22.39
CA VAL A 424 0.68 -13.83 22.21
C VAL A 424 -0.66 -13.23 22.60
N GLU A 425 -1.66 -13.44 21.74
CA GLU A 425 -3.03 -13.03 22.01
C GLU A 425 -3.93 -14.25 21.83
N LEU A 426 -4.81 -14.49 22.80
CA LEU A 426 -5.67 -15.66 22.80
C LEU A 426 -7.14 -15.22 22.76
N ASP A 427 -7.97 -16.11 22.24
CA ASP A 427 -9.40 -15.83 22.08
C ASP A 427 -10.13 -16.09 23.41
N GLU A 428 -11.45 -16.08 23.36
CA GLU A 428 -12.28 -16.30 24.52
C GLU A 428 -12.92 -17.67 24.47
N ILE A 429 -13.39 -18.12 25.65
CA ILE A 429 -14.09 -19.39 25.79
C ILE A 429 -15.36 -19.14 26.59
N GLY A 430 -16.09 -20.22 26.86
CA GLY A 430 -17.34 -20.12 27.57
C GLY A 430 -17.16 -19.77 29.03
N GLU A 431 -18.28 -19.44 29.66
CA GLU A 431 -18.27 -19.08 31.08
C GLU A 431 -17.92 -20.29 31.94
N ASP A 432 -17.37 -20.01 33.11
CA ASP A 432 -16.99 -21.06 34.06
C ASP A 432 -18.18 -21.40 34.94
N VAL A 433 -18.53 -22.68 35.00
CA VAL A 433 -19.65 -23.17 35.81
C VAL A 433 -19.16 -24.14 36.87
N ALA A 434 -18.55 -25.25 36.46
CA ALA A 434 -18.05 -26.22 37.41
C ALA A 434 -16.83 -25.66 38.14
N PRO A 435 -16.62 -26.08 39.41
CA PRO A 435 -15.42 -25.62 40.13
C PRO A 435 -14.12 -26.02 39.44
N ILE A 436 -14.08 -27.18 38.79
CA ILE A 436 -12.89 -27.57 38.04
C ILE A 436 -12.63 -26.58 36.92
N GLU A 437 -13.69 -26.08 36.28
CA GLU A 437 -13.52 -25.05 35.26
C GLU A 437 -12.95 -23.77 35.86
N HIS A 438 -13.41 -23.40 37.05
CA HIS A 438 -12.88 -22.21 37.71
C HIS A 438 -11.39 -22.37 38.00
N ILE A 439 -10.99 -23.53 38.52
CA ILE A 439 -9.58 -23.77 38.82
C ILE A 439 -8.75 -23.75 37.55
N ALA A 440 -9.24 -24.39 36.49
CA ALA A 440 -8.52 -24.40 35.22
C ALA A 440 -8.37 -23.00 34.66
N SER A 441 -9.43 -22.20 34.72
CA SER A 441 -9.37 -20.82 34.22
C SER A 441 -8.38 -20.00 35.04
N MET A 442 -8.38 -20.18 36.36
CA MET A 442 -7.43 -19.45 37.20
C MET A 442 -5.99 -19.81 36.84
N ARG A 443 -5.71 -21.11 36.70
CA ARG A 443 -4.37 -21.55 36.34
C ARG A 443 -3.96 -21.00 34.98
N ARG A 444 -4.85 -21.12 33.99
CA ARG A 444 -4.52 -20.67 32.64
C ARG A 444 -4.28 -19.16 32.61
N ASN A 445 -5.11 -18.39 33.30
CA ASN A 445 -4.95 -16.94 33.31
C ASN A 445 -3.66 -16.54 34.02
N TYR A 446 -3.37 -17.15 35.17
CA TYR A 446 -2.16 -16.81 35.90
C TYR A 446 -0.91 -17.25 35.17
N PHE A 447 -1.01 -18.27 34.31
CA PHE A 447 0.13 -18.65 33.48
C PHE A 447 0.31 -17.70 32.30
N THR A 448 -0.79 -17.39 31.61
CA THR A 448 -0.70 -16.57 30.41
C THR A 448 -0.30 -15.14 30.73
N ALA A 449 -0.87 -14.56 31.80
CA ALA A 449 -0.57 -13.17 32.13
C ALA A 449 0.91 -12.99 32.47
N GLU A 450 1.56 -14.02 32.99
CA GLU A 450 2.98 -13.94 33.32
C GLU A 450 3.88 -14.33 32.15
N VAL A 451 3.42 -15.25 31.29
CA VAL A 451 4.27 -15.78 30.23
C VAL A 451 4.10 -15.05 28.91
N SER A 452 3.16 -14.10 28.83
CA SER A 452 2.88 -13.46 27.55
C SER A 452 4.02 -12.56 27.09
N HIS A 453 4.79 -11.99 28.01
CA HIS A 453 5.83 -11.02 27.68
C HIS A 453 7.22 -11.64 27.62
N CYS A 454 7.32 -12.97 27.68
CA CYS A 454 8.64 -13.61 27.61
C CYS A 454 9.17 -13.59 26.18
N ARG A 455 10.50 -13.53 26.07
CA ARG A 455 11.14 -13.51 24.76
C ARG A 455 10.95 -14.82 24.00
N ALA A 456 10.75 -15.93 24.71
CA ALA A 456 10.50 -17.21 24.04
C ALA A 456 9.24 -17.16 23.20
N THR A 457 8.24 -16.38 23.63
CA THR A 457 7.05 -16.19 22.80
C THR A 457 7.39 -15.47 21.52
N GLU A 458 8.26 -14.46 21.59
CA GLU A 458 8.72 -13.78 20.39
C GLU A 458 9.45 -14.75 19.45
N TYR A 459 10.29 -15.60 20.02
CA TYR A 459 10.98 -16.61 19.20
C TYR A 459 9.98 -17.55 18.54
N ILE A 460 8.95 -17.96 19.29
CA ILE A 460 7.93 -18.85 18.74
C ILE A 460 7.23 -18.21 17.56
N MET A 461 6.79 -16.95 17.74
CA MET A 461 6.08 -16.27 16.66
C MET A 461 6.97 -16.07 15.45
N LYS A 462 8.23 -15.66 15.67
CA LYS A 462 9.16 -15.46 14.57
C LYS A 462 9.40 -16.74 13.79
N GLY A 463 9.65 -17.85 14.51
CA GLY A 463 9.88 -19.11 13.84
C GLY A 463 8.66 -19.60 13.09
N VAL A 464 7.47 -19.45 13.68
CA VAL A 464 6.24 -19.89 13.02
C VAL A 464 6.03 -19.11 11.73
N TYR A 465 6.19 -17.78 11.79
CA TYR A 465 6.00 -16.97 10.59
C TYR A 465 7.02 -17.33 9.52
N ILE A 466 8.29 -17.47 9.90
CA ILE A 466 9.34 -17.75 8.92
C ILE A 466 9.09 -19.10 8.26
N ASN A 467 8.78 -20.12 9.06
CA ASN A 467 8.54 -21.44 8.50
C ASN A 467 7.31 -21.46 7.60
N THR A 468 6.23 -20.79 8.01
CA THR A 468 5.04 -20.76 7.18
C THR A 468 5.30 -20.07 5.85
N ALA A 469 5.98 -18.92 5.88
CA ALA A 469 6.29 -18.22 4.64
C ALA A 469 7.19 -19.05 3.74
N LEU A 470 8.20 -19.70 4.32
CA LEU A 470 9.12 -20.51 3.52
C LEU A 470 8.39 -21.69 2.88
N LEU A 471 7.53 -22.36 3.65
CA LEU A 471 6.78 -23.49 3.11
C LEU A 471 5.84 -23.05 1.99
N ASN A 472 5.15 -21.93 2.18
CA ASN A 472 4.25 -21.43 1.14
C ASN A 472 5.03 -21.07 -0.12
N ALA A 473 6.19 -20.41 0.03
CA ALA A 473 6.98 -20.05 -1.13
C ALA A 473 7.51 -21.30 -1.85
N SER A 474 7.93 -22.30 -1.09
CA SER A 474 8.41 -23.54 -1.71
C SER A 474 7.30 -24.23 -2.47
N CYS A 475 6.08 -24.27 -1.90
CA CYS A 475 4.96 -24.89 -2.59
C CYS A 475 4.59 -24.12 -3.85
N ALA A 476 4.60 -22.78 -3.79
CA ALA A 476 4.13 -21.99 -4.92
C ALA A 476 5.20 -21.82 -5.99
N ALA A 477 6.33 -21.21 -5.63
CA ALA A 477 7.38 -20.88 -6.59
C ALA A 477 8.46 -21.96 -6.52
N MET A 478 8.30 -23.00 -7.32
CA MET A 478 9.27 -24.09 -7.34
C MET A 478 10.55 -23.72 -8.10
N ASP A 479 10.46 -22.82 -9.07
CA ASP A 479 11.60 -22.47 -9.92
C ASP A 479 11.91 -20.98 -9.88
N ASP A 480 11.73 -20.34 -8.73
CA ASP A 480 11.98 -18.92 -8.59
C ASP A 480 12.85 -18.66 -7.36
N PHE A 481 13.66 -17.60 -7.45
CA PHE A 481 14.50 -17.16 -6.34
C PHE A 481 13.74 -16.10 -5.53
N GLN A 482 12.65 -16.56 -4.93
CA GLN A 482 11.76 -15.65 -4.21
C GLN A 482 12.44 -15.04 -3.00
N LEU A 483 12.15 -13.77 -2.74
CA LEU A 483 12.69 -13.04 -1.60
C LEU A 483 11.62 -12.97 -0.51
N ILE A 484 11.97 -13.45 0.69
CA ILE A 484 11.04 -13.53 1.81
C ILE A 484 11.62 -12.74 2.97
N PRO A 485 10.93 -11.73 3.47
CA PRO A 485 11.41 -11.01 4.65
C PRO A 485 10.89 -11.60 5.96
N MET A 486 11.69 -11.43 7.00
CA MET A 486 11.32 -11.87 8.35
C MET A 486 10.54 -10.76 9.03
N ILE A 487 9.25 -11.02 9.30
CA ILE A 487 8.35 -10.01 9.84
C ILE A 487 7.61 -10.60 11.04
N SER A 488 7.55 -9.84 12.13
CA SER A 488 6.80 -10.23 13.31
C SER A 488 5.84 -9.11 13.70
N LYS A 489 4.77 -9.47 14.39
CA LYS A 489 3.76 -8.52 14.83
C LYS A 489 3.58 -8.65 16.35
N CYS A 490 3.46 -7.50 17.01
CA CYS A 490 3.26 -7.48 18.45
C CYS A 490 2.33 -6.34 18.83
N ARG A 491 1.97 -6.28 20.10
CA ARG A 491 1.10 -5.25 20.63
C ARG A 491 1.85 -4.42 21.66
N THR A 492 1.78 -3.10 21.52
CA THR A 492 2.44 -2.21 22.45
C THR A 492 1.68 -2.14 23.78
N LYS A 493 2.34 -1.55 24.78
CA LYS A 493 1.69 -1.36 26.07
C LYS A 493 0.50 -0.43 25.96
N GLU A 494 0.63 0.62 25.14
CA GLU A 494 -0.48 1.55 24.93
C GLU A 494 -1.67 0.88 24.26
N GLY A 495 -1.43 -0.15 23.45
CA GLY A 495 -2.51 -0.87 22.81
C GLY A 495 -2.56 -0.68 21.30
N ARG A 496 -1.39 -0.52 20.68
CA ARG A 496 -1.30 -0.32 19.24
C ARG A 496 -0.44 -1.41 18.62
N ARG A 497 -0.76 -1.78 17.38
CA ARG A 497 -0.01 -2.79 16.67
C ARG A 497 1.40 -2.29 16.36
N LYS A 498 2.33 -3.23 16.25
CA LYS A 498 3.72 -2.93 15.94
C LYS A 498 4.26 -4.02 15.03
N THR A 499 4.82 -3.62 13.90
CA THR A 499 5.38 -4.55 12.91
C THR A 499 6.89 -4.40 12.91
N ASN A 500 7.60 -5.50 13.13
CA ASN A 500 9.04 -5.51 13.21
C ASN A 500 9.62 -6.35 12.07
N LEU A 501 10.69 -5.84 11.46
CA LEU A 501 11.40 -6.53 10.39
C LEU A 501 12.78 -6.91 10.89
N TYR A 502 13.16 -8.17 10.65
CA TYR A 502 14.45 -8.69 11.08
C TYR A 502 15.47 -8.85 9.96
N GLY A 503 15.03 -9.18 8.76
CA GLY A 503 15.97 -9.39 7.67
C GLY A 503 15.26 -9.97 6.45
N PHE A 504 16.04 -10.63 5.61
CA PHE A 504 15.54 -11.17 4.36
C PHE A 504 16.06 -12.60 4.15
N ILE A 505 15.28 -13.36 3.38
CA ILE A 505 15.63 -14.73 3.00
C ILE A 505 15.41 -14.88 1.50
N ILE A 506 16.43 -15.39 0.81
CA ILE A 506 16.35 -15.70 -0.60
C ILE A 506 16.32 -17.22 -0.75
N LYS A 507 15.26 -17.74 -1.35
CA LYS A 507 15.01 -19.17 -1.42
C LYS A 507 15.32 -19.67 -2.83
N GLY A 508 16.02 -20.80 -2.92
CA GLY A 508 16.38 -21.38 -4.20
C GLY A 508 15.27 -22.18 -4.84
N ARG A 509 15.60 -23.33 -5.41
CA ARG A 509 14.62 -24.20 -6.04
C ARG A 509 14.02 -25.16 -5.01
N SER A 510 12.76 -25.51 -5.23
CA SER A 510 11.99 -26.34 -4.30
C SER A 510 11.41 -27.55 -5.00
N HIS A 511 12.23 -28.23 -5.80
CA HIS A 511 11.82 -29.48 -6.44
C HIS A 511 12.00 -30.61 -5.43
N LEU A 512 11.04 -30.76 -4.54
CA LEU A 512 11.11 -31.72 -3.44
C LEU A 512 10.18 -32.89 -3.73
N ARG A 513 10.73 -34.10 -3.65
CA ARG A 513 9.98 -35.33 -3.85
C ARG A 513 9.66 -36.03 -2.54
N ASN A 514 10.67 -36.28 -1.71
CA ASN A 514 10.48 -36.91 -0.41
C ASN A 514 10.32 -35.85 0.66
N ASP A 515 10.23 -36.30 1.91
CA ASP A 515 10.12 -35.40 3.05
C ASP A 515 11.47 -35.01 3.64
N THR A 516 12.57 -35.54 3.09
CA THR A 516 13.91 -35.23 3.58
C THR A 516 14.73 -34.44 2.58
N ASP A 517 14.15 -34.01 1.46
CA ASP A 517 14.88 -33.19 0.50
C ASP A 517 15.19 -31.82 1.11
N VAL A 518 16.32 -31.26 0.70
CA VAL A 518 16.88 -30.05 1.32
C VAL A 518 16.70 -28.88 0.36
N VAL A 519 16.08 -27.81 0.86
CA VAL A 519 16.02 -26.54 0.18
C VAL A 519 17.09 -25.63 0.76
N ASN A 520 17.92 -25.06 -0.10
CA ASN A 520 18.97 -24.13 0.31
C ASN A 520 18.46 -22.70 0.18
N PHE A 521 18.78 -21.87 1.17
CA PHE A 521 18.42 -20.46 1.14
C PHE A 521 19.55 -19.63 1.74
N VAL A 522 19.50 -18.34 1.46
CA VAL A 522 20.48 -17.38 1.95
C VAL A 522 19.75 -16.42 2.88
N SER A 523 20.21 -16.33 4.12
CA SER A 523 19.57 -15.52 5.14
C SER A 523 20.47 -14.35 5.51
N MET A 524 19.92 -13.14 5.46
CA MET A 524 20.60 -11.93 5.92
C MET A 524 19.78 -11.32 7.05
N GLU A 525 20.44 -11.07 8.17
CA GLU A 525 19.75 -10.57 9.36
C GLU A 525 20.49 -9.39 9.96
N PHE A 526 19.74 -8.38 10.38
CA PHE A 526 20.31 -7.23 11.05
C PHE A 526 20.74 -7.59 12.47
N SER A 527 21.79 -6.93 12.94
CA SER A 527 22.26 -7.16 14.30
C SER A 527 23.09 -5.96 14.75
N LEU A 528 23.24 -5.84 16.06
CA LEU A 528 24.08 -4.81 16.67
C LEU A 528 25.25 -5.39 17.46
N THR A 529 25.59 -6.66 17.23
CA THR A 529 26.64 -7.34 17.97
C THR A 529 27.88 -7.46 17.09
N ASP A 530 29.02 -7.05 17.62
CA ASP A 530 30.28 -7.17 16.89
C ASP A 530 30.67 -8.64 16.79
N PRO A 531 30.86 -9.18 15.59
CA PRO A 531 31.21 -10.61 15.49
C PRO A 531 32.60 -10.94 15.98
N ARG A 532 33.48 -9.96 16.14
CA ARG A 532 34.86 -10.22 16.55
C ARG A 532 34.99 -10.54 18.04
N LEU A 533 33.92 -10.33 18.83
CA LEU A 533 33.99 -10.68 20.24
C LEU A 533 33.99 -12.18 20.43
N GLU A 534 33.15 -12.90 19.69
CA GLU A 534 33.05 -14.36 19.78
C GLU A 534 33.15 -14.94 18.38
N PRO A 535 34.36 -14.95 17.80
CA PRO A 535 34.51 -15.43 16.42
C PRO A 535 34.10 -16.89 16.22
N HIS A 536 34.33 -17.74 17.22
CA HIS A 536 34.03 -19.16 17.06
C HIS A 536 32.53 -19.43 16.98
N LYS A 537 31.69 -18.51 17.47
CA LYS A 537 30.25 -18.70 17.38
C LYS A 537 29.75 -18.50 15.96
N TRP A 538 30.42 -17.66 15.17
CA TRP A 538 30.01 -17.29 13.82
C TRP A 538 30.85 -17.98 12.76
N GLU A 539 31.19 -19.25 12.97
CA GLU A 539 32.05 -19.95 12.02
C GLU A 539 31.44 -20.02 10.63
N LYS A 540 30.13 -20.31 10.55
CA LYS A 540 29.44 -20.46 9.28
C LYS A 540 28.72 -19.18 8.86
N TYR A 541 29.19 -18.02 9.33
CA TYR A 541 28.58 -16.74 9.03
C TYR A 541 29.58 -15.81 8.36
N CYS A 542 29.08 -15.00 7.42
CA CYS A 542 29.83 -13.90 6.84
C CYS A 542 29.15 -12.61 7.27
N VAL A 543 29.88 -11.71 7.92
CA VAL A 543 29.32 -10.53 8.56
C VAL A 543 29.86 -9.29 7.84
N LEU A 544 28.96 -8.40 7.45
CA LEU A 544 29.29 -7.12 6.85
C LEU A 544 28.94 -6.01 7.84
N GLU A 545 29.29 -4.77 7.47
CA GLU A 545 28.94 -3.59 8.23
C GLU A 545 28.11 -2.69 7.31
N ILE A 546 26.83 -2.53 7.63
CA ILE A 546 25.89 -1.93 6.70
C ILE A 546 25.40 -0.55 7.14
N GLY A 547 25.50 -0.19 8.42
CA GLY A 547 24.99 1.11 8.79
C GLY A 547 25.52 1.59 10.13
N ASP A 548 24.94 2.70 10.58
CA ASP A 548 25.28 3.29 11.88
C ASP A 548 23.98 3.74 12.54
N MET A 549 23.46 2.92 13.44
CA MET A 549 22.24 3.27 14.15
C MET A 549 22.51 4.34 15.20
N LEU A 550 21.53 5.20 15.41
CA LEU A 550 21.58 6.27 16.39
C LEU A 550 20.66 5.90 17.55
N LEU A 551 21.24 5.56 18.70
CA LEU A 551 20.48 5.15 19.87
C LEU A 551 20.31 6.33 20.81
N ARG A 552 19.08 6.53 21.27
CA ARG A 552 18.74 7.57 22.24
C ARG A 552 18.41 6.89 23.56
N THR A 553 19.30 7.07 24.55
CA THR A 553 19.11 6.44 25.85
C THR A 553 19.23 7.48 26.97
N ALA A 554 19.27 7.02 28.21
CA ALA A 554 19.35 7.95 29.35
C ALA A 554 20.65 8.75 29.32
N VAL A 555 21.71 8.19 28.74
CA VAL A 555 22.98 8.91 28.63
C VAL A 555 22.99 9.89 27.46
N GLY A 556 21.98 9.85 26.60
CA GLY A 556 21.90 10.78 25.49
C GLY A 556 21.93 10.11 24.13
N GLN A 557 22.72 10.67 23.21
CA GLN A 557 22.82 10.17 21.85
C GLN A 557 24.11 9.37 21.69
N VAL A 558 24.00 8.16 21.14
CA VAL A 558 25.16 7.35 20.83
C VAL A 558 25.02 6.79 19.43
N SER A 559 26.15 6.51 18.80
CA SER A 559 26.19 5.94 17.46
C SER A 559 26.81 4.54 17.55
N ARG A 560 26.05 3.54 17.11
CA ARG A 560 26.51 2.17 17.16
C ARG A 560 26.48 1.56 15.76
N PRO A 561 27.59 1.01 15.27
CA PRO A 561 27.56 0.37 13.95
C PRO A 561 26.57 -0.79 13.92
N MET A 562 25.85 -0.90 12.80
CA MET A 562 24.89 -1.98 12.59
C MET A 562 25.43 -2.88 11.49
N PHE A 563 25.57 -4.16 11.82
CA PHE A 563 26.13 -5.17 10.94
C PHE A 563 25.03 -5.92 10.21
N LEU A 564 25.43 -6.92 9.42
CA LEU A 564 24.48 -7.76 8.72
C LEU A 564 25.07 -9.16 8.62
N TYR A 565 24.43 -10.12 9.29
CA TYR A 565 24.88 -11.51 9.29
C TYR A 565 24.26 -12.21 8.09
N VAL A 566 25.10 -12.63 7.15
CA VAL A 566 24.67 -13.31 5.93
C VAL A 566 25.23 -14.73 5.95
N ARG A 567 24.35 -15.70 5.71
CA ARG A 567 24.80 -17.09 5.74
C ARG A 567 23.93 -17.92 4.81
N THR A 568 24.45 -19.09 4.45
CA THR A 568 23.71 -20.07 3.66
C THR A 568 23.23 -21.19 4.58
N ASN A 569 21.95 -21.50 4.51
CA ASN A 569 21.35 -22.53 5.35
C ASN A 569 20.46 -23.42 4.50
N GLY A 570 19.98 -24.50 5.12
CA GLY A 570 19.11 -25.43 4.43
C GLY A 570 18.04 -25.96 5.37
N THR A 571 16.94 -26.41 4.77
CA THR A 571 15.82 -26.90 5.57
C THR A 571 15.07 -27.97 4.77
N SER A 572 14.33 -28.79 5.50
CA SER A 572 13.55 -29.86 4.91
C SER A 572 12.07 -29.62 5.14
N LYS A 573 11.24 -30.40 4.44
CA LYS A 573 9.79 -30.23 4.55
C LYS A 573 9.29 -30.57 5.96
N ILE A 574 9.81 -31.64 6.56
CA ILE A 574 9.37 -32.02 7.89
C ILE A 574 9.81 -30.98 8.91
N LYS A 575 11.03 -30.44 8.75
CA LYS A 575 11.49 -29.39 9.65
C LYS A 575 10.61 -28.14 9.55
N MET A 576 10.25 -27.76 8.33
CA MET A 576 9.36 -26.60 8.16
C MET A 576 7.99 -26.87 8.75
N LYS A 577 7.47 -28.08 8.56
CA LYS A 577 6.16 -28.43 9.11
C LYS A 577 6.17 -28.37 10.64
N TRP A 578 7.23 -28.89 11.26
CA TRP A 578 7.30 -28.86 12.72
C TRP A 578 7.66 -27.48 13.25
N GLY A 579 8.26 -26.62 12.42
CA GLY A 579 8.48 -25.24 12.83
C GLY A 579 7.22 -24.40 12.82
N MET A 580 6.22 -24.79 12.03
CA MET A 580 4.95 -24.09 12.02
C MET A 580 4.13 -24.38 13.27
N GLU A 581 4.48 -25.43 14.02
CA GLU A 581 3.73 -25.83 15.20
C GLU A 581 4.50 -25.54 16.47
N MET A 582 5.29 -24.46 16.47
CA MET A 582 6.03 -24.07 17.67
C MET A 582 5.13 -23.65 18.81
N ARG A 583 3.90 -23.20 18.50
CA ARG A 583 2.99 -22.77 19.55
C ARG A 583 2.67 -23.89 20.53
N ARG A 584 2.76 -25.15 20.08
CA ARG A 584 2.53 -26.27 20.98
C ARG A 584 3.49 -26.28 22.16
N CYS A 585 4.64 -25.61 22.02
CA CYS A 585 5.54 -25.46 23.16
C CYS A 585 4.81 -24.84 24.35
N LEU A 586 4.07 -23.76 24.09
CA LEU A 586 3.21 -23.19 25.12
C LEU A 586 2.31 -24.27 25.72
N LEU A 587 1.63 -25.02 24.86
CA LEU A 587 0.74 -26.08 25.34
C LEU A 587 1.49 -27.09 26.19
N GLN A 588 2.77 -27.32 25.91
CA GLN A 588 3.55 -28.22 26.74
C GLN A 588 3.92 -27.57 28.06
N SER A 589 4.29 -26.28 28.04
CA SER A 589 4.81 -25.63 29.24
C SER A 589 3.77 -25.65 30.36
N LEU A 590 2.53 -25.28 30.04
CA LEU A 590 1.46 -25.35 31.03
C LEU A 590 1.29 -26.79 31.53
N GLN A 591 1.40 -27.76 30.63
CA GLN A 591 1.32 -29.16 31.04
C GLN A 591 2.42 -29.51 32.02
N GLN A 592 3.58 -28.87 31.91
CA GLN A 592 4.67 -29.12 32.84
C GLN A 592 4.49 -28.41 34.17
N ILE A 593 3.50 -27.52 34.29
CA ILE A 593 3.30 -26.77 35.52
C ILE A 593 2.16 -27.37 36.33
N GLU A 594 0.97 -27.39 35.75
CA GLU A 594 -0.21 -27.84 36.49
C GLU A 594 -0.06 -29.29 36.94
N SER A 595 0.45 -30.16 36.06
CA SER A 595 0.69 -31.54 36.43
C SER A 595 1.63 -31.64 37.63
N MET A 596 2.60 -30.74 37.72
CA MET A 596 3.40 -30.65 38.94
C MET A 596 2.56 -30.19 40.12
N ILE A 597 1.81 -29.09 39.94
CA ILE A 597 1.01 -28.55 41.03
C ILE A 597 -0.05 -29.56 41.46
N GLU A 598 -0.71 -30.20 40.50
CA GLU A 598 -1.67 -31.25 40.82
C GLU A 598 -1.03 -32.35 41.64
N ALA A 599 0.25 -32.65 41.36
CA ALA A 599 0.96 -33.64 42.17
C ALA A 599 1.03 -33.20 43.62
N GLU A 600 1.36 -31.92 43.85
CA GLU A 600 1.36 -31.40 45.21
C GLU A 600 -0.02 -31.46 45.84
N SER A 601 -1.08 -31.49 45.03
CA SER A 601 -2.41 -31.69 45.59
C SER A 601 -2.60 -33.12 46.05
N SER A 602 -2.11 -34.09 45.28
CA SER A 602 -2.34 -35.50 45.61
C SER A 602 -1.70 -35.87 46.94
N VAL A 603 -0.50 -35.37 47.21
CA VAL A 603 0.16 -35.65 48.48
C VAL A 603 -0.50 -34.90 49.63
N LYS A 604 -1.32 -33.89 49.33
CA LYS A 604 -1.96 -33.09 50.36
C LYS A 604 -3.48 -33.19 50.37
N GLU A 605 -4.10 -33.77 49.35
CA GLU A 605 -5.55 -33.86 49.24
C GLU A 605 -6.20 -32.48 49.34
N LYS A 606 -5.56 -31.50 48.69
CA LYS A 606 -6.04 -30.12 48.70
C LYS A 606 -5.52 -29.40 47.48
N ASP A 607 -6.40 -28.68 46.79
CA ASP A 607 -6.01 -27.94 45.59
C ASP A 607 -5.07 -26.81 45.97
N LEU A 608 -3.79 -26.94 45.62
CA LEU A 608 -2.78 -25.94 45.94
C LEU A 608 -2.59 -24.93 44.82
N THR A 609 -3.60 -24.72 43.98
CA THR A 609 -3.49 -23.76 42.90
C THR A 609 -3.29 -22.35 43.44
N LYS A 610 -4.14 -21.92 44.37
CA LYS A 610 -4.03 -20.60 44.95
C LYS A 610 -2.93 -20.50 45.99
N GLU A 611 -2.38 -21.62 46.44
CA GLU A 611 -1.33 -21.63 47.46
C GLU A 611 0.07 -21.50 46.86
N PHE A 612 0.19 -21.45 45.54
CA PHE A 612 1.49 -21.34 44.88
C PHE A 612 1.63 -20.05 44.09
N PHE A 613 0.61 -19.68 43.31
CA PHE A 613 0.67 -18.42 42.57
C PHE A 613 0.60 -17.22 43.49
N GLU A 614 -0.14 -17.31 44.59
CA GLU A 614 -0.30 -16.19 45.51
C GLU A 614 0.85 -16.09 46.51
N ASN A 615 1.76 -17.06 46.55
CA ASN A 615 2.91 -17.02 47.45
C ASN A 615 3.87 -15.94 46.95
N LYS A 616 3.94 -14.83 47.67
CA LYS A 616 4.81 -13.71 47.29
C LYS A 616 6.20 -13.88 47.89
N SER A 617 6.84 -14.99 47.54
CA SER A 617 8.18 -15.29 48.02
C SER A 617 8.84 -16.26 47.06
N GLU A 618 10.14 -16.09 46.84
CA GLU A 618 10.90 -17.00 46.01
C GLU A 618 10.94 -18.38 46.66
N THR A 619 10.45 -19.39 45.94
CA THR A 619 10.18 -20.69 46.54
C THR A 619 10.88 -21.84 45.82
N TRP A 620 11.38 -21.64 44.61
CA TRP A 620 11.93 -22.76 43.86
C TRP A 620 13.37 -22.48 43.44
N PRO A 621 14.28 -23.45 43.62
CA PRO A 621 15.66 -23.26 43.16
C PRO A 621 15.74 -23.38 41.64
N ILE A 622 16.16 -22.31 40.98
CA ILE A 622 16.11 -22.28 39.52
C ILE A 622 17.42 -21.87 38.86
N GLY A 623 18.38 -21.26 39.57
CA GLY A 623 19.58 -20.76 38.95
C GLY A 623 20.83 -21.16 39.72
N GLU A 624 21.97 -20.77 39.15
CA GLU A 624 23.27 -21.01 39.74
C GLU A 624 24.06 -19.72 39.81
N SER A 625 24.70 -19.48 40.95
CA SER A 625 25.50 -18.28 41.17
C SER A 625 26.74 -18.68 41.94
N PRO A 626 27.84 -17.91 41.82
CA PRO A 626 29.02 -18.20 42.66
C PRO A 626 28.71 -18.18 44.14
N LYS A 627 27.77 -17.32 44.58
CA LYS A 627 27.36 -17.34 45.98
C LYS A 627 26.68 -18.66 46.34
N GLY A 628 25.84 -19.18 45.46
CA GLY A 628 25.16 -20.43 45.72
C GLY A 628 24.00 -20.62 44.75
N VAL A 629 23.10 -21.52 45.14
CA VAL A 629 21.93 -21.82 44.30
C VAL A 629 20.97 -20.64 44.34
N GLU A 630 20.51 -20.23 43.17
CA GLU A 630 19.62 -19.08 43.05
C GLU A 630 18.16 -19.51 43.21
N GLU A 631 17.40 -18.68 43.92
CA GLU A 631 16.00 -18.94 44.21
C GLU A 631 15.13 -18.05 43.34
N GLY A 632 13.94 -18.54 42.97
CA GLY A 632 13.03 -17.79 42.14
C GLY A 632 11.59 -18.14 42.45
N SER A 633 10.69 -17.33 41.92
CA SER A 633 9.26 -17.49 42.13
C SER A 633 8.66 -18.41 41.07
N ILE A 634 7.33 -18.53 41.07
CA ILE A 634 6.66 -19.41 40.12
C ILE A 634 6.78 -18.87 38.70
N GLY A 635 6.73 -17.55 38.53
CA GLY A 635 6.80 -16.98 37.21
C GLY A 635 8.13 -17.23 36.53
N LYS A 636 9.23 -17.12 37.29
CA LYS A 636 10.54 -17.43 36.72
C LYS A 636 10.62 -18.89 36.30
N VAL A 637 10.04 -19.79 37.09
CA VAL A 637 10.02 -21.20 36.74
C VAL A 637 9.23 -21.42 35.45
N CYS A 638 8.09 -20.76 35.31
CA CYS A 638 7.29 -20.89 34.10
C CYS A 638 8.06 -20.39 32.88
N ARG A 639 8.71 -19.23 33.02
CA ARG A 639 9.50 -18.70 31.90
C ARG A 639 10.65 -19.62 31.55
N THR A 640 11.31 -20.19 32.56
CA THR A 640 12.42 -21.11 32.29
C THR A 640 11.93 -22.36 31.57
N LEU A 641 10.79 -22.90 31.99
CA LEU A 641 10.25 -24.09 31.32
C LEU A 641 9.86 -23.77 29.87
N LEU A 642 9.26 -22.61 29.64
CA LEU A 642 8.91 -22.23 28.28
C LEU A 642 10.17 -22.07 27.42
N ALA A 643 11.20 -21.45 27.97
CA ALA A 643 12.45 -21.29 27.22
C ALA A 643 13.08 -22.64 26.92
N LYS A 644 13.03 -23.57 27.87
CA LYS A 644 13.57 -24.90 27.63
C LYS A 644 12.81 -25.61 26.51
N SER A 645 11.48 -25.50 26.53
CA SER A 645 10.68 -26.11 25.45
C SER A 645 11.00 -25.48 24.11
N VAL A 646 11.14 -24.15 24.07
CA VAL A 646 11.44 -23.46 22.82
C VAL A 646 12.79 -23.88 22.29
N PHE A 647 13.79 -23.99 23.16
CA PHE A 647 15.13 -24.40 22.72
C PHE A 647 15.14 -25.86 22.28
N ASN A 648 14.33 -26.71 22.93
CA ASN A 648 14.20 -28.08 22.46
C ASN A 648 13.61 -28.12 21.05
N SER A 649 12.60 -27.28 20.80
CA SER A 649 12.01 -27.22 19.47
C SER A 649 13.01 -26.70 18.43
N LEU A 650 13.77 -25.67 18.79
CA LEU A 650 14.67 -25.04 17.82
C LEU A 650 15.88 -25.92 17.52
N TYR A 651 16.45 -26.55 18.55
CA TYR A 651 17.67 -27.36 18.41
C TYR A 651 17.35 -28.85 18.43
N ALA A 652 16.24 -29.25 17.82
CA ALA A 652 15.86 -30.66 17.82
C ALA A 652 16.87 -31.47 17.02
N SER A 653 17.30 -32.60 17.59
CA SER A 653 18.26 -33.49 16.95
C SER A 653 18.14 -34.86 17.59
N PRO A 654 18.54 -35.93 16.88
CA PRO A 654 18.50 -37.25 17.50
C PRO A 654 19.38 -37.37 18.74
N GLN A 655 20.48 -36.61 18.79
CA GLN A 655 21.38 -36.68 19.95
C GLN A 655 20.66 -36.27 21.22
N LEU A 656 19.88 -35.19 21.17
CA LEU A 656 19.15 -34.73 22.34
C LEU A 656 18.13 -35.75 22.80
N GLU A 657 17.38 -36.33 21.85
CA GLU A 657 16.36 -37.31 22.20
C GLU A 657 16.99 -38.56 22.83
N GLY A 658 18.12 -39.01 22.29
CA GLY A 658 18.82 -40.12 22.91
C GLY A 658 19.34 -39.80 24.29
N PHE A 659 19.95 -38.62 24.44
CA PHE A 659 20.56 -38.25 25.72
C PHE A 659 19.51 -38.10 26.82
N SER A 660 18.37 -37.48 26.50
CA SER A 660 17.34 -37.28 27.52
C SER A 660 16.80 -38.62 28.00
N ALA A 661 16.53 -39.54 27.07
CA ALA A 661 16.02 -40.85 27.44
C ALA A 661 17.06 -41.62 28.25
N GLU A 662 18.34 -41.51 27.88
CA GLU A 662 19.38 -42.23 28.62
C GLU A 662 19.56 -41.66 30.02
N SER A 663 19.49 -40.34 30.16
CA SER A 663 19.72 -39.70 31.45
C SER A 663 18.50 -39.71 32.36
N ARG A 664 17.32 -40.02 31.83
CA ARG A 664 16.14 -40.14 32.69
C ARG A 664 16.33 -41.24 33.74
N LYS A 665 16.92 -42.37 33.33
CA LYS A 665 17.17 -43.45 34.28
C LYS A 665 18.16 -43.02 35.36
N LEU A 666 19.21 -42.29 34.98
CA LEU A 666 20.15 -41.80 35.97
C LEU A 666 19.49 -40.82 36.94
N LEU A 667 18.61 -39.96 36.42
CA LEU A 667 17.87 -39.05 37.28
C LEU A 667 17.00 -39.82 38.27
N LEU A 668 16.32 -40.87 37.78
CA LEU A 668 15.49 -41.69 38.66
C LEU A 668 16.34 -42.38 39.73
N ILE A 669 17.51 -42.87 39.35
CA ILE A 669 18.40 -43.51 40.32
C ILE A 669 18.85 -42.52 41.38
N VAL A 670 19.21 -41.31 40.97
CA VAL A 670 19.62 -40.29 41.92
C VAL A 670 18.48 -39.95 42.87
N GLN A 671 17.26 -39.82 42.33
CA GLN A 671 16.11 -39.53 43.18
C GLN A 671 15.86 -40.66 44.18
N ALA A 672 15.97 -41.92 43.73
CA ALA A 672 15.80 -43.04 44.64
C ALA A 672 16.86 -43.05 45.72
N LEU A 673 18.10 -42.71 45.36
CA LEU A 673 19.16 -42.61 46.37
C LEU A 673 18.85 -41.53 47.39
N ARG A 674 18.34 -40.38 46.93
CA ARG A 674 17.99 -39.31 47.86
C ARG A 674 16.82 -39.67 48.76
N ASP A 675 16.05 -40.70 48.41
CA ASP A 675 14.90 -41.12 49.20
C ASP A 675 15.24 -42.25 50.16
N ASN A 676 16.51 -42.61 50.29
CA ASN A 676 16.97 -43.67 51.18
C ASN A 676 16.27 -45.00 50.88
N LEU A 677 16.12 -45.31 49.60
CA LEU A 677 15.52 -46.56 49.15
C LEU A 677 16.55 -47.61 48.77
N GLU A 678 17.84 -47.34 49.01
CA GLU A 678 18.92 -48.26 48.71
C GLU A 678 18.90 -48.68 47.25
N PRO A 679 19.17 -47.77 46.31
CA PRO A 679 19.14 -48.14 44.89
C PRO A 679 20.27 -49.09 44.53
N GLY A 680 20.03 -49.89 43.51
CA GLY A 680 21.03 -50.82 43.02
C GLY A 680 21.04 -50.84 41.50
N THR A 681 22.23 -51.10 40.95
CA THR A 681 22.43 -51.13 39.51
C THR A 681 23.08 -52.43 39.10
N PHE A 682 22.79 -52.86 37.87
CA PHE A 682 23.39 -54.07 37.32
C PHE A 682 24.63 -53.77 36.49
N ASP A 683 24.58 -52.71 35.67
CA ASP A 683 25.71 -52.31 34.85
C ASP A 683 25.68 -50.79 34.72
N LEU A 684 26.43 -50.12 35.59
CA LEU A 684 26.50 -48.66 35.55
C LEU A 684 27.40 -48.18 34.43
N GLU A 685 28.47 -48.92 34.14
CA GLU A 685 29.39 -48.51 33.08
C GLU A 685 28.71 -48.50 31.72
N GLY A 686 27.87 -49.51 31.45
CA GLY A 686 27.15 -49.54 30.19
C GLY A 686 26.19 -48.37 30.05
N LEU A 687 25.46 -48.05 31.12
CA LEU A 687 24.56 -46.91 31.10
C LEU A 687 25.32 -45.61 30.87
N TYR A 688 26.47 -45.44 31.54
CA TYR A 688 27.26 -44.24 31.36
C TYR A 688 27.77 -44.14 29.92
N GLU A 689 28.22 -45.26 29.35
CA GLU A 689 28.69 -45.25 27.97
C GLU A 689 27.56 -44.90 27.01
N ALA A 690 26.36 -45.43 27.26
CA ALA A 690 25.22 -45.10 26.43
C ALA A 690 24.87 -43.62 26.53
N ILE A 691 24.96 -43.05 27.74
CA ILE A 691 24.67 -41.63 27.92
C ILE A 691 25.69 -40.79 27.18
N GLU A 692 26.98 -41.11 27.32
CA GLU A 692 28.04 -40.32 26.70
C GLU A 692 28.12 -40.51 25.19
N GLU A 693 27.42 -41.51 24.63
CA GLU A 693 27.48 -41.73 23.20
C GLU A 693 26.77 -40.64 22.41
N CYS A 694 25.75 -40.01 23.01
CA CYS A 694 24.95 -39.02 22.30
C CYS A 694 25.59 -37.63 22.30
N LEU A 695 26.63 -37.40 23.08
CA LEU A 695 27.28 -36.09 23.15
C LEU A 695 28.37 -36.04 22.10
N ILE A 696 28.08 -35.40 20.96
CA ILE A 696 29.07 -35.32 19.90
C ILE A 696 29.38 -33.87 19.55
N ASN A 697 28.40 -33.16 18.98
CA ASN A 697 28.65 -31.79 18.53
C ASN A 697 27.50 -30.81 18.79
N ASP A 698 26.38 -31.26 19.33
CA ASP A 698 25.22 -30.38 19.47
C ASP A 698 25.37 -29.51 20.71
N PRO A 699 25.41 -28.18 20.57
CA PRO A 699 25.59 -27.33 21.77
C PRO A 699 24.47 -27.47 22.80
N TRP A 700 23.23 -27.68 22.36
CA TRP A 700 22.13 -27.80 23.30
C TRP A 700 22.29 -29.04 24.19
N VAL A 701 22.68 -30.17 23.58
CA VAL A 701 22.89 -31.39 24.37
C VAL A 701 24.08 -31.23 25.30
N LEU A 702 25.13 -30.55 24.86
CA LEU A 702 26.27 -30.29 25.73
C LEU A 702 25.86 -29.44 26.92
N LEU A 703 25.04 -28.41 26.69
CA LEU A 703 24.56 -27.59 27.79
C LEU A 703 23.70 -28.40 28.75
N ASN A 704 22.85 -29.28 28.22
CA ASN A 704 22.04 -30.14 29.08
C ASN A 704 22.91 -31.07 29.91
N ALA A 705 23.97 -31.62 29.31
CA ALA A 705 24.89 -32.48 30.04
C ALA A 705 25.61 -31.71 31.14
N SER A 706 26.03 -30.48 30.85
CA SER A 706 26.64 -29.64 31.88
C SER A 706 25.67 -29.36 33.02
N TRP A 707 24.41 -29.10 32.67
CA TRP A 707 23.38 -28.90 33.70
C TRP A 707 23.23 -30.14 34.55
N PHE A 708 23.22 -31.32 33.92
CA PHE A 708 23.10 -32.57 34.68
C PHE A 708 24.30 -32.75 35.60
N ASN A 709 25.50 -32.44 35.12
CA ASN A 709 26.68 -32.56 35.97
C ASN A 709 26.60 -31.62 37.16
N SER A 710 26.15 -30.37 36.92
CA SER A 710 26.01 -29.43 38.03
C SER A 710 24.97 -29.90 39.04
N PHE A 711 23.84 -30.43 38.55
CA PHE A 711 22.82 -30.93 39.46
C PHE A 711 23.34 -32.13 40.26
N LEU A 712 24.09 -33.01 39.62
CA LEU A 712 24.67 -34.14 40.34
C LEU A 712 25.64 -33.68 41.41
N THR A 713 26.45 -32.67 41.09
CA THR A 713 27.37 -32.12 42.09
C THR A 713 26.62 -31.51 43.27
N HIS A 714 25.56 -30.76 42.99
CA HIS A 714 24.84 -30.04 44.04
C HIS A 714 23.82 -30.89 44.78
N ALA A 715 23.51 -32.09 44.29
CA ALA A 715 22.50 -32.93 44.91
C ALA A 715 23.05 -33.84 45.99
N LEU A 716 24.37 -33.88 46.18
CA LEU A 716 24.99 -34.71 47.20
C LEU A 716 25.80 -33.89 48.20
N ARG A 717 25.46 -32.61 48.36
CA ARG A 717 26.17 -31.75 49.29
C ARG A 717 25.27 -31.32 50.45
N MET B 1 23.94 -14.99 37.08
CA MET B 1 22.91 -15.97 37.40
C MET B 1 22.63 -16.87 36.20
N ASP B 2 23.16 -18.09 36.24
CA ASP B 2 22.98 -19.07 35.18
C ASP B 2 21.77 -19.92 35.48
N VAL B 3 20.77 -19.89 34.61
CA VAL B 3 19.53 -20.63 34.83
C VAL B 3 19.77 -22.10 34.54
N ASN B 4 19.45 -22.95 35.51
CA ASN B 4 19.58 -24.40 35.38
C ASN B 4 18.27 -25.05 35.76
N PRO B 5 17.41 -25.36 34.79
CA PRO B 5 16.12 -25.99 35.12
C PRO B 5 16.26 -27.33 35.84
N THR B 6 17.34 -28.08 35.57
CA THR B 6 17.53 -29.35 36.25
C THR B 6 17.65 -29.17 37.76
N LEU B 7 18.14 -28.01 38.21
CA LEU B 7 18.22 -27.75 39.64
C LEU B 7 16.85 -27.74 40.30
N LEU B 8 15.78 -27.59 39.52
CA LEU B 8 14.43 -27.70 40.06
C LEU B 8 14.19 -29.07 40.68
N PHE B 9 14.91 -30.09 40.23
CA PHE B 9 14.79 -31.42 40.82
C PHE B 9 15.37 -31.51 42.22
N LEU B 10 16.09 -30.47 42.68
CA LEU B 10 16.62 -30.49 44.04
C LEU B 10 15.50 -30.53 45.07
N LYS B 11 14.43 -29.77 44.84
CA LYS B 11 13.29 -29.74 45.74
C LYS B 11 12.15 -30.64 45.27
N VAL B 12 11.69 -30.45 44.04
CA VAL B 12 10.58 -31.23 43.51
C VAL B 12 11.07 -32.62 43.14
N PRO B 13 10.40 -33.69 43.57
CA PRO B 13 10.80 -35.03 43.14
C PRO B 13 10.68 -35.18 41.63
N VAL B 14 11.58 -36.01 41.06
CA VAL B 14 11.64 -36.14 39.62
C VAL B 14 10.37 -36.79 39.07
N GLN B 15 9.70 -37.62 39.86
CA GLN B 15 8.46 -38.23 39.40
C GLN B 15 7.35 -37.20 39.22
N ASN B 16 7.32 -36.18 40.07
CA ASN B 16 6.31 -35.13 39.94
C ASN B 16 6.55 -34.23 38.73
N ALA B 17 7.82 -33.96 38.41
CA ALA B 17 8.19 -33.07 37.33
C ALA B 17 8.97 -33.81 36.24
N ILE B 18 8.52 -35.01 35.90
CA ILE B 18 9.19 -35.80 34.86
C ILE B 18 8.93 -35.27 33.47
N SER B 19 7.92 -34.41 33.29
CA SER B 19 7.61 -33.89 31.96
C SER B 19 8.75 -33.09 31.36
N THR B 20 9.66 -32.58 32.19
CA THR B 20 10.82 -31.84 31.69
C THR B 20 11.83 -32.75 31.02
N THR B 21 11.68 -34.07 31.11
CA THR B 21 12.60 -35.02 30.50
C THR B 21 12.07 -35.59 29.20
N PHE B 22 11.03 -35.00 28.62
CA PHE B 22 10.42 -35.46 27.38
C PHE B 22 10.44 -34.33 26.36
N PRO B 23 11.51 -34.19 25.57
CA PRO B 23 11.57 -33.14 24.54
C PRO B 23 10.79 -33.52 23.29
N TYR B 24 9.46 -33.51 23.41
CA TYR B 24 8.57 -33.92 22.33
C TYR B 24 7.96 -32.74 21.58
N THR B 25 8.72 -31.65 21.44
CA THR B 25 8.24 -30.48 20.72
C THR B 25 8.94 -30.26 19.38
N GLY B 26 10.08 -30.91 19.15
CA GLY B 26 10.80 -30.78 17.90
C GLY B 26 10.47 -31.91 16.92
N ASP B 27 11.01 -31.77 15.72
CA ASP B 27 10.77 -32.78 14.68
C ASP B 27 11.52 -34.06 15.02
N PRO B 28 10.86 -35.22 14.97
CA PRO B 28 11.57 -36.47 15.22
C PRO B 28 12.55 -36.76 14.08
N PRO B 29 13.63 -37.49 14.35
CA PRO B 29 14.60 -37.77 13.30
C PRO B 29 14.03 -38.68 12.24
N TYR B 30 14.42 -38.44 11.00
CA TYR B 30 14.04 -39.26 9.86
C TYR B 30 15.26 -39.96 9.28
N SER B 31 15.03 -40.74 8.22
CA SER B 31 16.08 -41.53 7.61
C SER B 31 16.31 -41.07 6.18
N HIS B 32 17.57 -40.86 5.83
CA HIS B 32 17.96 -40.49 4.46
C HIS B 32 18.68 -41.67 3.85
N GLY B 33 18.15 -42.17 2.73
CA GLY B 33 18.78 -43.26 1.99
C GLY B 33 17.96 -44.53 2.06
N THR B 34 18.66 -45.66 2.19
CA THR B 34 18.05 -46.98 2.18
C THR B 34 18.21 -47.64 3.53
N GLY B 35 17.41 -48.68 3.76
CA GLY B 35 17.48 -49.46 4.98
C GLY B 35 18.16 -50.80 4.79
N THR B 36 18.88 -50.93 3.67
CA THR B 36 19.56 -52.20 3.38
C THR B 36 20.62 -52.50 4.43
N GLY B 37 21.41 -51.49 4.81
CA GLY B 37 22.44 -51.72 5.81
C GLY B 37 21.86 -52.13 7.16
N TYR B 38 20.79 -51.48 7.59
CA TYR B 38 20.15 -51.84 8.85
C TYR B 38 19.57 -53.24 8.80
N THR B 39 18.94 -53.60 7.67
CA THR B 39 18.39 -54.94 7.54
C THR B 39 19.49 -55.99 7.60
N MET B 40 20.60 -55.76 6.90
CA MET B 40 21.71 -56.70 6.91
C MET B 40 22.30 -56.81 8.31
N ASP B 41 22.43 -55.67 9.02
CA ASP B 41 22.93 -55.72 10.39
C ASP B 41 22.02 -56.52 11.30
N THR B 42 20.70 -56.33 11.16
CA THR B 42 19.76 -57.07 11.99
C THR B 42 19.84 -58.57 11.70
N VAL B 43 19.92 -58.95 10.43
CA VAL B 43 20.02 -60.37 10.08
C VAL B 43 21.31 -60.97 10.61
N ASN B 44 22.42 -60.24 10.47
CA ASN B 44 23.70 -60.73 10.97
C ASN B 44 23.67 -60.88 12.48
N ARG B 45 23.07 -59.93 13.19
CA ARG B 45 22.95 -60.05 14.64
C ARG B 45 22.09 -61.25 15.03
N THR B 46 20.97 -61.45 14.33
CA THR B 46 20.10 -62.57 14.64
C THR B 46 20.80 -63.90 14.42
N HIS B 47 21.55 -64.03 13.33
CA HIS B 47 22.27 -65.27 13.07
C HIS B 47 23.49 -65.44 13.97
N LYS B 48 24.05 -64.35 14.47
CA LYS B 48 25.17 -64.44 15.39
C LYS B 48 24.69 -64.91 16.77
N TYR B 49 23.51 -64.46 17.20
CA TYR B 49 22.96 -64.91 18.47
C TYR B 49 22.57 -66.38 18.47
N SER B 50 22.53 -67.01 17.29
CA SER B 50 22.19 -68.43 17.16
C SER B 50 23.28 -69.20 16.42
N GLU B 51 24.53 -68.78 16.58
CA GLU B 51 25.63 -69.37 15.82
C GLU B 51 25.90 -70.82 16.17
N LYS B 52 25.38 -71.32 17.29
CA LYS B 52 25.61 -72.70 17.70
C LYS B 52 24.39 -73.59 17.44
N GLY B 53 23.56 -73.23 16.47
CA GLY B 53 22.39 -74.00 16.11
C GLY B 53 22.70 -75.05 15.06
N LYS B 54 21.63 -75.58 14.47
CA LYS B 54 21.73 -76.58 13.41
C LYS B 54 21.35 -75.96 12.08
N TRP B 55 22.20 -76.13 11.08
CA TRP B 55 21.96 -75.59 9.75
C TRP B 55 21.35 -76.68 8.88
N THR B 56 20.18 -76.41 8.32
CA THR B 56 19.47 -77.37 7.48
C THR B 56 19.03 -76.69 6.20
N THR B 57 19.38 -77.28 5.06
CA THR B 57 18.95 -76.74 3.78
C THR B 57 17.48 -77.07 3.54
N ASN B 58 16.76 -76.10 2.98
CA ASN B 58 15.34 -76.31 2.69
C ASN B 58 15.18 -77.12 1.41
N THR B 59 13.98 -77.70 1.26
CA THR B 59 13.65 -78.51 0.09
C THR B 59 12.80 -77.74 -0.91
N GLU B 60 11.70 -77.14 -0.45
CA GLU B 60 10.82 -76.40 -1.35
C GLU B 60 11.47 -75.11 -1.85
N THR B 61 12.21 -74.43 -0.97
CA THR B 61 12.86 -73.17 -1.33
C THR B 61 14.37 -73.28 -1.46
N GLY B 62 15.02 -74.14 -0.68
CA GLY B 62 16.45 -74.32 -0.74
C GLY B 62 17.26 -73.40 0.14
N ALA B 63 16.63 -72.45 0.83
CA ALA B 63 17.36 -71.54 1.70
C ALA B 63 17.83 -72.29 2.95
N PRO B 64 19.04 -72.02 3.43
CA PRO B 64 19.55 -72.69 4.63
C PRO B 64 18.99 -72.06 5.89
N GLN B 65 18.11 -72.81 6.58
CA GLN B 65 17.54 -72.34 7.83
C GLN B 65 18.41 -72.77 9.01
N LEU B 66 18.24 -72.04 10.11
CA LEU B 66 19.01 -72.25 11.34
C LEU B 66 18.06 -72.57 12.48
N ASN B 67 18.39 -73.60 13.24
CA ASN B 67 17.55 -74.06 14.35
C ASN B 67 18.33 -73.97 15.65
N PRO B 68 18.03 -72.99 16.51
CA PRO B 68 18.71 -72.89 17.81
C PRO B 68 18.05 -73.62 18.96
N ILE B 69 16.93 -74.32 18.71
CA ILE B 69 16.21 -75.00 19.78
C ILE B 69 17.07 -76.11 20.36
N ASP B 70 17.01 -76.26 21.69
CA ASP B 70 17.71 -77.32 22.41
C ASP B 70 19.22 -77.27 22.17
N GLY B 71 19.76 -76.06 21.96
CA GLY B 71 21.17 -75.89 21.80
C GLY B 71 21.90 -75.89 23.13
N PRO B 72 23.20 -75.63 23.08
CA PRO B 72 23.98 -75.56 24.32
C PRO B 72 23.47 -74.45 25.23
N LEU B 73 23.46 -74.73 26.52
CA LEU B 73 23.02 -73.74 27.49
C LEU B 73 23.99 -72.57 27.55
N PRO B 74 23.49 -71.36 27.76
CA PRO B 74 24.38 -70.19 27.78
C PRO B 74 25.42 -70.29 28.88
N GLU B 75 26.63 -69.82 28.56
CA GLU B 75 27.74 -69.83 29.52
C GLU B 75 28.13 -68.44 30.00
N ASP B 76 27.51 -67.38 29.46
CA ASP B 76 27.81 -66.02 29.88
C ASP B 76 26.53 -65.21 29.81
N ASN B 77 26.65 -63.91 30.09
CA ASN B 77 25.49 -63.02 30.14
C ASN B 77 25.12 -62.45 28.77
N GLU B 78 25.80 -62.88 27.71
CA GLU B 78 25.48 -62.40 26.38
C GLU B 78 24.14 -62.96 25.90
N PRO B 79 23.44 -62.24 25.04
CA PRO B 79 22.14 -62.74 24.54
C PRO B 79 22.30 -64.05 23.79
N SER B 80 21.30 -64.92 23.93
CA SER B 80 21.30 -66.22 23.27
C SER B 80 19.86 -66.61 22.96
N GLY B 81 19.67 -67.22 21.79
CA GLY B 81 18.34 -67.64 21.37
C GLY B 81 18.08 -69.11 21.56
N TYR B 82 18.89 -69.76 22.41
CA TYR B 82 18.76 -71.19 22.66
C TYR B 82 17.66 -71.41 23.68
N ALA B 83 16.47 -71.79 23.20
CA ALA B 83 15.31 -72.01 24.04
C ALA B 83 14.93 -73.49 24.04
N GLN B 84 14.76 -74.06 25.22
CA GLN B 84 14.36 -75.44 25.37
C GLN B 84 12.84 -75.54 25.30
N THR B 85 12.34 -76.43 24.44
CA THR B 85 10.90 -76.60 24.28
C THR B 85 10.27 -77.19 25.53
N ASP B 86 11.00 -78.06 26.24
CA ASP B 86 10.45 -78.66 27.45
C ASP B 86 10.18 -77.61 28.52
N CYS B 87 11.10 -76.65 28.69
CA CYS B 87 10.88 -75.60 29.68
C CYS B 87 9.69 -74.73 29.32
N VAL B 88 9.54 -74.40 28.03
CA VAL B 88 8.41 -73.59 27.60
C VAL B 88 7.10 -74.32 27.84
N LEU B 89 7.05 -75.61 27.49
CA LEU B 89 5.84 -76.39 27.71
C LEU B 89 5.52 -76.52 29.20
N GLU B 90 6.55 -76.69 30.03
CA GLU B 90 6.34 -76.77 31.47
C GLU B 90 5.80 -75.45 32.02
N ALA B 91 6.33 -74.32 31.54
CA ALA B 91 5.82 -73.02 31.96
C ALA B 91 4.37 -72.83 31.54
N MET B 92 4.04 -73.25 30.32
CA MET B 92 2.64 -73.16 29.87
C MET B 92 1.74 -74.03 30.73
N ALA B 93 2.18 -75.23 31.06
CA ALA B 93 1.39 -76.12 31.91
C ALA B 93 1.18 -75.52 33.29
N PHE B 94 2.22 -74.92 33.87
CA PHE B 94 2.08 -74.30 35.18
C PHE B 94 1.14 -73.10 35.12
N LEU B 95 1.22 -72.31 34.04
CA LEU B 95 0.30 -71.19 33.87
C LEU B 95 -1.14 -71.67 33.77
N GLU B 96 -1.37 -72.77 33.04
CA GLU B 96 -2.70 -73.35 32.95
C GLU B 96 -3.18 -73.84 34.31
N GLU B 97 -2.30 -74.48 35.08
CA GLU B 97 -2.67 -74.97 36.40
C GLU B 97 -3.03 -73.82 37.34
N SER B 98 -2.28 -72.72 37.29
CA SER B 98 -2.57 -71.60 38.18
C SER B 98 -3.88 -70.91 37.84
N HIS B 99 -4.25 -70.88 36.56
CA HIS B 99 -5.50 -70.27 36.10
C HIS B 99 -6.24 -71.31 35.26
N PRO B 100 -6.94 -72.24 35.90
CA PRO B 100 -7.62 -73.29 35.14
C PRO B 100 -8.70 -72.75 34.23
N GLY B 101 -8.85 -73.38 33.06
CA GLY B 101 -9.94 -73.09 32.16
C GLY B 101 -9.76 -71.88 31.26
N ILE B 102 -8.63 -71.18 31.35
CA ILE B 102 -8.45 -69.99 30.52
C ILE B 102 -8.27 -70.38 29.06
N PHE B 103 -7.48 -71.43 28.79
CA PHE B 103 -7.16 -71.81 27.42
C PHE B 103 -8.40 -72.28 26.67
N GLU B 104 -9.24 -73.08 27.31
CA GLU B 104 -10.43 -73.59 26.64
C GLU B 104 -11.41 -72.46 26.31
N ASN B 105 -11.62 -71.54 27.26
CA ASN B 105 -12.52 -70.41 27.00
C ASN B 105 -11.95 -69.51 25.90
N SER B 106 -10.64 -69.27 25.91
CA SER B 106 -10.03 -68.48 24.85
C SER B 106 -10.20 -69.16 23.50
N CYS B 107 -10.03 -70.49 23.45
CA CYS B 107 -10.21 -71.22 22.20
C CYS B 107 -11.64 -71.11 21.70
N LEU B 108 -12.61 -71.23 22.62
CA LEU B 108 -14.02 -71.12 22.21
C LEU B 108 -14.32 -69.74 21.65
N GLU B 109 -13.84 -68.69 22.34
CA GLU B 109 -14.07 -67.33 21.87
C GLU B 109 -13.42 -67.11 20.51
N THR B 110 -12.20 -67.62 20.33
CA THR B 110 -11.51 -67.44 19.05
C THR B 110 -12.21 -68.21 17.93
N MET B 111 -12.73 -69.40 18.22
CA MET B 111 -13.50 -70.12 17.21
C MET B 111 -14.76 -69.36 16.83
N GLU B 112 -15.44 -68.77 17.82
CA GLU B 112 -16.60 -67.94 17.51
C GLU B 112 -16.22 -66.76 16.63
N ILE B 113 -15.12 -66.08 16.97
CA ILE B 113 -14.67 -64.94 16.17
C ILE B 113 -14.32 -65.37 14.75
N VAL B 114 -13.63 -66.51 14.61
CA VAL B 114 -13.25 -67.00 13.30
C VAL B 114 -14.50 -67.30 12.46
N GLN B 115 -15.49 -67.95 13.07
CA GLN B 115 -16.74 -68.20 12.37
C GLN B 115 -17.50 -66.91 12.07
N GLN B 116 -17.24 -65.84 12.81
CA GLN B 116 -17.92 -64.56 12.63
C GLN B 116 -16.95 -63.47 12.18
N THR B 117 -16.08 -63.79 11.22
CA THR B 117 -15.10 -62.84 10.70
C THR B 117 -15.36 -62.58 9.22
N ARG B 118 -15.35 -61.30 8.85
CA ARG B 118 -15.54 -60.90 7.46
C ARG B 118 -14.19 -60.76 6.77
N VAL B 119 -14.22 -60.45 5.46
CA VAL B 119 -12.99 -60.25 4.70
C VAL B 119 -12.52 -58.81 4.69
N ASP B 120 -13.36 -57.87 5.13
CA ASP B 120 -12.99 -56.46 5.12
C ASP B 120 -12.08 -56.07 6.28
N LYS B 121 -11.89 -56.95 7.26
CA LYS B 121 -11.01 -56.64 8.37
C LYS B 121 -9.57 -56.42 7.91
N LEU B 122 -9.21 -57.04 6.78
CA LEU B 122 -7.88 -56.83 6.22
C LEU B 122 -7.74 -55.50 5.50
N THR B 123 -8.86 -54.84 5.17
CA THR B 123 -8.79 -53.55 4.50
C THR B 123 -8.21 -52.48 5.41
N GLN B 124 -8.58 -52.51 6.69
CA GLN B 124 -8.07 -51.53 7.66
C GLN B 124 -6.75 -52.03 8.23
N GLY B 125 -5.72 -51.19 8.14
CA GLY B 125 -4.42 -51.56 8.64
C GLY B 125 -3.38 -50.55 8.20
N ARG B 126 -2.11 -50.92 8.42
CA ARG B 126 -0.99 -50.08 8.04
C ARG B 126 -0.62 -50.33 6.58
N GLN B 127 0.47 -49.71 6.12
CA GLN B 127 0.94 -49.90 4.76
C GLN B 127 1.48 -51.32 4.60
N THR B 128 0.78 -52.14 3.82
CA THR B 128 1.17 -53.53 3.65
C THR B 128 2.07 -53.68 2.43
N TYR B 129 2.51 -54.91 2.17
CA TYR B 129 3.41 -55.22 1.08
C TYR B 129 2.66 -55.96 -0.02
N ASP B 130 2.78 -55.47 -1.25
CA ASP B 130 2.18 -56.11 -2.41
C ASP B 130 3.26 -56.91 -3.13
N TRP B 131 3.04 -58.22 -3.23
CA TRP B 131 4.00 -59.11 -3.88
C TRP B 131 3.92 -59.04 -5.40
N THR B 132 2.72 -58.84 -5.95
CA THR B 132 2.59 -58.73 -7.40
C THR B 132 3.36 -57.52 -7.93
N LEU B 133 3.27 -56.38 -7.25
CA LEU B 133 4.05 -55.21 -7.59
C LEU B 133 5.38 -55.15 -6.85
N ASN B 134 5.59 -56.02 -5.86
CA ASN B 134 6.81 -56.05 -5.06
C ASN B 134 7.10 -54.68 -4.44
N ARG B 135 6.05 -54.01 -3.95
CA ARG B 135 6.17 -52.66 -3.43
C ARG B 135 5.37 -52.57 -2.13
N ASN B 136 5.22 -51.33 -1.64
CA ASN B 136 4.41 -51.05 -0.46
C ASN B 136 3.13 -50.36 -0.90
N GLN B 137 2.00 -50.96 -0.57
CA GLN B 137 0.69 -50.50 -0.98
C GLN B 137 -0.26 -50.46 0.21
N PRO B 138 -1.32 -49.65 0.13
CA PRO B 138 -2.34 -49.70 1.19
C PRO B 138 -3.04 -51.05 1.21
N ALA B 139 -3.59 -51.38 2.37
CA ALA B 139 -4.16 -52.72 2.58
C ALA B 139 -5.31 -52.99 1.62
N ALA B 140 -6.20 -52.01 1.42
CA ALA B 140 -7.33 -52.22 0.53
C ALA B 140 -6.87 -52.44 -0.91
N THR B 141 -5.91 -51.63 -1.37
CA THR B 141 -5.42 -51.78 -2.74
C THR B 141 -4.73 -53.13 -2.93
N ALA B 142 -3.92 -53.55 -1.96
CA ALA B 142 -3.26 -54.85 -2.07
C ALA B 142 -4.27 -55.99 -2.05
N LEU B 143 -5.31 -55.87 -1.22
CA LEU B 143 -6.35 -56.89 -1.17
C LEU B 143 -7.08 -56.97 -2.51
N ALA B 144 -7.41 -55.83 -3.10
CA ALA B 144 -8.06 -55.83 -4.41
C ALA B 144 -7.14 -56.44 -5.48
N ASN B 145 -5.85 -56.10 -5.43
CA ASN B 145 -4.91 -56.63 -6.40
C ASN B 145 -4.79 -58.14 -6.30
N THR B 146 -4.67 -58.67 -5.07
CA THR B 146 -4.56 -60.11 -4.91
C THR B 146 -5.87 -60.82 -5.23
N ILE B 147 -7.01 -60.15 -5.00
CA ILE B 147 -8.29 -60.72 -5.42
C ILE B 147 -8.35 -60.85 -6.94
N GLU B 148 -7.91 -59.80 -7.64
CA GLU B 148 -7.87 -59.87 -9.11
C GLU B 148 -6.92 -60.96 -9.58
N VAL B 149 -5.76 -61.09 -8.92
CA VAL B 149 -4.79 -62.11 -9.32
C VAL B 149 -5.38 -63.50 -9.11
N PHE B 150 -6.02 -63.73 -7.97
CA PHE B 150 -6.64 -65.02 -7.72
C PHE B 150 -7.86 -65.25 -8.60
N ARG B 151 -8.44 -64.19 -9.16
CA ARG B 151 -9.49 -64.35 -10.16
C ARG B 151 -8.92 -64.74 -11.52
N SER B 152 -7.73 -64.22 -11.87
CA SER B 152 -7.11 -64.58 -13.14
C SER B 152 -6.80 -66.07 -13.21
N ASN B 153 -5.91 -66.53 -12.32
CA ASN B 153 -5.68 -67.96 -12.15
C ASN B 153 -6.82 -68.50 -11.29
N GLY B 154 -7.72 -69.28 -11.90
CA GLY B 154 -9.03 -69.51 -11.33
C GLY B 154 -9.06 -70.06 -9.92
N LEU B 155 -9.37 -69.18 -8.97
CA LEU B 155 -9.60 -69.54 -7.58
C LEU B 155 -10.54 -68.49 -7.01
N THR B 156 -11.84 -68.78 -7.01
CA THR B 156 -12.86 -67.80 -6.65
C THR B 156 -13.82 -68.37 -5.63
N ALA B 157 -13.28 -69.00 -4.59
CA ALA B 157 -14.09 -69.49 -3.49
C ALA B 157 -14.20 -68.49 -2.35
N ASN B 158 -13.53 -67.35 -2.45
CA ASN B 158 -13.57 -66.31 -1.42
C ASN B 158 -14.62 -65.23 -1.70
N GLU B 159 -15.40 -65.37 -2.77
CA GLU B 159 -16.40 -64.37 -3.10
C GLU B 159 -17.57 -64.36 -2.13
N SER B 160 -17.70 -65.36 -1.26
CA SER B 160 -18.76 -65.38 -0.28
C SER B 160 -18.59 -64.31 0.80
N GLY B 161 -17.36 -63.84 1.01
CA GLY B 161 -17.10 -62.80 1.98
C GLY B 161 -16.54 -63.27 3.31
N ARG B 162 -16.30 -64.57 3.47
CA ARG B 162 -15.76 -65.09 4.71
C ARG B 162 -14.24 -65.18 4.63
N LEU B 163 -13.57 -64.77 5.71
CA LEU B 163 -12.11 -64.78 5.72
C LEU B 163 -11.56 -66.20 5.62
N ILE B 164 -12.29 -67.18 6.14
CA ILE B 164 -11.86 -68.58 6.02
C ILE B 164 -11.77 -68.98 4.56
N ASP B 165 -12.71 -68.50 3.74
CA ASP B 165 -12.67 -68.82 2.31
C ASP B 165 -11.44 -68.22 1.65
N PHE B 166 -11.08 -66.99 2.01
CA PHE B 166 -9.87 -66.39 1.46
C PHE B 166 -8.63 -67.16 1.91
N LEU B 167 -8.61 -67.60 3.17
CA LEU B 167 -7.50 -68.40 3.65
C LEU B 167 -7.39 -69.71 2.89
N LYS B 168 -8.53 -70.34 2.60
CA LYS B 168 -8.52 -71.58 1.81
C LYS B 168 -8.05 -71.31 0.38
N ASP B 169 -8.43 -70.17 -0.19
CA ASP B 169 -7.94 -69.82 -1.53
C ASP B 169 -6.44 -69.63 -1.54
N VAL B 170 -5.90 -68.96 -0.52
CA VAL B 170 -4.45 -68.83 -0.39
C VAL B 170 -3.80 -70.20 -0.20
N MET B 171 -4.47 -71.08 0.56
CA MET B 171 -3.99 -72.43 0.76
C MET B 171 -3.87 -73.17 -0.57
N ASP B 172 -4.89 -73.07 -1.42
CA ASP B 172 -4.88 -73.78 -2.69
C ASP B 172 -3.93 -73.13 -3.69
N SER B 173 -3.69 -71.82 -3.56
CA SER B 173 -2.82 -71.11 -4.50
C SER B 173 -1.36 -71.53 -4.37
N MET B 174 -0.98 -72.15 -3.27
CA MET B 174 0.41 -72.56 -3.08
C MET B 174 0.77 -73.83 -3.82
N ASP B 175 -0.21 -74.55 -4.35
CA ASP B 175 0.04 -75.78 -5.09
C ASP B 175 0.01 -75.60 -6.61
N LYS B 176 -0.23 -74.38 -7.09
CA LYS B 176 -0.27 -74.13 -8.52
C LYS B 176 1.14 -74.16 -9.09
N GLU B 177 1.31 -74.88 -10.20
CA GLU B 177 2.62 -74.96 -10.83
C GLU B 177 2.99 -73.67 -11.54
N GLU B 178 2.00 -72.93 -12.04
CA GLU B 178 2.23 -71.69 -12.76
C GLU B 178 1.32 -70.59 -12.20
N MET B 179 1.81 -69.36 -12.27
CA MET B 179 1.06 -68.20 -11.83
C MET B 179 1.16 -67.11 -12.89
N GLU B 180 0.09 -66.33 -13.04
CA GLU B 180 0.02 -65.27 -14.03
C GLU B 180 -0.25 -63.94 -13.33
N ILE B 181 0.34 -62.87 -13.88
CA ILE B 181 0.24 -61.54 -13.31
C ILE B 181 -0.25 -60.58 -14.39
N THR B 182 -1.24 -59.75 -14.05
CA THR B 182 -1.74 -58.75 -14.99
C THR B 182 -0.75 -57.61 -15.17
N GLN B 210 4.19 -61.39 -17.69
CA GLN B 210 5.11 -61.75 -16.59
C GLN B 210 4.73 -63.10 -15.97
N ARG B 211 5.10 -64.18 -16.66
CA ARG B 211 4.69 -65.49 -16.20
C ARG B 211 5.58 -65.96 -15.06
N LEU B 212 4.96 -66.60 -14.06
CA LEU B 212 5.62 -67.00 -12.83
C LEU B 212 5.43 -68.49 -12.60
N ASN B 213 6.49 -69.16 -12.15
CA ASN B 213 6.44 -70.58 -11.85
C ASN B 213 6.07 -70.79 -10.38
N LYS B 214 6.26 -72.01 -9.89
CA LYS B 214 5.81 -72.34 -8.53
C LYS B 214 6.84 -71.93 -7.48
N ARG B 215 8.12 -72.25 -7.71
CA ARG B 215 9.14 -71.98 -6.70
C ARG B 215 9.30 -70.49 -6.46
N SER B 216 9.35 -69.70 -7.54
CA SER B 216 9.47 -68.25 -7.38
C SER B 216 8.25 -67.66 -6.69
N TYR B 217 7.05 -68.17 -7.00
CA TYR B 217 5.85 -67.70 -6.32
C TYR B 217 5.90 -68.03 -4.83
N LEU B 218 6.36 -69.22 -4.48
CA LEU B 218 6.48 -69.60 -3.08
C LEU B 218 7.50 -68.71 -2.36
N ILE B 219 8.62 -68.41 -3.02
CA ILE B 219 9.61 -67.50 -2.44
C ILE B 219 9.00 -66.12 -2.24
N ARG B 220 8.25 -65.64 -3.23
CA ARG B 220 7.66 -64.31 -3.15
C ARG B 220 6.63 -64.23 -2.04
N ALA B 221 5.84 -65.29 -1.84
CA ALA B 221 4.81 -65.28 -0.82
C ALA B 221 5.37 -65.21 0.59
N LEU B 222 6.65 -65.53 0.77
CA LEU B 222 7.30 -65.47 2.08
C LEU B 222 8.20 -64.24 2.23
N THR B 223 8.10 -63.28 1.33
CA THR B 223 8.97 -62.11 1.37
C THR B 223 8.47 -61.11 2.41
N LEU B 224 9.41 -60.57 3.18
CA LEU B 224 9.14 -59.54 4.17
C LEU B 224 9.81 -58.25 3.70
N ASN B 225 9.00 -57.23 3.42
CA ASN B 225 9.56 -55.98 2.95
C ASN B 225 10.18 -55.21 4.11
N THR B 226 11.42 -54.74 3.91
CA THR B 226 12.17 -54.08 4.97
C THR B 226 12.39 -52.62 4.63
N MET B 227 12.18 -51.75 5.61
CA MET B 227 12.43 -50.33 5.45
C MET B 227 12.99 -49.81 6.77
N THR B 228 13.15 -48.49 6.87
CA THR B 228 13.66 -47.86 8.07
C THR B 228 12.52 -47.10 8.76
N LYS B 229 12.38 -47.33 10.07
CA LYS B 229 11.31 -46.69 10.82
C LYS B 229 11.61 -45.21 11.01
N ASP B 230 10.64 -44.37 10.69
CA ASP B 230 10.77 -42.92 10.83
C ASP B 230 9.88 -42.41 11.96
N ALA B 231 10.17 -41.19 12.40
CA ALA B 231 9.45 -40.54 13.50
C ALA B 231 9.46 -41.39 14.75
N GLU B 232 10.63 -41.95 15.07
CA GLU B 232 10.83 -42.77 16.25
C GLU B 232 11.63 -42.00 17.28
N ARG B 233 11.12 -41.94 18.51
CA ARG B 233 11.75 -41.21 19.59
C ARG B 233 12.42 -42.16 20.58
N GLY B 234 13.33 -41.60 21.38
CA GLY B 234 14.02 -42.36 22.39
C GLY B 234 15.26 -43.10 21.92
N LYS B 235 15.57 -43.04 20.63
CA LYS B 235 16.72 -43.74 20.07
C LYS B 235 17.60 -42.76 19.30
N LEU B 236 18.89 -43.06 19.26
CA LEU B 236 19.85 -42.24 18.55
C LEU B 236 20.11 -42.73 17.12
N LYS B 237 20.17 -44.04 16.92
CA LYS B 237 20.41 -44.61 15.62
C LYS B 237 19.12 -45.20 15.04
N ARG B 238 19.04 -45.22 13.71
CA ARG B 238 17.86 -45.73 13.04
C ARG B 238 17.78 -47.24 13.19
N ARG B 239 16.57 -47.77 12.98
CA ARG B 239 16.31 -49.20 13.10
C ARG B 239 15.47 -49.66 11.93
N ALA B 240 15.55 -50.96 11.65
CA ALA B 240 14.85 -51.56 10.52
C ALA B 240 13.50 -52.12 10.96
N ILE B 241 12.48 -51.92 10.13
CA ILE B 241 11.13 -52.39 10.39
C ILE B 241 10.66 -53.19 9.17
N ALA B 242 10.02 -54.33 9.43
CA ALA B 242 9.59 -55.24 8.38
C ALA B 242 8.06 -55.30 8.31
N THR B 243 7.57 -55.58 7.11
CA THR B 243 6.15 -55.68 6.84
C THR B 243 5.90 -56.99 6.08
N PRO B 244 4.96 -57.80 6.53
CA PRO B 244 4.70 -59.09 5.87
C PRO B 244 3.83 -58.92 4.63
N GLY B 245 3.66 -60.02 3.91
CA GLY B 245 2.84 -60.03 2.72
C GLY B 245 1.37 -60.11 3.03
N MET B 246 0.57 -60.15 1.96
CA MET B 246 -0.89 -60.17 2.09
C MET B 246 -1.41 -61.55 2.46
N GLN B 247 -0.62 -62.61 2.27
CA GLN B 247 -1.12 -63.96 2.52
C GLN B 247 -1.25 -64.23 4.02
N ILE B 248 -0.29 -63.75 4.82
CA ILE B 248 -0.25 -64.10 6.24
C ILE B 248 -1.06 -63.13 7.10
N ARG B 249 -1.75 -62.15 6.49
CA ARG B 249 -2.47 -61.16 7.26
C ARG B 249 -3.59 -61.81 8.09
N GLY B 250 -4.36 -62.71 7.47
CA GLY B 250 -5.44 -63.35 8.20
C GLY B 250 -4.96 -64.25 9.31
N PHE B 251 -3.89 -65.01 9.06
CA PHE B 251 -3.34 -65.88 10.10
C PHE B 251 -2.79 -65.07 11.26
N VAL B 252 -2.10 -63.96 10.97
CA VAL B 252 -1.61 -63.09 12.02
C VAL B 252 -2.78 -62.48 12.79
N TYR B 253 -3.86 -62.13 12.09
CA TYR B 253 -5.04 -61.61 12.76
C TYR B 253 -5.63 -62.63 13.72
N PHE B 254 -5.73 -63.89 13.29
CA PHE B 254 -6.26 -64.93 14.16
C PHE B 254 -5.37 -65.17 15.37
N VAL B 255 -4.05 -65.19 15.15
CA VAL B 255 -3.12 -65.40 16.26
C VAL B 255 -3.22 -64.25 17.25
N GLU B 256 -3.30 -63.01 16.75
CA GLU B 256 -3.43 -61.86 17.62
C GLU B 256 -4.74 -61.89 18.39
N ALA B 257 -5.82 -62.34 17.75
CA ALA B 257 -7.09 -62.48 18.45
C ALA B 257 -6.99 -63.50 19.57
N LEU B 258 -6.33 -64.63 19.32
CA LEU B 258 -6.14 -65.63 20.37
C LEU B 258 -5.31 -65.08 21.52
N ALA B 259 -4.23 -64.37 21.20
CA ALA B 259 -3.38 -63.80 22.24
C ALA B 259 -4.14 -62.74 23.05
N ARG B 260 -4.95 -61.93 22.38
CA ARG B 260 -5.76 -60.93 23.09
C ARG B 260 -6.77 -61.61 24.01
N SER B 261 -7.42 -62.67 23.53
CA SER B 261 -8.37 -63.39 24.37
C SER B 261 -7.69 -63.99 25.59
N ILE B 262 -6.50 -64.54 25.40
CA ILE B 262 -5.76 -65.09 26.54
C ILE B 262 -5.36 -64.00 27.52
N CYS B 263 -4.89 -62.86 27.00
CA CYS B 263 -4.41 -61.78 27.87
C CYS B 263 -5.54 -61.11 28.63
N GLU B 264 -6.75 -61.07 28.05
CA GLU B 264 -7.86 -60.40 28.71
C GLU B 264 -8.25 -61.07 30.03
N LYS B 265 -7.89 -62.33 30.21
CA LYS B 265 -8.18 -63.06 31.44
C LYS B 265 -6.98 -63.13 32.37
N LEU B 266 -5.91 -62.39 32.08
CA LEU B 266 -4.73 -62.36 32.92
C LEU B 266 -4.59 -60.97 33.53
N GLU B 267 -4.47 -60.93 34.86
CA GLU B 267 -4.37 -59.66 35.57
C GLU B 267 -2.97 -59.06 35.55
N GLN B 268 -1.96 -59.85 35.18
CA GLN B 268 -0.59 -59.36 35.14
C GLN B 268 -0.17 -58.83 33.78
N SER B 269 -1.06 -58.88 32.79
CA SER B 269 -0.76 -58.35 31.47
C SER B 269 -0.90 -56.83 31.46
N GLY B 270 -0.28 -56.21 30.47
CA GLY B 270 -0.35 -54.76 30.31
C GLY B 270 -1.12 -54.34 29.08
N LEU B 271 -1.64 -55.31 28.33
CA LEU B 271 -2.36 -55.06 27.10
C LEU B 271 -3.66 -55.85 27.11
N PRO B 272 -4.70 -55.33 26.43
CA PRO B 272 -4.76 -54.05 25.73
C PRO B 272 -5.53 -52.99 26.51
N VAL B 273 -5.28 -52.92 27.82
CA VAL B 273 -6.02 -51.99 28.67
C VAL B 273 -5.59 -50.55 28.38
N GLY B 274 -6.45 -49.61 28.79
CA GLY B 274 -6.17 -48.21 28.61
C GLY B 274 -5.29 -47.63 29.70
N GLY B 275 -5.09 -46.32 29.62
CA GLY B 275 -4.23 -45.65 30.59
C GLY B 275 -4.78 -45.70 32.00
N ASN B 276 -6.07 -45.40 32.16
CA ASN B 276 -6.69 -45.47 33.48
C ASN B 276 -6.71 -46.89 34.01
N GLU B 277 -7.02 -47.85 33.14
CA GLU B 277 -6.98 -49.25 33.55
C GLU B 277 -5.57 -49.69 33.91
N LYS B 278 -4.57 -49.18 33.18
CA LYS B 278 -3.18 -49.49 33.52
C LYS B 278 -2.80 -48.92 34.88
N LYS B 279 -3.25 -47.69 35.18
CA LYS B 279 -3.02 -47.12 36.50
C LYS B 279 -3.67 -47.97 37.58
N ALA B 280 -4.90 -48.42 37.32
CA ALA B 280 -5.60 -49.27 38.27
C ALA B 280 -4.84 -50.58 38.47
N LYS B 281 -4.29 -51.15 37.40
CA LYS B 281 -3.52 -52.38 37.52
C LYS B 281 -2.26 -52.17 38.34
N LEU B 282 -1.56 -51.05 38.13
CA LEU B 282 -0.37 -50.75 38.93
C LEU B 282 -0.73 -50.63 40.40
N ALA B 283 -1.78 -49.87 40.71
CA ALA B 283 -2.20 -49.72 42.10
C ALA B 283 -2.60 -51.05 42.70
N ASN B 284 -3.33 -51.87 41.93
CA ASN B 284 -3.79 -53.17 42.43
C ASN B 284 -2.63 -54.09 42.74
N VAL B 285 -1.64 -54.16 41.85
CA VAL B 285 -0.52 -55.07 42.08
C VAL B 285 0.33 -54.58 43.24
N VAL B 286 0.53 -53.26 43.36
CA VAL B 286 1.31 -52.74 44.48
C VAL B 286 0.59 -53.03 45.80
N ARG B 287 -0.72 -52.80 45.85
CA ARG B 287 -1.47 -53.06 47.08
C ARG B 287 -1.48 -54.54 47.40
N LYS B 288 -1.61 -55.40 46.39
CA LYS B 288 -1.61 -56.84 46.62
C LYS B 288 -0.28 -57.31 47.19
N MET B 289 0.83 -56.78 46.66
CA MET B 289 2.14 -57.19 47.17
C MET B 289 2.42 -56.60 48.55
N MET B 290 1.89 -55.40 48.84
CA MET B 290 2.18 -54.72 50.10
C MET B 290 1.14 -54.98 51.18
N THR B 291 0.10 -55.76 50.90
CA THR B 291 -0.91 -56.05 51.91
C THR B 291 -0.51 -57.17 52.86
N ASN B 292 0.57 -57.89 52.56
CA ASN B 292 1.04 -58.97 53.42
C ASN B 292 2.46 -58.75 53.93
N SER B 293 3.12 -57.67 53.51
CA SER B 293 4.49 -57.42 53.95
C SER B 293 4.50 -56.94 55.39
N GLN B 294 5.09 -57.74 56.28
CA GLN B 294 5.21 -57.40 57.68
C GLN B 294 6.51 -56.64 57.91
N ASP B 295 6.86 -56.42 59.17
CA ASP B 295 8.11 -55.71 59.49
C ASP B 295 9.33 -56.56 59.24
N THR B 296 9.21 -57.88 59.27
CA THR B 296 10.35 -58.78 59.07
C THR B 296 10.52 -59.22 57.62
N GLU B 297 9.69 -58.70 56.70
CA GLU B 297 9.76 -59.07 55.30
C GLU B 297 10.20 -57.86 54.48
N LEU B 298 11.20 -58.07 53.63
CA LEU B 298 11.72 -57.02 52.75
C LEU B 298 11.15 -57.19 51.35
N SER B 299 10.89 -56.07 50.68
CA SER B 299 10.36 -56.08 49.32
C SER B 299 11.19 -55.13 48.46
N PHE B 300 11.62 -55.62 47.30
CA PHE B 300 12.43 -54.83 46.38
C PHE B 300 11.80 -54.84 45.00
N THR B 301 11.81 -53.68 44.34
CA THR B 301 11.21 -53.52 43.03
C THR B 301 12.30 -53.20 42.02
N ILE B 302 12.28 -53.92 40.89
CA ILE B 302 13.22 -53.71 39.79
C ILE B 302 12.41 -53.32 38.57
N THR B 303 12.98 -52.43 37.76
CA THR B 303 12.37 -52.01 36.50
C THR B 303 13.38 -52.21 35.39
N GLY B 304 12.92 -52.75 34.26
CA GLY B 304 13.87 -53.01 33.19
C GLY B 304 13.20 -53.22 31.86
N ASP B 305 14.03 -53.28 30.83
CA ASP B 305 13.61 -53.58 29.47
C ASP B 305 14.27 -54.86 29.00
N ASN B 306 13.80 -55.37 27.86
CA ASN B 306 14.32 -56.60 27.28
C ASN B 306 15.11 -56.25 26.03
N THR B 307 16.40 -56.63 26.02
CA THR B 307 17.27 -56.30 24.91
C THR B 307 17.13 -57.33 23.79
N LYS B 308 17.08 -56.83 22.56
CA LYS B 308 16.97 -57.66 21.36
C LYS B 308 15.78 -58.61 21.46
N TRP B 309 14.65 -58.07 21.90
CA TRP B 309 13.46 -58.89 22.11
C TRP B 309 12.97 -59.51 20.81
N ASN B 310 12.94 -58.72 19.73
CA ASN B 310 12.38 -59.20 18.47
C ASN B 310 13.20 -60.34 17.89
N GLU B 311 14.52 -60.23 17.92
CA GLU B 311 15.41 -61.21 17.31
C GLU B 311 15.87 -62.29 18.29
N ASN B 312 15.08 -62.56 19.33
CA ASN B 312 15.42 -63.59 20.31
C ASN B 312 14.36 -64.66 20.48
N GLN B 313 13.15 -64.47 19.96
CA GLN B 313 12.06 -65.40 20.14
C GLN B 313 11.89 -66.22 18.87
N ASN B 314 12.18 -67.52 18.95
CA ASN B 314 12.06 -68.39 17.79
C ASN B 314 10.58 -68.61 17.47
N PRO B 315 10.17 -68.50 16.21
CA PRO B 315 8.77 -68.79 15.87
C PRO B 315 8.33 -70.20 16.21
N ARG B 316 9.25 -71.16 16.25
CA ARG B 316 8.88 -72.52 16.62
C ARG B 316 8.47 -72.62 18.08
N MET B 317 9.02 -71.76 18.94
CA MET B 317 8.52 -71.68 20.30
C MET B 317 7.07 -71.24 20.34
N PHE B 318 6.72 -70.25 19.50
CA PHE B 318 5.33 -69.85 19.38
C PHE B 318 4.46 -70.99 18.85
N LEU B 319 5.00 -71.76 17.90
CA LEU B 319 4.27 -72.92 17.39
C LEU B 319 4.00 -73.93 18.50
N ALA B 320 5.00 -74.22 19.33
CA ALA B 320 4.81 -75.15 20.44
C ALA B 320 3.79 -74.61 21.44
N MET B 321 3.87 -73.31 21.75
CA MET B 321 2.91 -72.71 22.66
C MET B 321 1.49 -72.81 22.12
N ILE B 322 1.31 -72.52 20.83
CA ILE B 322 -0.01 -72.62 20.22
C ILE B 322 -0.50 -74.06 20.25
N THR B 323 0.39 -75.01 19.96
CA THR B 323 0.00 -76.42 20.00
C THR B 323 -0.47 -76.82 21.38
N TYR B 324 0.22 -76.36 22.43
CA TYR B 324 -0.26 -76.64 23.78
C TYR B 324 -1.57 -75.93 24.07
N ILE B 325 -1.78 -74.74 23.49
CA ILE B 325 -3.02 -74.01 23.74
C ILE B 325 -4.22 -74.79 23.21
N THR B 326 -4.09 -75.38 22.02
CA THR B 326 -5.21 -75.99 21.32
C THR B 326 -5.39 -77.47 21.62
N ARG B 327 -4.99 -77.92 22.81
CA ARG B 327 -5.19 -79.32 23.17
C ARG B 327 -6.69 -79.62 23.28
N ASN B 328 -7.08 -80.79 22.77
CA ASN B 328 -8.47 -81.25 22.76
C ASN B 328 -9.36 -80.24 22.03
N GLN B 329 -9.04 -80.00 20.77
CA GLN B 329 -9.73 -79.05 19.92
C GLN B 329 -9.89 -79.65 18.54
N PRO B 330 -10.83 -79.14 17.74
CA PRO B 330 -10.97 -79.62 16.36
C PRO B 330 -9.69 -79.40 15.57
N GLU B 331 -9.41 -80.34 14.67
CA GLU B 331 -8.15 -80.34 13.92
C GLU B 331 -8.04 -79.13 13.02
N TRP B 332 -9.15 -78.71 12.40
CA TRP B 332 -9.09 -77.59 11.47
C TRP B 332 -8.68 -76.30 12.19
N PHE B 333 -9.21 -76.06 13.38
CA PHE B 333 -8.89 -74.84 14.10
C PHE B 333 -7.42 -74.80 14.51
N ARG B 334 -6.90 -75.92 15.01
CA ARG B 334 -5.50 -75.95 15.40
C ARG B 334 -4.57 -75.86 14.19
N ASN B 335 -4.97 -76.45 13.05
CA ASN B 335 -4.18 -76.28 11.84
C ASN B 335 -4.15 -74.83 11.39
N VAL B 336 -5.31 -74.15 11.45
CA VAL B 336 -5.36 -72.73 11.09
C VAL B 336 -4.46 -71.92 12.01
N LEU B 337 -4.50 -72.20 13.31
CA LEU B 337 -3.64 -71.48 14.25
C LEU B 337 -2.17 -71.75 13.97
N SER B 338 -1.81 -73.00 13.64
CA SER B 338 -0.42 -73.38 13.45
C SER B 338 0.14 -72.97 12.08
N ILE B 339 -0.71 -72.58 11.14
CA ILE B 339 -0.21 -72.18 9.82
C ILE B 339 0.75 -71.01 9.94
N ALA B 340 0.39 -69.99 10.72
CA ALA B 340 1.21 -68.77 10.78
C ALA B 340 2.63 -69.01 11.28
N PRO B 341 2.87 -69.69 12.41
CA PRO B 341 4.26 -69.94 12.81
C PRO B 341 5.05 -70.77 11.81
N ILE B 342 4.38 -71.65 11.07
CA ILE B 342 5.07 -72.45 10.06
C ILE B 342 5.66 -71.55 8.99
N MET B 343 4.86 -70.63 8.47
CA MET B 343 5.37 -69.69 7.46
C MET B 343 6.40 -68.74 8.07
N PHE B 344 6.18 -68.30 9.31
CA PHE B 344 7.13 -67.40 9.95
C PHE B 344 8.46 -68.09 10.27
N SER B 345 8.49 -69.42 10.28
CA SER B 345 9.74 -70.13 10.52
C SER B 345 10.60 -70.25 9.27
N ASN B 346 10.06 -69.92 8.09
CA ASN B 346 10.78 -69.98 6.83
C ASN B 346 10.56 -68.72 6.03
N LYS B 347 10.63 -67.57 6.68
CA LYS B 347 10.38 -66.29 6.02
C LYS B 347 11.60 -65.82 5.24
N MET B 348 11.35 -65.04 4.21
CA MET B 348 12.39 -64.41 3.41
C MET B 348 12.36 -62.90 3.63
N ALA B 349 13.53 -62.32 3.89
CA ALA B 349 13.64 -60.90 4.16
C ALA B 349 14.19 -60.18 2.94
N ARG B 350 13.49 -59.15 2.50
CA ARG B 350 13.96 -58.35 1.37
C ARG B 350 15.13 -57.47 1.78
N LEU B 351 15.89 -57.03 0.78
CA LEU B 351 17.09 -56.23 0.99
C LEU B 351 16.86 -54.75 0.80
N GLY B 352 15.61 -54.32 0.65
CA GLY B 352 15.34 -52.90 0.46
C GLY B 352 15.63 -52.44 -0.96
N LYS B 353 15.95 -51.15 -1.09
CA LYS B 353 16.18 -50.56 -2.40
C LYS B 353 17.56 -50.95 -2.94
N GLY B 354 18.62 -50.56 -2.24
CA GLY B 354 19.97 -50.84 -2.70
C GLY B 354 21.01 -49.92 -2.12
N TYR B 355 21.85 -49.34 -2.97
CA TYR B 355 22.90 -48.45 -2.51
C TYR B 355 23.16 -47.40 -3.58
N MET B 356 23.90 -46.35 -3.18
CA MET B 356 24.26 -45.26 -4.07
C MET B 356 25.77 -45.10 -4.07
N PHE B 357 26.35 -44.97 -5.27
CA PHE B 357 27.78 -44.79 -5.44
C PHE B 357 28.05 -43.45 -6.09
N GLU B 358 29.20 -42.86 -5.76
CA GLU B 358 29.56 -41.55 -6.28
C GLU B 358 31.00 -41.56 -6.78
N SER B 359 31.25 -40.73 -7.80
CA SER B 359 32.58 -40.52 -8.36
C SER B 359 32.86 -39.03 -8.36
N LYS B 360 33.82 -38.61 -7.54
CA LYS B 360 34.10 -37.18 -7.38
C LYS B 360 34.82 -36.62 -8.61
N SER B 361 35.82 -37.34 -9.11
CA SER B 361 36.57 -36.85 -10.27
C SER B 361 35.68 -36.74 -11.50
N MET B 362 34.84 -37.75 -11.74
CA MET B 362 33.89 -37.70 -12.84
C MET B 362 32.61 -36.96 -12.47
N LYS B 363 32.39 -36.68 -11.18
CA LYS B 363 31.20 -35.96 -10.71
C LYS B 363 29.93 -36.67 -11.17
N LEU B 364 29.77 -37.91 -10.71
CA LEU B 364 28.62 -38.72 -11.10
C LEU B 364 28.08 -39.46 -9.89
N ARG B 365 26.80 -39.80 -9.95
CA ARG B 365 26.14 -40.59 -8.93
C ARG B 365 25.30 -41.67 -9.60
N THR B 366 25.32 -42.87 -9.04
CA THR B 366 24.61 -44.02 -9.61
C THR B 366 23.91 -44.79 -8.51
N GLN B 367 22.83 -45.48 -8.88
CA GLN B 367 22.02 -46.27 -7.97
C GLN B 367 22.12 -47.74 -8.35
N VAL B 368 22.51 -48.57 -7.39
CA VAL B 368 22.65 -50.01 -7.58
C VAL B 368 21.52 -50.69 -6.82
N PRO B 369 20.67 -51.48 -7.49
CA PRO B 369 19.56 -52.12 -6.80
C PRO B 369 20.04 -53.22 -5.86
N ALA B 370 19.14 -53.64 -4.97
CA ALA B 370 19.48 -54.64 -3.97
C ALA B 370 19.74 -56.01 -4.60
N GLU B 371 19.14 -56.29 -5.76
CA GLU B 371 19.34 -57.59 -6.41
C GLU B 371 20.76 -57.77 -6.93
N MET B 372 21.49 -56.69 -7.17
CA MET B 372 22.83 -56.78 -7.71
C MET B 372 23.88 -57.03 -6.63
N LEU B 373 23.49 -57.02 -5.35
CA LEU B 373 24.45 -57.23 -4.27
C LEU B 373 24.97 -58.66 -4.23
N ALA B 374 24.29 -59.60 -4.88
CA ALA B 374 24.76 -60.98 -4.91
C ALA B 374 26.09 -61.10 -5.65
N ASN B 375 26.22 -60.41 -6.78
CA ASN B 375 27.43 -60.44 -7.60
C ASN B 375 27.91 -58.99 -7.77
N ILE B 376 28.85 -58.58 -6.92
CA ILE B 376 29.39 -57.24 -6.97
C ILE B 376 30.75 -57.25 -6.27
N ASP B 377 31.69 -56.50 -6.83
CA ASP B 377 33.02 -56.41 -6.24
C ASP B 377 32.96 -55.68 -4.91
N LEU B 378 33.88 -56.05 -4.02
CA LEU B 378 33.93 -55.50 -2.67
C LEU B 378 34.79 -54.25 -2.55
N LYS B 379 35.40 -53.80 -3.64
CA LYS B 379 36.23 -52.60 -3.59
C LYS B 379 35.41 -51.32 -3.52
N TYR B 380 34.13 -51.37 -3.88
CA TYR B 380 33.31 -50.17 -3.88
C TYR B 380 32.89 -49.77 -2.47
N PHE B 381 32.60 -50.75 -1.61
CA PHE B 381 32.10 -50.48 -0.28
C PHE B 381 33.25 -50.25 0.70
N ASN B 382 32.89 -49.76 1.88
CA ASN B 382 33.87 -49.55 2.95
C ASN B 382 34.07 -50.88 3.70
N LYS B 383 34.80 -50.82 4.81
CA LYS B 383 35.13 -52.04 5.54
C LYS B 383 33.89 -52.68 6.15
N SER B 384 33.09 -51.89 6.87
CA SER B 384 31.92 -52.44 7.54
C SER B 384 30.89 -52.96 6.54
N THR B 385 30.64 -52.19 5.48
CA THR B 385 29.65 -52.62 4.49
C THR B 385 30.07 -53.90 3.79
N ARG B 386 31.35 -53.99 3.41
CA ARG B 386 31.80 -55.22 2.74
C ARG B 386 31.84 -56.40 3.71
N GLU B 387 32.13 -56.16 4.98
CA GLU B 387 32.05 -57.23 5.97
C GLU B 387 30.62 -57.74 6.10
N LYS B 388 29.65 -56.83 6.18
CA LYS B 388 28.26 -57.24 6.26
C LYS B 388 27.83 -57.99 5.00
N ILE B 389 28.26 -57.52 3.84
CA ILE B 389 27.92 -58.20 2.59
C ILE B 389 28.52 -59.60 2.55
N GLU B 390 29.77 -59.74 2.99
CA GLU B 390 30.39 -61.06 3.04
C GLU B 390 29.64 -61.98 3.99
N LYS B 391 29.22 -61.47 5.15
CA LYS B 391 28.51 -62.30 6.11
C LYS B 391 27.12 -62.68 5.61
N ILE B 392 26.49 -61.82 4.82
CA ILE B 392 25.12 -62.08 4.36
C ILE B 392 25.07 -62.84 3.03
N ARG B 393 26.17 -62.89 2.28
CA ARG B 393 26.15 -63.54 0.97
C ARG B 393 25.77 -65.02 1.02
N PRO B 394 26.32 -65.85 1.92
CA PRO B 394 25.90 -67.26 1.92
C PRO B 394 24.41 -67.48 2.14
N LEU B 395 23.76 -66.61 2.91
CA LEU B 395 22.34 -66.72 3.17
C LEU B 395 21.49 -65.98 2.14
N LEU B 396 22.11 -65.40 1.11
CA LEU B 396 21.43 -64.54 0.15
C LEU B 396 21.07 -65.34 -1.09
N ILE B 397 19.79 -65.34 -1.45
CA ILE B 397 19.31 -66.00 -2.66
C ILE B 397 18.32 -65.07 -3.36
N ASP B 398 18.48 -64.93 -4.68
CA ASP B 398 17.61 -64.14 -5.55
C ASP B 398 17.19 -62.80 -4.95
N GLY B 399 18.11 -62.15 -4.23
CA GLY B 399 17.82 -60.87 -3.63
C GLY B 399 17.07 -60.90 -2.32
N THR B 400 16.83 -62.07 -1.76
CA THR B 400 16.13 -62.20 -0.48
C THR B 400 16.95 -63.09 0.45
N ALA B 401 17.16 -62.62 1.67
CA ALA B 401 17.94 -63.37 2.64
C ALA B 401 17.03 -64.25 3.50
N SER B 402 17.65 -65.22 4.16
CA SER B 402 16.94 -66.14 5.04
C SER B 402 17.01 -65.62 6.47
N LEU B 403 15.85 -65.52 7.12
CA LEU B 403 15.72 -65.00 8.47
C LEU B 403 14.82 -65.89 9.31
N SER B 404 15.11 -67.20 9.28
CA SER B 404 14.27 -68.15 10.00
C SER B 404 14.14 -67.87 11.48
N PRO B 405 15.21 -67.62 12.24
CA PRO B 405 15.04 -67.36 13.67
C PRO B 405 14.63 -65.93 13.96
N GLY B 406 13.83 -65.78 15.02
CA GLY B 406 13.49 -64.47 15.56
C GLY B 406 12.41 -63.72 14.81
N MET B 407 11.59 -62.97 15.54
CA MET B 407 10.61 -62.09 14.95
C MET B 407 11.31 -60.86 14.35
N MET B 408 10.57 -60.12 13.51
CA MET B 408 11.20 -59.03 12.76
C MET B 408 11.05 -57.69 13.48
N MET B 409 9.83 -57.17 13.60
CA MET B 409 9.65 -55.94 14.36
C MET B 409 8.61 -56.05 15.47
N GLY B 410 7.36 -56.31 15.11
CA GLY B 410 6.28 -56.29 16.08
C GLY B 410 5.11 -57.21 15.81
N MET B 411 5.29 -58.21 14.95
CA MET B 411 4.14 -58.97 14.46
C MET B 411 3.44 -59.72 15.59
N PHE B 412 4.20 -60.32 16.51
CA PHE B 412 3.66 -61.07 17.62
C PHE B 412 4.01 -60.33 18.91
N ASN B 413 3.06 -59.56 19.44
CA ASN B 413 3.26 -58.82 20.69
C ASN B 413 2.60 -59.51 21.87
N MET B 414 1.30 -59.77 21.79
CA MET B 414 0.57 -60.30 22.94
C MET B 414 0.93 -61.76 23.20
N LEU B 415 1.31 -62.51 22.17
CA LEU B 415 1.80 -63.87 22.40
C LEU B 415 3.10 -63.85 23.20
N SER B 416 4.00 -62.92 22.87
CA SER B 416 5.21 -62.74 23.67
C SER B 416 4.87 -62.26 25.07
N THR B 417 3.84 -61.43 25.21
CA THR B 417 3.38 -61.02 26.53
C THR B 417 2.92 -62.22 27.34
N VAL B 418 2.20 -63.14 26.71
CA VAL B 418 1.77 -64.37 27.39
C VAL B 418 2.98 -65.20 27.80
N LEU B 419 3.97 -65.30 26.91
CA LEU B 419 5.18 -66.05 27.25
C LEU B 419 5.89 -65.44 28.45
N GLY B 420 5.98 -64.12 28.51
CA GLY B 420 6.59 -63.47 29.66
C GLY B 420 5.78 -63.62 30.92
N VAL B 421 4.46 -63.50 30.82
CA VAL B 421 3.60 -63.61 31.99
C VAL B 421 3.59 -65.03 32.53
N SER B 422 3.89 -66.03 31.70
CA SER B 422 4.06 -67.38 32.22
C SER B 422 5.21 -67.44 33.21
N ILE B 423 6.35 -66.86 32.85
CA ILE B 423 7.49 -66.81 33.76
C ILE B 423 7.15 -65.96 34.97
N LEU B 424 6.41 -64.87 34.77
CA LEU B 424 6.01 -64.03 35.88
C LEU B 424 5.16 -64.80 36.89
N ASN B 425 4.20 -65.59 36.39
CA ASN B 425 3.36 -66.41 37.25
C ASN B 425 4.14 -67.57 37.87
N LEU B 426 5.23 -68.01 37.24
CA LEU B 426 6.05 -69.08 37.79
C LEU B 426 6.76 -68.69 39.09
N GLY B 427 6.59 -67.47 39.58
CA GLY B 427 7.26 -66.99 40.76
C GLY B 427 6.50 -67.12 42.07
N GLN B 428 5.41 -67.87 42.10
CA GLN B 428 4.65 -68.02 43.34
C GLN B 428 5.40 -68.90 44.33
N LYS B 429 4.99 -68.82 45.59
CA LYS B 429 5.64 -69.60 46.65
C LYS B 429 5.47 -71.09 46.43
N LYS B 430 4.33 -71.52 45.87
CA LYS B 430 4.09 -72.93 45.65
C LYS B 430 5.02 -73.53 44.61
N TYR B 431 5.67 -72.69 43.79
CA TYR B 431 6.63 -73.14 42.80
C TYR B 431 8.07 -72.87 43.19
N THR B 432 8.35 -71.67 43.70
CA THR B 432 9.71 -71.36 44.16
C THR B 432 10.09 -72.23 45.35
N LYS B 433 9.14 -72.47 46.27
CA LYS B 433 9.36 -73.30 47.45
C LYS B 433 10.54 -72.79 48.28
N THR B 434 10.64 -71.47 48.39
CA THR B 434 11.72 -70.84 49.16
C THR B 434 11.14 -69.59 49.82
N THR B 435 11.96 -68.95 50.65
CA THR B 435 11.51 -67.79 51.43
C THR B 435 11.24 -66.58 50.55
N TYR B 436 11.71 -66.56 49.31
CA TYR B 436 11.51 -65.43 48.41
C TYR B 436 10.44 -65.77 47.37
N TRP B 437 9.76 -64.73 46.90
CA TRP B 437 8.73 -64.92 45.88
C TRP B 437 8.52 -63.59 45.16
N TRP B 438 8.29 -63.66 43.85
CA TRP B 438 8.23 -62.46 43.02
C TRP B 438 6.95 -62.44 42.20
N ASP B 439 6.52 -61.23 41.85
CA ASP B 439 5.42 -61.00 40.92
C ASP B 439 5.75 -59.74 40.12
N GLY B 440 4.81 -59.24 39.34
CA GLY B 440 5.02 -58.01 38.63
C GLY B 440 4.20 -57.96 37.35
N LEU B 441 4.62 -57.05 36.47
CA LEU B 441 3.90 -56.78 35.22
C LEU B 441 4.90 -56.72 34.07
N GLN B 442 4.38 -56.98 32.87
CA GLN B 442 5.20 -56.97 31.66
C GLN B 442 4.36 -56.53 30.47
N SER B 443 4.98 -55.83 29.53
CA SER B 443 4.31 -55.37 28.32
C SER B 443 5.12 -55.77 27.08
N SER B 444 5.76 -56.93 27.16
CA SER B 444 6.48 -57.60 26.07
C SER B 444 7.80 -56.90 25.73
N ASP B 445 8.03 -55.70 26.24
CA ASP B 445 9.37 -55.13 26.22
C ASP B 445 9.80 -54.55 27.56
N ASP B 446 8.87 -53.93 28.28
CA ASP B 446 9.12 -53.36 29.59
C ASP B 446 8.57 -54.28 30.67
N PHE B 447 9.28 -54.36 31.79
CA PHE B 447 8.83 -55.23 32.86
C PHE B 447 9.21 -54.63 34.21
N ALA B 448 8.28 -54.74 35.15
CA ALA B 448 8.51 -54.37 36.54
C ALA B 448 8.32 -55.62 37.38
N LEU B 449 9.33 -55.95 38.19
CA LEU B 449 9.32 -57.16 39.00
C LEU B 449 9.53 -56.81 40.45
N ILE B 450 8.61 -57.21 41.31
CA ILE B 450 8.69 -56.94 42.74
C ILE B 450 8.85 -58.28 43.45
N VAL B 451 9.90 -58.39 44.26
CA VAL B 451 10.27 -59.64 44.91
C VAL B 451 10.36 -59.41 46.41
N ASN B 452 9.77 -60.32 47.17
CA ASN B 452 9.78 -60.26 48.62
C ASN B 452 10.62 -61.40 49.18
N ALA B 453 11.46 -61.08 50.15
CA ALA B 453 12.34 -62.03 50.82
C ALA B 453 12.66 -61.49 52.21
N PRO B 454 12.94 -62.37 53.18
CA PRO B 454 13.24 -61.90 54.54
C PRO B 454 14.57 -61.18 54.67
N ASN B 455 15.48 -61.29 53.70
CA ASN B 455 16.79 -60.68 53.82
C ASN B 455 17.32 -60.34 52.43
N HIS B 456 18.44 -59.61 52.41
CA HIS B 456 19.04 -59.20 51.15
C HIS B 456 19.52 -60.41 50.35
N GLU B 457 20.06 -61.42 51.03
CA GLU B 457 20.52 -62.62 50.34
C GLU B 457 19.37 -63.31 49.63
N GLY B 458 18.21 -63.39 50.27
CA GLY B 458 17.05 -63.96 49.61
C GLY B 458 16.62 -63.15 48.39
N ILE B 459 16.70 -61.82 48.49
CA ILE B 459 16.36 -60.96 47.37
C ILE B 459 17.29 -61.24 46.19
N GLN B 460 18.60 -61.32 46.47
CA GLN B 460 19.55 -61.61 45.40
C GLN B 460 19.33 -62.99 44.80
N ALA B 461 19.03 -63.98 45.65
CA ALA B 461 18.78 -65.32 45.15
C ALA B 461 17.55 -65.35 44.25
N GLY B 462 16.48 -64.65 44.66
CA GLY B 462 15.28 -64.59 43.82
C GLY B 462 15.53 -63.89 42.50
N VAL B 463 16.30 -62.79 42.54
CA VAL B 463 16.62 -62.08 41.30
C VAL B 463 17.43 -62.97 40.36
N ASP B 464 18.42 -63.67 40.91
CA ASP B 464 19.22 -64.58 40.08
C ASP B 464 18.38 -65.71 39.51
N ARG B 465 17.48 -66.27 40.32
CA ARG B 465 16.62 -67.34 39.84
C ARG B 465 15.71 -66.84 38.71
N PHE B 466 15.14 -65.64 38.87
CA PHE B 466 14.30 -65.08 37.81
C PHE B 466 15.11 -64.84 36.54
N TYR B 467 16.32 -64.32 36.68
CA TYR B 467 17.17 -64.08 35.51
C TYR B 467 17.50 -65.37 34.79
N ARG B 468 17.86 -66.42 35.54
CA ARG B 468 18.19 -67.70 34.92
C ARG B 468 16.96 -68.33 34.27
N THR B 469 15.80 -68.22 34.91
CA THR B 469 14.58 -68.75 34.32
C THR B 469 14.24 -68.03 33.02
N CYS B 470 14.40 -66.71 33.00
CA CYS B 470 14.18 -65.97 31.76
C CYS B 470 15.17 -66.38 30.69
N LYS B 471 16.43 -66.58 31.06
CA LYS B 471 17.43 -67.03 30.09
C LYS B 471 17.11 -68.41 29.53
N LEU B 472 16.50 -69.27 30.35
CA LEU B 472 16.14 -70.62 29.90
C LEU B 472 15.11 -70.59 28.78
N VAL B 473 14.32 -69.53 28.67
CA VAL B 473 13.26 -69.47 27.68
C VAL B 473 13.65 -68.61 26.47
N GLY B 474 14.66 -67.75 26.60
CA GLY B 474 15.04 -66.86 25.52
C GLY B 474 14.71 -65.43 25.82
N ILE B 475 14.65 -65.08 27.11
CA ILE B 475 14.34 -63.75 27.57
C ILE B 475 15.57 -63.18 28.25
N ASN B 476 16.06 -62.05 27.76
CA ASN B 476 17.25 -61.40 28.31
C ASN B 476 16.89 -60.06 28.91
N MET B 477 17.32 -59.83 30.14
CA MET B 477 17.06 -58.58 30.84
C MET B 477 18.22 -57.62 30.58
N SER B 478 17.91 -56.46 30.01
CA SER B 478 18.94 -55.46 29.71
C SER B 478 19.48 -54.89 31.02
N LYS B 479 20.74 -55.20 31.33
CA LYS B 479 21.33 -54.75 32.58
C LYS B 479 21.45 -53.22 32.62
N LYS B 480 21.79 -52.60 31.48
CA LYS B 480 21.94 -51.16 31.45
C LYS B 480 20.63 -50.45 31.75
N LYS B 481 19.53 -50.95 31.21
CA LYS B 481 18.23 -50.30 31.33
C LYS B 481 17.42 -50.78 32.53
N SER B 482 17.99 -51.65 33.36
CA SER B 482 17.29 -52.19 34.53
C SER B 482 17.95 -51.69 35.81
N TYR B 483 17.13 -51.37 36.80
CA TYR B 483 17.65 -50.96 38.10
C TYR B 483 16.69 -51.39 39.19
N ILE B 484 17.23 -51.56 40.39
CA ILE B 484 16.53 -52.13 41.53
C ILE B 484 16.59 -51.17 42.70
N ASN B 485 15.46 -50.96 43.36
CA ASN B 485 15.40 -50.14 44.56
C ASN B 485 14.36 -50.74 45.51
N ARG B 486 14.08 -50.03 46.60
CA ARG B 486 13.05 -50.47 47.53
C ARG B 486 11.66 -50.16 46.97
N THR B 487 10.68 -50.95 47.40
CA THR B 487 9.31 -50.77 46.92
C THR B 487 8.76 -49.41 47.31
N GLY B 488 8.02 -48.80 46.39
CA GLY B 488 7.38 -47.52 46.64
C GLY B 488 7.44 -46.58 45.45
N THR B 489 8.51 -46.68 44.66
CA THR B 489 8.67 -45.88 43.45
C THR B 489 9.19 -46.78 42.34
N PHE B 490 8.53 -46.75 41.19
CA PHE B 490 8.99 -47.52 40.03
C PHE B 490 8.35 -46.95 38.77
N GLU B 491 8.69 -47.55 37.64
CA GLU B 491 8.20 -47.12 36.34
C GLU B 491 7.83 -48.33 35.50
N PHE B 492 6.79 -48.17 34.68
CA PHE B 492 6.33 -49.24 33.80
C PHE B 492 5.61 -48.61 32.62
N THR B 493 6.18 -48.78 31.42
CA THR B 493 5.60 -48.25 30.18
C THR B 493 5.30 -46.76 30.29
N SER B 494 6.30 -45.99 30.72
CA SER B 494 6.22 -44.55 30.90
C SER B 494 5.20 -44.14 31.95
N PHE B 495 4.74 -45.09 32.76
CA PHE B 495 3.88 -44.80 33.90
C PHE B 495 4.73 -44.80 35.16
N PHE B 496 4.82 -43.66 35.83
CA PHE B 496 5.68 -43.48 36.98
C PHE B 496 4.83 -43.57 38.26
N TYR B 497 5.01 -44.65 39.02
CA TYR B 497 4.31 -44.84 40.27
C TYR B 497 5.20 -44.40 41.42
N ARG B 498 4.67 -43.54 42.29
CA ARG B 498 5.41 -43.03 43.43
C ARG B 498 4.43 -42.80 44.58
N TYR B 499 4.47 -43.69 45.57
CA TYR B 499 3.65 -43.56 46.78
C TYR B 499 2.16 -43.43 46.45
N GLY B 500 1.69 -44.21 45.48
CA GLY B 500 0.30 -44.22 45.11
C GLY B 500 -0.11 -43.24 44.03
N PHE B 501 0.82 -42.41 43.56
CA PHE B 501 0.53 -41.43 42.51
C PHE B 501 1.15 -41.91 41.20
N VAL B 502 0.33 -41.91 40.14
CA VAL B 502 0.76 -42.37 38.82
C VAL B 502 0.51 -41.26 37.82
N ALA B 503 1.51 -40.98 36.98
CA ALA B 503 1.41 -39.99 35.93
C ALA B 503 1.50 -40.68 34.57
N ASN B 504 0.51 -40.43 33.71
CA ASN B 504 0.45 -41.03 32.39
C ASN B 504 1.10 -40.08 31.38
N PHE B 505 2.33 -40.39 30.97
CA PHE B 505 3.09 -39.60 30.02
C PHE B 505 3.67 -40.49 28.94
N SER B 506 2.84 -41.40 28.42
CA SER B 506 3.27 -42.37 27.43
C SER B 506 2.87 -42.00 26.01
N MET B 507 2.40 -40.77 25.80
CA MET B 507 1.97 -40.32 24.47
C MET B 507 2.43 -38.89 24.26
N GLU B 508 2.23 -38.40 23.04
CA GLU B 508 2.62 -37.05 22.65
C GLU B 508 1.37 -36.25 22.25
N LEU B 509 1.33 -35.01 22.67
CA LEU B 509 0.17 -34.17 22.38
C LEU B 509 0.08 -33.91 20.87
N PRO B 510 -1.12 -33.94 20.29
CA PRO B 510 -1.25 -33.69 18.85
C PRO B 510 -1.07 -32.22 18.52
N SER B 511 -1.20 -31.90 17.24
CA SER B 511 -1.01 -30.53 16.77
C SER B 511 -2.17 -29.62 17.14
N PHE B 512 -3.38 -30.17 17.27
CA PHE B 512 -4.59 -29.40 17.58
C PHE B 512 -4.81 -28.30 16.55
N GLY B 513 -4.99 -28.73 15.29
CA GLY B 513 -5.22 -27.83 14.19
C GLY B 513 -6.42 -28.27 13.38
N VAL B 514 -6.71 -27.49 12.33
CA VAL B 514 -7.83 -27.79 11.46
C VAL B 514 -7.57 -29.08 10.69
N SER B 515 -8.65 -29.81 10.40
CA SER B 515 -8.52 -31.06 9.67
C SER B 515 -8.47 -30.84 8.16
N GLY B 516 -9.29 -29.92 7.65
CA GLY B 516 -9.26 -29.60 6.24
C GLY B 516 -10.31 -30.28 5.40
N ILE B 517 -11.56 -30.28 5.87
CA ILE B 517 -12.67 -30.86 5.12
C ILE B 517 -13.67 -29.75 4.83
N ASN B 518 -14.24 -29.18 5.87
CA ASN B 518 -15.15 -28.04 5.77
C ASN B 518 -15.16 -27.35 7.14
N GLU B 519 -16.14 -26.48 7.35
CA GLU B 519 -16.17 -25.70 8.59
C GLU B 519 -16.71 -26.53 9.75
N SER B 520 -17.96 -26.99 9.63
CA SER B 520 -18.59 -27.73 10.73
C SER B 520 -17.86 -29.03 11.03
N ALA B 521 -17.43 -29.74 9.98
CA ALA B 521 -16.71 -30.99 10.19
C ALA B 521 -15.40 -30.76 10.92
N ASP B 522 -14.65 -29.73 10.52
CA ASP B 522 -13.38 -29.44 11.20
C ASP B 522 -13.61 -29.04 12.65
N MET B 523 -14.64 -28.22 12.91
CA MET B 523 -14.92 -27.83 14.29
C MET B 523 -15.27 -29.04 15.15
N SER B 524 -16.16 -29.90 14.63
CA SER B 524 -16.55 -31.09 15.39
C SER B 524 -15.37 -32.02 15.62
N VAL B 525 -14.54 -32.22 14.59
CA VAL B 525 -13.41 -33.11 14.73
C VAL B 525 -12.41 -32.57 15.75
N GLY B 526 -12.14 -31.26 15.71
CA GLY B 526 -11.23 -30.69 16.69
C GLY B 526 -11.75 -30.81 18.12
N VAL B 527 -13.04 -30.52 18.32
CA VAL B 527 -13.61 -30.64 19.66
C VAL B 527 -13.57 -32.09 20.13
N THR B 528 -13.91 -33.03 19.25
CA THR B 528 -13.87 -34.44 19.63
C THR B 528 -12.46 -34.90 19.95
N VAL B 529 -11.47 -34.42 19.19
CA VAL B 529 -10.07 -34.78 19.45
C VAL B 529 -9.65 -34.25 20.82
N ILE B 530 -10.02 -33.01 21.13
CA ILE B 530 -9.68 -32.45 22.44
C ILE B 530 -10.32 -33.27 23.55
N LYS B 531 -11.59 -33.62 23.38
CA LYS B 531 -12.29 -34.40 24.40
C LYS B 531 -11.65 -35.77 24.58
N ASN B 532 -11.30 -36.44 23.48
CA ASN B 532 -10.69 -37.76 23.56
C ASN B 532 -9.33 -37.70 24.22
N ASN B 533 -8.54 -36.67 23.90
CA ASN B 533 -7.24 -36.52 24.55
C ASN B 533 -7.41 -36.26 26.04
N MET B 534 -8.41 -35.47 26.42
CA MET B 534 -8.65 -35.21 27.83
C MET B 534 -9.08 -36.46 28.57
N ILE B 535 -9.93 -37.29 27.95
CA ILE B 535 -10.47 -38.45 28.64
C ILE B 535 -9.50 -39.63 28.64
N ASN B 536 -8.55 -39.68 27.72
CA ASN B 536 -7.64 -40.82 27.60
C ASN B 536 -6.21 -40.49 28.01
N ASN B 537 -5.62 -39.45 27.44
CA ASN B 537 -4.23 -39.11 27.69
C ASN B 537 -4.02 -38.35 28.99
N ASP B 538 -5.05 -38.27 29.84
CA ASP B 538 -4.96 -37.58 31.13
C ASP B 538 -4.55 -36.12 30.95
N LEU B 539 -5.10 -35.46 29.93
CA LEU B 539 -4.81 -34.07 29.67
C LEU B 539 -5.38 -33.19 30.79
N GLY B 540 -4.59 -32.20 31.21
CA GLY B 540 -5.02 -31.29 32.24
C GLY B 540 -6.13 -30.37 31.79
N PRO B 541 -6.95 -29.90 32.74
CA PRO B 541 -8.05 -28.99 32.36
C PRO B 541 -7.56 -27.66 31.80
N ALA B 542 -6.57 -27.03 32.45
CA ALA B 542 -6.03 -25.79 31.93
C ALA B 542 -5.35 -26.01 30.58
N THR B 543 -4.63 -27.12 30.43
CA THR B 543 -4.04 -27.45 29.15
C THR B 543 -5.12 -27.67 28.09
N ALA B 544 -6.22 -28.32 28.47
CA ALA B 544 -7.32 -28.50 27.52
C ALA B 544 -7.92 -27.17 27.10
N GLN B 545 -8.08 -26.24 28.04
CA GLN B 545 -8.61 -24.92 27.69
C GLN B 545 -7.67 -24.17 26.77
N MET B 546 -6.36 -24.25 27.04
CA MET B 546 -5.39 -23.59 26.17
C MET B 546 -5.41 -24.21 24.77
N ALA B 547 -5.51 -25.54 24.69
CA ALA B 547 -5.60 -26.20 23.40
C ALA B 547 -6.86 -25.78 22.65
N LEU B 548 -7.98 -25.65 23.37
CA LEU B 548 -9.21 -25.18 22.74
C LEU B 548 -9.03 -23.76 22.19
N GLN B 549 -8.38 -22.88 22.97
CA GLN B 549 -8.14 -21.53 22.49
C GLN B 549 -7.27 -21.52 21.25
N LEU B 550 -6.21 -22.32 21.24
CA LEU B 550 -5.33 -22.37 20.07
C LEU B 550 -6.07 -22.91 18.85
N PHE B 551 -6.89 -23.95 19.05
CA PHE B 551 -7.65 -24.51 17.94
C PHE B 551 -8.65 -23.50 17.40
N ILE B 552 -9.31 -22.75 18.29
CA ILE B 552 -10.26 -21.72 17.84
C ILE B 552 -9.53 -20.65 17.04
N LYS B 553 -8.36 -20.22 17.52
CA LYS B 553 -7.58 -19.22 16.79
C LYS B 553 -7.21 -19.73 15.40
N ASP B 554 -6.72 -20.97 15.32
CA ASP B 554 -6.33 -21.53 14.02
C ASP B 554 -7.54 -21.66 13.10
N TYR B 555 -8.67 -22.10 13.64
CA TYR B 555 -9.89 -22.25 12.84
C TYR B 555 -10.35 -20.91 12.28
N ARG B 556 -10.38 -19.88 13.14
CA ARG B 556 -10.80 -18.56 12.69
C ARG B 556 -9.85 -17.98 11.66
N TYR B 557 -8.54 -18.17 11.84
CA TYR B 557 -7.58 -17.65 10.88
C TYR B 557 -7.67 -18.39 9.55
N THR B 558 -7.93 -19.69 9.60
CA THR B 558 -7.98 -20.48 8.37
C THR B 558 -9.23 -20.17 7.56
N TYR B 559 -10.38 -20.11 8.23
CA TYR B 559 -11.65 -19.94 7.54
C TYR B 559 -12.10 -18.48 7.48
N ARG B 560 -11.26 -17.55 7.92
CA ARG B 560 -11.57 -16.11 7.90
C ARG B 560 -12.87 -15.80 8.62
N CYS B 561 -13.25 -16.64 9.58
CA CYS B 561 -14.51 -16.46 10.31
C CYS B 561 -14.25 -15.78 11.65
N HIS B 562 -13.77 -14.55 11.58
CA HIS B 562 -13.54 -13.76 12.78
C HIS B 562 -14.86 -13.22 13.32
N ARG B 563 -14.82 -12.78 14.58
CA ARG B 563 -16.01 -12.28 15.23
C ARG B 563 -16.47 -10.97 14.57
N GLY B 564 -17.78 -10.74 14.63
CA GLY B 564 -18.37 -9.59 13.96
C GLY B 564 -18.08 -8.26 14.62
N ASP B 565 -17.53 -8.26 15.84
CA ASP B 565 -17.17 -7.03 16.54
C ASP B 565 -15.67 -6.77 16.50
N THR B 566 -14.94 -7.43 15.62
CA THR B 566 -13.50 -7.28 15.51
C THR B 566 -13.15 -6.26 14.44
N GLN B 567 -11.88 -5.88 14.41
CA GLN B 567 -11.35 -4.89 13.46
C GLN B 567 -10.34 -5.51 12.51
N ILE B 568 -10.61 -6.72 12.04
CA ILE B 568 -9.74 -7.42 11.10
C ILE B 568 -10.39 -7.38 9.73
N GLN B 569 -9.62 -6.99 8.72
CA GLN B 569 -10.13 -6.82 7.36
C GLN B 569 -9.84 -8.08 6.55
N THR B 570 -10.90 -8.74 6.11
CA THR B 570 -10.81 -9.91 5.24
C THR B 570 -11.83 -9.77 4.12
N ARG B 571 -11.92 -10.80 3.27
CA ARG B 571 -12.92 -10.78 2.21
C ARG B 571 -14.32 -11.05 2.75
N ARG B 572 -14.43 -11.77 3.86
CA ARG B 572 -15.70 -12.05 4.49
C ARG B 572 -16.08 -11.03 5.55
N ALA B 573 -15.27 -9.98 5.74
CA ALA B 573 -15.50 -9.03 6.83
C ALA B 573 -16.83 -8.30 6.65
N PHE B 574 -17.14 -7.88 5.42
CA PHE B 574 -18.36 -7.09 5.20
C PHE B 574 -19.60 -7.93 5.45
N GLU B 575 -19.64 -9.15 4.91
CA GLU B 575 -20.80 -10.00 5.11
C GLU B 575 -20.97 -10.37 6.58
N LEU B 576 -19.87 -10.67 7.27
CA LEU B 576 -19.95 -11.00 8.69
C LEU B 576 -20.44 -9.80 9.50
N LYS B 577 -19.98 -8.59 9.16
CA LYS B 577 -20.46 -7.40 9.84
C LYS B 577 -21.95 -7.19 9.61
N LYS B 578 -22.40 -7.39 8.37
CA LYS B 578 -23.82 -7.25 8.08
C LYS B 578 -24.65 -8.26 8.88
N LEU B 579 -24.17 -9.50 8.96
CA LEU B 579 -24.87 -10.51 9.74
C LEU B 579 -24.88 -10.17 11.22
N TRP B 580 -23.75 -9.63 11.73
CA TRP B 580 -23.67 -9.29 13.15
C TRP B 580 -24.63 -8.17 13.51
N GLU B 581 -24.63 -7.10 12.72
CA GLU B 581 -25.56 -6.00 12.98
C GLU B 581 -27.01 -6.36 12.67
N GLN B 582 -27.24 -7.39 11.84
CA GLN B 582 -28.60 -7.77 11.53
C GLN B 582 -29.26 -8.52 12.70
N THR B 583 -28.51 -9.40 13.35
CA THR B 583 -29.08 -10.25 14.38
C THR B 583 -29.16 -9.51 15.72
N ARG B 584 -29.94 -10.08 16.64
CA ARG B 584 -30.11 -9.54 17.98
C ARG B 584 -29.42 -10.39 19.04
N SER B 585 -29.63 -11.70 19.02
CA SER B 585 -28.99 -12.61 19.95
C SER B 585 -27.62 -12.98 19.38
N LYS B 586 -26.57 -12.33 19.88
CA LYS B 586 -25.23 -12.55 19.35
C LYS B 586 -24.75 -13.96 19.65
N ALA B 587 -25.11 -14.50 20.82
CA ALA B 587 -24.66 -15.84 21.21
C ALA B 587 -25.23 -16.95 20.34
N GLY B 588 -26.27 -16.66 19.56
CA GLY B 588 -26.86 -17.67 18.71
C GLY B 588 -26.14 -17.92 17.40
N LEU B 589 -25.13 -17.11 17.09
CA LEU B 589 -24.37 -17.27 15.85
C LEU B 589 -23.25 -18.29 16.04
N LEU B 590 -23.03 -19.10 15.01
CA LEU B 590 -21.94 -20.06 15.04
C LEU B 590 -20.60 -19.36 14.89
N VAL B 591 -19.53 -20.08 15.24
CA VAL B 591 -18.19 -19.54 15.08
C VAL B 591 -17.88 -19.31 13.60
N SER B 592 -18.40 -20.19 12.73
CA SER B 592 -18.21 -20.01 11.30
C SER B 592 -18.89 -18.75 10.78
N ASP B 593 -19.81 -18.17 11.54
CA ASP B 593 -20.51 -16.95 11.14
C ASP B 593 -20.17 -15.79 12.07
N GLY B 594 -18.99 -15.85 12.69
CA GLY B 594 -18.55 -14.76 13.55
C GLY B 594 -19.13 -14.76 14.94
N GLY B 595 -19.80 -15.84 15.35
CA GLY B 595 -20.37 -15.90 16.68
C GLY B 595 -19.31 -16.14 17.74
N PRO B 596 -19.71 -15.91 18.99
CA PRO B 596 -18.77 -16.14 20.10
C PRO B 596 -18.55 -17.62 20.34
N ASN B 597 -17.42 -17.92 20.96
CA ASN B 597 -17.03 -19.30 21.27
C ASN B 597 -17.57 -19.66 22.65
N LEU B 598 -18.64 -20.42 22.70
CA LEU B 598 -19.25 -20.85 23.95
C LEU B 598 -18.74 -22.21 24.42
N TYR B 599 -17.83 -22.84 23.67
CA TYR B 599 -17.33 -24.15 24.04
C TYR B 599 -16.48 -24.07 25.30
N ASN B 600 -16.56 -25.11 26.13
CA ASN B 600 -15.75 -25.22 27.33
C ASN B 600 -15.57 -26.70 27.64
N ILE B 601 -15.02 -26.99 28.82
CA ILE B 601 -14.74 -28.38 29.20
C ILE B 601 -16.04 -29.16 29.32
N ARG B 602 -17.05 -28.58 29.97
CA ARG B 602 -18.31 -29.27 30.20
C ARG B 602 -19.13 -29.47 28.92
N ASN B 603 -18.79 -28.81 27.83
CA ASN B 603 -19.58 -28.86 26.60
C ASN B 603 -18.84 -29.54 25.45
N LEU B 604 -17.74 -30.24 25.72
CA LEU B 604 -16.96 -30.84 24.64
C LEU B 604 -17.67 -32.00 23.98
N HIS B 605 -18.71 -32.56 24.60
CA HIS B 605 -19.42 -33.70 24.05
C HIS B 605 -20.69 -33.31 23.29
N ILE B 606 -20.93 -32.02 23.12
CA ILE B 606 -22.14 -31.51 22.48
C ILE B 606 -21.75 -30.85 21.16
N PRO B 607 -22.43 -31.17 20.05
CA PRO B 607 -22.13 -30.49 18.79
C PRO B 607 -22.46 -29.00 18.88
N GLU B 608 -21.74 -28.21 18.07
CA GLU B 608 -21.90 -26.76 18.13
C GLU B 608 -23.31 -26.34 17.73
N VAL B 609 -23.87 -26.98 16.70
CA VAL B 609 -25.21 -26.60 16.24
C VAL B 609 -26.24 -26.86 17.33
N CYS B 610 -26.15 -28.02 17.98
CA CYS B 610 -27.09 -28.34 19.05
C CYS B 610 -26.82 -27.52 20.30
N LEU B 611 -25.55 -27.17 20.55
CA LEU B 611 -25.22 -26.39 21.74
C LEU B 611 -25.85 -25.01 21.70
N LYS B 612 -25.81 -24.36 20.53
CA LYS B 612 -26.32 -23.00 20.37
C LYS B 612 -27.71 -22.96 19.75
N TRP B 613 -28.38 -24.10 19.63
CA TRP B 613 -29.66 -24.15 18.94
C TRP B 613 -30.71 -23.28 19.64
N GLU B 614 -30.75 -23.33 20.97
CA GLU B 614 -31.76 -22.58 21.71
C GLU B 614 -31.50 -21.08 21.72
N LEU B 615 -30.32 -20.64 21.30
CA LEU B 615 -30.00 -19.21 21.26
C LEU B 615 -30.12 -18.59 19.88
N MET B 616 -30.33 -19.41 18.84
CA MET B 616 -30.44 -18.88 17.49
C MET B 616 -31.75 -18.12 17.31
N ASP B 617 -31.72 -17.11 16.45
CA ASP B 617 -32.93 -16.41 16.07
C ASP B 617 -33.75 -17.28 15.12
N GLU B 618 -35.04 -16.95 15.00
CA GLU B 618 -35.94 -17.74 14.17
C GLU B 618 -35.50 -17.72 12.71
N ASP B 619 -35.28 -16.53 12.16
CA ASP B 619 -34.86 -16.41 10.76
C ASP B 619 -33.48 -17.02 10.54
N TYR B 620 -32.57 -16.80 11.50
CA TYR B 620 -31.21 -17.33 11.34
C TYR B 620 -31.21 -18.85 11.30
N GLN B 621 -31.96 -19.48 12.21
CA GLN B 621 -32.00 -20.94 12.22
C GLN B 621 -32.83 -21.48 11.06
N GLY B 622 -33.80 -20.72 10.57
CA GLY B 622 -34.54 -21.14 9.39
C GLY B 622 -33.66 -21.14 8.14
N ARG B 623 -32.84 -20.10 7.98
CA ARG B 623 -31.96 -20.04 6.82
C ARG B 623 -30.78 -20.98 6.93
N LEU B 624 -30.25 -21.18 8.13
CA LEU B 624 -29.02 -21.96 8.30
C LEU B 624 -29.21 -23.42 7.88
N CYS B 625 -30.32 -24.03 8.26
CA CYS B 625 -30.58 -25.44 7.98
C CYS B 625 -31.69 -25.62 6.95
N ASN B 626 -31.75 -24.72 5.98
CA ASN B 626 -32.74 -24.84 4.91
C ASN B 626 -32.43 -26.05 4.04
N PRO B 627 -33.39 -26.94 3.80
CA PRO B 627 -33.09 -28.14 2.99
C PRO B 627 -32.94 -27.86 1.50
N MET B 628 -33.26 -26.65 1.04
CA MET B 628 -33.17 -26.31 -0.37
C MET B 628 -31.92 -25.51 -0.71
N ASN B 629 -30.95 -25.43 0.20
CA ASN B 629 -29.73 -24.71 -0.09
C ASN B 629 -28.92 -25.44 -1.16
N PRO B 630 -28.22 -24.70 -2.03
CA PRO B 630 -27.46 -25.34 -3.10
C PRO B 630 -26.16 -25.99 -2.65
N PHE B 631 -25.67 -25.66 -1.46
CA PHE B 631 -24.39 -26.19 -1.01
C PHE B 631 -24.48 -27.66 -0.60
N VAL B 632 -25.67 -28.12 -0.22
CA VAL B 632 -25.88 -29.49 0.22
C VAL B 632 -26.69 -30.21 -0.85
N SER B 633 -26.17 -31.33 -1.33
CA SER B 633 -26.86 -32.12 -2.35
C SER B 633 -27.49 -33.38 -1.74
N ALA B 659 -22.70 -34.81 12.65
CA ALA B 659 -23.07 -33.40 12.68
C ALA B 659 -24.31 -33.14 11.84
N VAL B 660 -24.94 -31.99 12.06
CA VAL B 660 -26.14 -31.62 11.32
C VAL B 660 -25.73 -31.03 9.97
N ALA B 661 -26.42 -31.46 8.91
CA ALA B 661 -26.11 -31.02 7.55
C ALA B 661 -26.67 -29.62 7.36
N THR B 662 -25.83 -28.62 7.54
CA THR B 662 -26.19 -27.22 7.36
C THR B 662 -25.51 -26.66 6.12
N THR B 663 -25.69 -25.36 5.91
CA THR B 663 -25.09 -24.70 4.74
C THR B 663 -23.57 -24.67 4.81
N HIS B 664 -22.99 -24.83 5.99
CA HIS B 664 -21.54 -24.80 6.15
C HIS B 664 -20.87 -26.10 5.73
N SER B 665 -21.65 -27.15 5.47
CA SER B 665 -21.09 -28.44 5.07
C SER B 665 -21.03 -28.52 3.54
N TRP B 666 -20.20 -27.65 2.97
CA TRP B 666 -20.02 -27.60 1.53
C TRP B 666 -18.93 -28.58 1.11
N ILE B 667 -18.71 -28.69 -0.19
CA ILE B 667 -17.72 -29.59 -0.77
C ILE B 667 -16.75 -28.77 -1.60
N PRO B 668 -15.45 -28.80 -1.31
CA PRO B 668 -14.48 -28.07 -2.11
C PRO B 668 -14.16 -28.82 -3.40
N LYS B 669 -13.27 -28.24 -4.19
CA LYS B 669 -12.83 -28.85 -5.45
C LYS B 669 -11.48 -29.53 -5.27
N ARG B 670 -11.25 -30.57 -6.06
CA ARG B 670 -10.01 -31.32 -6.00
C ARG B 670 -8.85 -30.53 -6.58
N LYS C 41 -2.06 -35.29 0.69
CA LYS C 41 -0.92 -35.54 1.57
C LYS C 41 -1.12 -34.85 2.91
N ASN C 42 -1.12 -33.51 2.90
CA ASN C 42 -1.36 -32.72 4.09
C ASN C 42 -2.67 -31.95 3.92
N PRO C 43 -3.77 -32.41 4.50
CA PRO C 43 -5.06 -31.73 4.29
C PRO C 43 -5.10 -30.29 4.79
N ALA C 44 -4.36 -29.97 5.84
CA ALA C 44 -4.42 -28.63 6.41
C ALA C 44 -3.86 -27.59 5.45
N LEU C 45 -2.68 -27.85 4.89
CA LEU C 45 -2.08 -26.91 3.95
C LEU C 45 -2.93 -26.79 2.69
N ARG C 46 -3.48 -27.91 2.21
CA ARG C 46 -4.36 -27.86 1.04
C ARG C 46 -5.59 -27.02 1.32
N MET C 47 -6.19 -27.19 2.50
CA MET C 47 -7.36 -26.40 2.85
C MET C 47 -7.03 -24.91 2.94
N LYS C 48 -5.89 -24.57 3.55
CA LYS C 48 -5.50 -23.17 3.63
C LYS C 48 -5.27 -22.57 2.24
N TRP C 49 -4.57 -23.32 1.37
CA TRP C 49 -4.33 -22.83 0.02
C TRP C 49 -5.63 -22.66 -0.76
N MET C 50 -6.55 -23.61 -0.61
CA MET C 50 -7.83 -23.53 -1.32
C MET C 50 -8.66 -22.35 -0.81
N MET C 51 -8.67 -22.12 0.50
CA MET C 51 -9.41 -20.98 1.04
C MET C 51 -8.75 -19.67 0.66
N ALA C 52 -7.44 -19.67 0.42
CA ALA C 52 -6.77 -18.46 -0.05
C ALA C 52 -7.14 -18.10 -1.48
N MET C 53 -7.80 -18.97 -2.21
CA MET C 53 -8.20 -18.70 -3.58
C MET C 53 -9.48 -17.86 -3.59
N LYS C 54 -10.09 -17.70 -4.76
CA LYS C 54 -11.28 -16.88 -4.92
C LYS C 54 -12.58 -17.69 -4.90
N TYR C 55 -12.62 -18.83 -5.60
CA TYR C 55 -13.82 -19.64 -5.71
C TYR C 55 -13.48 -21.08 -5.35
N PRO C 56 -13.38 -21.40 -4.05
CA PRO C 56 -12.98 -22.74 -3.66
C PRO C 56 -14.13 -23.74 -3.59
N ILE C 57 -15.34 -23.26 -3.35
CA ILE C 57 -16.49 -24.15 -3.15
C ILE C 57 -17.11 -24.47 -4.49
N THR C 58 -17.65 -25.67 -4.63
CA THR C 58 -18.45 -26.04 -5.80
C THR C 58 -19.92 -26.11 -5.41
N ALA C 59 -20.80 -25.80 -6.36
CA ALA C 59 -22.22 -25.76 -6.09
C ALA C 59 -22.99 -26.02 -7.38
N ASP C 60 -24.28 -26.31 -7.23
CA ASP C 60 -25.13 -26.55 -8.38
C ASP C 60 -25.40 -25.24 -9.13
N LYS C 61 -25.77 -25.37 -10.40
CA LYS C 61 -26.06 -24.21 -11.23
C LYS C 61 -27.27 -23.43 -10.73
N ARG C 62 -28.16 -24.08 -9.96
CA ARG C 62 -29.36 -23.41 -9.47
C ARG C 62 -29.01 -22.20 -8.60
N ILE C 63 -27.83 -22.21 -7.96
CA ILE C 63 -27.41 -21.08 -7.14
C ILE C 63 -27.30 -19.81 -7.96
N MET C 64 -27.22 -19.91 -9.29
CA MET C 64 -27.19 -18.72 -10.12
C MET C 64 -28.48 -17.92 -10.05
N GLU C 65 -29.56 -18.52 -9.57
CA GLU C 65 -30.86 -17.86 -9.52
C GLU C 65 -31.23 -17.36 -8.13
N MET C 66 -30.89 -18.11 -7.08
CA MET C 66 -31.30 -17.72 -5.74
C MET C 66 -30.50 -16.53 -5.21
N ILE C 67 -29.25 -16.40 -5.61
CA ILE C 67 -28.41 -15.31 -5.10
C ILE C 67 -27.89 -14.47 -6.26
N PRO C 68 -27.67 -13.18 -6.06
CA PRO C 68 -27.10 -12.35 -7.13
C PRO C 68 -25.61 -12.61 -7.31
N GLU C 69 -25.14 -12.30 -8.52
CA GLU C 69 -23.73 -12.50 -8.82
C GLU C 69 -22.84 -11.53 -8.05
N ARG C 70 -23.32 -10.31 -7.82
CA ARG C 70 -22.54 -9.27 -7.18
C ARG C 70 -23.19 -8.87 -5.86
N ASN C 71 -22.34 -8.49 -4.90
CA ASN C 71 -22.80 -8.00 -3.61
C ASN C 71 -23.23 -6.53 -3.74
N GLU C 72 -23.83 -6.01 -2.65
CA GLU C 72 -24.15 -4.61 -2.60
C GLU C 72 -22.90 -3.74 -2.57
N GLN C 73 -21.77 -4.29 -2.13
CA GLN C 73 -20.48 -3.60 -2.18
C GLN C 73 -19.74 -3.87 -3.48
N GLY C 74 -20.27 -4.73 -4.35
CA GLY C 74 -19.64 -5.04 -5.61
C GLY C 74 -18.84 -6.32 -5.64
N GLN C 75 -18.71 -7.01 -4.51
CA GLN C 75 -17.96 -8.26 -4.47
C GLN C 75 -18.71 -9.37 -5.21
N THR C 76 -17.97 -10.19 -5.95
CA THR C 76 -18.57 -11.30 -6.66
C THR C 76 -18.88 -12.45 -5.72
N LEU C 77 -19.95 -13.17 -6.02
CA LEU C 77 -20.38 -14.32 -5.22
C LEU C 77 -20.16 -15.65 -5.91
N TRP C 78 -20.34 -15.72 -7.22
CA TRP C 78 -20.11 -16.96 -7.96
C TRP C 78 -19.62 -16.63 -9.35
N SER C 79 -18.99 -17.62 -9.98
CA SER C 79 -18.39 -17.46 -11.29
C SER C 79 -19.14 -18.30 -12.32
N LYS C 80 -19.23 -17.76 -13.54
CA LYS C 80 -19.93 -18.44 -14.63
C LYS C 80 -19.14 -19.62 -15.20
N THR C 81 -17.82 -19.64 -15.00
CA THR C 81 -17.00 -20.69 -15.59
C THR C 81 -17.38 -22.05 -15.01
N ASN C 82 -17.25 -23.09 -15.84
CA ASN C 82 -17.67 -24.43 -15.48
C ASN C 82 -16.47 -25.24 -15.01
N ASP C 83 -16.67 -26.00 -13.93
CA ASP C 83 -15.62 -26.88 -13.43
C ASP C 83 -15.48 -28.11 -14.33
N ALA C 84 -14.36 -28.79 -14.19
CA ALA C 84 -14.06 -29.98 -14.97
C ALA C 84 -14.65 -31.21 -14.27
N GLY C 85 -15.47 -31.97 -14.99
CA GLY C 85 -16.07 -33.16 -14.45
C GLY C 85 -17.57 -33.19 -14.55
N SER C 86 -18.20 -32.03 -14.39
CA SER C 86 -19.66 -31.93 -14.42
C SER C 86 -20.02 -30.47 -14.70
N ASP C 87 -21.31 -30.15 -14.54
CA ASP C 87 -21.82 -28.82 -14.80
C ASP C 87 -21.84 -27.92 -13.56
N ARG C 88 -21.30 -28.39 -12.44
CA ARG C 88 -21.29 -27.59 -11.23
C ARG C 88 -20.42 -26.34 -11.41
N VAL C 89 -20.85 -25.26 -10.78
CA VAL C 89 -20.19 -23.98 -10.89
C VAL C 89 -19.42 -23.69 -9.60
N MET C 90 -18.63 -22.62 -9.63
CA MET C 90 -17.77 -22.23 -8.53
C MET C 90 -18.46 -21.16 -7.68
N VAL C 91 -18.18 -21.21 -6.37
CA VAL C 91 -18.81 -20.35 -5.39
C VAL C 91 -17.81 -20.06 -4.28
N SER C 92 -17.74 -18.79 -3.87
CA SER C 92 -16.91 -18.31 -2.78
C SER C 92 -17.66 -18.40 -1.46
N PRO C 93 -16.94 -18.42 -0.33
CA PRO C 93 -17.63 -18.44 0.98
C PRO C 93 -18.47 -17.19 1.24
N LEU C 94 -18.20 -16.10 0.52
CA LEU C 94 -19.06 -14.92 0.62
C LEU C 94 -20.50 -15.26 0.28
N ALA C 95 -20.69 -16.16 -0.69
CA ALA C 95 -22.05 -16.60 -1.01
C ALA C 95 -22.69 -17.34 0.14
N VAL C 96 -21.90 -18.17 0.85
CA VAL C 96 -22.43 -18.88 2.01
C VAL C 96 -22.87 -17.90 3.08
N THR C 97 -22.05 -16.89 3.36
CA THR C 97 -22.41 -15.90 4.36
C THR C 97 -23.64 -15.10 3.93
N TRP C 98 -23.72 -14.76 2.63
CA TRP C 98 -24.87 -14.04 2.13
C TRP C 98 -26.14 -14.85 2.29
N TRP C 99 -26.08 -16.15 1.97
CA TRP C 99 -27.24 -17.02 2.16
C TRP C 99 -27.62 -17.10 3.63
N ASN C 100 -26.62 -17.17 4.52
CA ASN C 100 -26.90 -17.22 5.94
C ASN C 100 -27.61 -15.96 6.42
N ARG C 101 -27.18 -14.80 5.93
CA ARG C 101 -27.77 -13.54 6.36
C ARG C 101 -28.91 -13.08 5.46
N ASN C 102 -29.03 -13.62 4.25
CA ASN C 102 -30.11 -13.24 3.34
C ASN C 102 -30.46 -14.45 2.48
N GLY C 103 -31.60 -15.06 2.75
CA GLY C 103 -32.03 -16.21 1.99
C GLY C 103 -33.43 -16.65 2.37
N PRO C 104 -33.98 -17.61 1.62
CA PRO C 104 -35.33 -18.11 1.94
C PRO C 104 -35.35 -18.75 3.32
N THR C 105 -36.42 -18.48 4.06
CA THR C 105 -36.59 -19.03 5.39
C THR C 105 -37.85 -19.88 5.44
N THR C 106 -37.75 -21.04 6.08
CA THR C 106 -38.86 -21.98 6.19
C THR C 106 -38.94 -22.50 7.62
N SER C 107 -40.13 -23.00 7.98
CA SER C 107 -40.34 -23.55 9.32
C SER C 107 -39.65 -24.90 9.45
N THR C 108 -38.43 -24.89 9.98
CA THR C 108 -37.63 -26.10 10.15
C THR C 108 -37.59 -26.46 11.62
N VAL C 109 -38.47 -27.37 12.04
CA VAL C 109 -38.50 -27.86 13.40
C VAL C 109 -38.24 -29.35 13.52
N HIS C 110 -38.08 -30.06 12.40
CA HIS C 110 -37.82 -31.49 12.44
C HIS C 110 -36.37 -31.81 12.79
N TYR C 111 -35.45 -30.86 12.65
CA TYR C 111 -34.05 -31.13 12.90
C TYR C 111 -33.77 -31.59 14.33
N PRO C 112 -34.31 -30.95 15.39
CA PRO C 112 -34.10 -31.50 16.74
C PRO C 112 -34.77 -32.84 16.95
N LYS C 113 -35.73 -33.23 16.11
CA LYS C 113 -36.44 -34.49 16.28
C LYS C 113 -35.69 -35.65 15.66
N VAL C 114 -35.38 -35.57 14.36
CA VAL C 114 -34.70 -36.67 13.68
C VAL C 114 -33.27 -36.81 14.21
N TYR C 115 -32.61 -35.70 14.51
CA TYR C 115 -31.27 -35.74 15.09
C TYR C 115 -31.43 -35.76 16.61
N LYS C 116 -31.25 -36.94 17.20
CA LYS C 116 -31.37 -37.13 18.65
C LYS C 116 -30.04 -37.41 19.33
N THR C 117 -29.17 -38.21 18.70
CA THR C 117 -27.86 -38.47 19.29
C THR C 117 -27.04 -37.19 19.38
N TYR C 118 -27.07 -36.36 18.34
CA TYR C 118 -26.38 -35.08 18.39
C TYR C 118 -27.09 -34.09 19.30
N PHE C 119 -28.41 -34.15 19.37
CA PHE C 119 -29.18 -33.28 20.24
C PHE C 119 -29.48 -33.94 21.57
N GLU E 204 20.20 62.56 -45.21
CA GLU E 204 18.98 61.79 -45.02
C GLU E 204 17.84 62.35 -45.86
N ARG E 205 17.30 61.50 -46.74
CA ARG E 205 16.19 61.88 -47.60
C ARG E 205 15.12 60.78 -47.56
N PHE E 206 13.86 61.20 -47.67
CA PHE E 206 12.74 60.27 -47.69
C PHE E 206 11.65 60.90 -48.53
N GLU E 207 11.58 60.51 -49.80
CA GLU E 207 10.63 61.09 -50.74
C GLU E 207 9.34 60.27 -50.78
N ILE E 208 8.35 60.81 -51.49
CA ILE E 208 7.05 60.19 -51.64
C ILE E 208 6.88 59.80 -53.11
N THR E 209 6.56 58.53 -53.34
CA THR E 209 6.39 58.02 -54.70
C THR E 209 4.98 58.30 -55.20
N GLY E 210 4.74 57.98 -56.47
CA GLY E 210 3.46 58.29 -57.08
C GLY E 210 2.29 57.57 -56.43
N THR E 211 2.46 56.28 -56.15
CA THR E 211 1.39 55.52 -55.50
C THR E 211 1.08 56.09 -54.13
N MET E 212 2.13 56.35 -53.33
CA MET E 212 1.91 56.95 -52.01
C MET E 212 1.44 58.39 -52.12
N ARG E 213 1.85 59.10 -53.17
CA ARG E 213 1.33 60.45 -53.36
C ARG E 213 -0.18 60.43 -53.59
N ARG E 214 -0.66 59.51 -54.43
CA ARG E 214 -2.09 59.36 -54.64
C ARG E 214 -2.80 58.91 -53.36
N LEU E 215 -2.18 57.99 -52.62
CA LEU E 215 -2.78 57.54 -51.37
C LEU E 215 -2.92 58.68 -50.38
N ALA E 216 -1.90 59.53 -50.28
CA ALA E 216 -1.97 60.70 -49.41
C ALA E 216 -3.05 61.66 -49.89
N ASP E 217 -3.09 61.92 -51.20
CA ASP E 217 -4.12 62.81 -51.74
C ASP E 217 -5.52 62.28 -51.48
N GLN E 218 -5.65 60.96 -51.32
CA GLN E 218 -6.92 60.37 -50.91
C GLN E 218 -7.14 60.40 -49.40
N SER E 219 -6.18 60.93 -48.64
CA SER E 219 -6.27 60.93 -47.18
C SER E 219 -6.17 62.35 -46.63
N LEU E 220 -6.88 63.29 -47.25
CA LEU E 220 -6.90 64.68 -46.82
C LEU E 220 -8.32 65.11 -46.45
N PRO E 221 -8.46 66.13 -45.61
CA PRO E 221 -9.79 66.67 -45.31
C PRO E 221 -10.42 67.28 -46.54
N PRO E 222 -11.74 67.48 -46.54
CA PRO E 222 -12.39 68.06 -47.72
C PRO E 222 -11.89 69.47 -48.00
N ASN E 223 -12.05 69.89 -49.26
CA ASN E 223 -11.58 71.20 -49.73
C ASN E 223 -10.06 71.31 -49.63
N PHE E 224 -9.36 70.23 -49.98
CA PHE E 224 -7.91 70.24 -50.05
C PHE E 224 -7.49 69.33 -51.21
N SER E 225 -7.03 69.95 -52.30
CA SER E 225 -6.74 69.18 -53.51
C SER E 225 -5.49 68.34 -53.36
N SER E 226 -4.42 68.92 -52.81
CA SER E 226 -3.13 68.26 -52.73
C SER E 226 -2.54 68.38 -51.34
N LEU E 227 -1.65 67.44 -51.01
CA LEU E 227 -1.00 67.45 -49.70
C LEU E 227 -0.17 68.71 -49.48
N GLU E 228 0.46 69.22 -50.55
CA GLU E 228 1.24 70.44 -50.41
C GLU E 228 0.38 71.62 -50.00
N ASN E 229 -0.83 71.72 -50.57
CA ASN E 229 -1.74 72.80 -50.20
C ASN E 229 -2.12 72.72 -48.72
N PHE E 230 -2.43 71.51 -48.24
CA PHE E 230 -2.78 71.34 -46.83
C PHE E 230 -1.59 71.68 -45.93
N ARG E 231 -0.39 71.25 -46.33
CA ARG E 231 0.81 71.56 -45.54
C ARG E 231 1.05 73.05 -45.48
N ALA E 232 0.89 73.75 -46.61
CA ALA E 232 1.06 75.20 -46.63
C ALA E 232 0.00 75.89 -45.77
N TYR E 233 -1.24 75.40 -45.82
CA TYR E 233 -2.30 75.97 -44.99
C TYR E 233 -2.00 75.80 -43.51
N VAL E 234 -1.49 74.62 -43.12
CA VAL E 234 -1.15 74.39 -41.73
C VAL E 234 0.04 75.27 -41.32
N ASP E 235 1.02 75.44 -42.21
CA ASP E 235 2.21 76.20 -41.87
C ASP E 235 1.89 77.67 -41.62
N GLY E 236 0.84 78.20 -42.25
CA GLY E 236 0.49 79.60 -42.10
C GLY E 236 -0.83 79.83 -41.41
N PHE E 237 -1.10 79.06 -40.35
CA PHE E 237 -2.36 79.15 -39.62
C PHE E 237 -2.19 80.00 -38.37
N GLU E 238 -3.22 80.79 -38.06
CA GLU E 238 -3.27 81.58 -36.85
C GLU E 238 -4.66 81.44 -36.24
N PRO E 239 -4.77 81.13 -34.95
CA PRO E 239 -6.09 80.97 -34.33
C PRO E 239 -6.82 82.30 -34.23
N ASN E 240 -7.99 82.37 -34.85
CA ASN E 240 -8.81 83.59 -34.87
C ASN E 240 -10.24 83.24 -34.50
N GLY E 241 -10.50 83.17 -33.19
CA GLY E 241 -11.85 82.99 -32.66
C GLY E 241 -12.69 81.90 -33.28
N CYS E 242 -12.04 80.85 -33.82
CA CYS E 242 -12.80 79.77 -34.46
C CYS E 242 -13.61 78.99 -33.44
N ILE E 243 -13.04 78.73 -32.27
CA ILE E 243 -13.73 77.91 -31.27
C ILE E 243 -14.99 78.59 -30.78
N GLU E 244 -14.91 79.89 -30.50
CA GLU E 244 -16.10 80.62 -30.03
C GLU E 244 -17.19 80.65 -31.10
N GLY E 245 -16.81 80.86 -32.35
CA GLY E 245 -17.80 80.83 -33.42
C GLY E 245 -18.45 79.48 -33.56
N LYS E 246 -17.66 78.40 -33.48
CA LYS E 246 -18.22 77.06 -33.54
C LYS E 246 -19.15 76.79 -32.37
N LEU E 247 -18.79 77.27 -31.17
CA LEU E 247 -19.65 77.11 -30.01
C LEU E 247 -20.96 77.83 -30.20
N SER E 248 -20.93 79.05 -30.73
CA SER E 248 -22.16 79.79 -30.99
C SER E 248 -23.00 79.12 -32.07
N GLN E 249 -22.36 78.52 -33.08
CA GLN E 249 -23.11 77.86 -34.15
C GLN E 249 -23.89 76.67 -33.64
N MET E 250 -23.31 75.89 -32.72
CA MET E 250 -23.97 74.70 -32.23
C MET E 250 -25.24 75.05 -31.45
N SER E 251 -26.22 74.15 -31.51
CA SER E 251 -27.48 74.35 -30.82
C SER E 251 -27.29 74.16 -29.31
N LYS E 252 -28.34 74.46 -28.57
CA LYS E 252 -28.33 74.33 -27.11
C LYS E 252 -28.66 72.92 -26.65
N GLU E 253 -28.97 72.00 -27.57
CA GLU E 253 -29.29 70.64 -27.17
C GLU E 253 -28.06 69.87 -26.69
N VAL E 254 -26.86 70.29 -27.08
CA VAL E 254 -25.64 69.63 -26.61
C VAL E 254 -25.26 70.23 -25.26
N ASN E 255 -25.80 69.64 -24.20
CA ASN E 255 -25.57 70.13 -22.85
C ASN E 255 -25.36 68.95 -21.91
N ALA E 256 -24.67 69.22 -20.79
CA ALA E 256 -24.41 68.22 -19.76
C ALA E 256 -24.88 68.79 -18.42
N ARG E 257 -26.16 68.59 -18.12
CA ARG E 257 -26.72 69.06 -16.87
C ARG E 257 -26.23 68.19 -15.71
N ILE E 258 -26.28 68.76 -14.51
CA ILE E 258 -25.85 68.09 -13.29
C ILE E 258 -27.10 67.81 -12.48
N GLU E 259 -27.53 66.55 -12.46
CA GLU E 259 -28.68 66.16 -11.67
C GLU E 259 -28.26 65.91 -10.23
N PRO E 260 -28.82 66.61 -9.25
CA PRO E 260 -28.44 66.37 -7.85
C PRO E 260 -28.79 64.96 -7.41
N PHE E 261 -27.96 64.41 -6.54
CA PHE E 261 -28.16 63.09 -5.96
C PHE E 261 -28.58 63.27 -4.51
N LEU E 262 -29.88 63.20 -4.26
CA LEU E 262 -30.43 63.42 -2.92
C LEU E 262 -30.52 62.09 -2.19
N ARG E 263 -31.11 62.12 -0.98
CA ARG E 263 -31.26 60.91 -0.19
C ARG E 263 -32.41 60.03 -0.65
N THR E 264 -33.25 60.51 -1.56
CA THR E 264 -34.36 59.73 -2.09
C THR E 264 -34.18 59.34 -3.55
N THR E 265 -33.19 59.91 -4.24
CA THR E 265 -32.96 59.57 -5.64
C THR E 265 -32.62 58.10 -5.87
N PRO E 266 -31.71 57.47 -5.13
CA PRO E 266 -31.39 56.07 -5.42
C PRO E 266 -32.57 55.16 -5.12
N ARG E 267 -32.79 54.17 -6.01
CA ARG E 267 -33.82 53.16 -5.89
C ARG E 267 -33.21 51.77 -5.83
N PRO E 268 -33.87 50.81 -5.19
CA PRO E 268 -33.32 49.46 -5.12
C PRO E 268 -33.25 48.80 -6.48
N LEU E 269 -32.25 47.93 -6.65
CA LEU E 269 -32.06 47.24 -7.91
C LEU E 269 -33.20 46.26 -8.18
N ARG E 270 -33.49 46.05 -9.46
CA ARG E 270 -34.59 45.20 -9.89
C ARG E 270 -34.04 43.83 -10.26
N LEU E 271 -34.26 42.85 -9.39
CA LEU E 271 -33.80 41.50 -9.65
C LEU E 271 -34.69 40.82 -10.70
N PRO E 272 -34.11 39.98 -11.56
CA PRO E 272 -34.92 39.29 -12.56
C PRO E 272 -35.82 38.23 -11.93
N ASP E 273 -36.90 37.93 -12.65
CA ASP E 273 -37.89 36.96 -12.22
C ASP E 273 -37.80 35.69 -13.05
N GLY E 274 -38.39 34.62 -12.54
CA GLY E 274 -38.39 33.34 -13.21
C GLY E 274 -38.24 32.19 -12.25
N PRO E 275 -37.86 31.02 -12.76
CA PRO E 275 -37.68 29.87 -11.89
C PRO E 275 -36.50 30.08 -10.94
N PRO E 276 -36.51 29.45 -9.77
CA PRO E 276 -35.38 29.62 -8.84
C PRO E 276 -34.09 29.06 -9.43
N CYS E 277 -32.98 29.67 -9.03
CA CYS E 277 -31.67 29.24 -9.50
C CYS E 277 -31.28 27.92 -8.83
N SER E 278 -30.37 27.20 -9.50
CA SER E 278 -29.90 25.91 -9.02
C SER E 278 -28.39 25.94 -8.82
N GLN E 279 -27.90 24.98 -8.04
CA GLN E 279 -26.48 24.89 -7.76
C GLN E 279 -25.69 24.58 -9.03
N ARG E 280 -24.55 25.25 -9.20
CA ARG E 280 -23.73 25.05 -10.38
C ARG E 280 -22.25 24.92 -10.05
N SER E 281 -21.90 24.59 -8.81
CA SER E 281 -20.50 24.43 -8.44
C SER E 281 -19.98 23.08 -8.94
N LYS E 282 -18.65 22.97 -8.99
CA LYS E 282 -18.04 21.73 -9.46
C LYS E 282 -18.13 20.62 -8.43
N PHE E 283 -18.36 20.94 -7.17
CA PHE E 283 -18.49 19.93 -6.13
C PHE E 283 -19.34 20.49 -4.99
N LEU E 284 -19.85 19.60 -4.16
CA LEU E 284 -20.66 20.01 -3.02
C LEU E 284 -19.83 20.80 -2.03
N LEU E 285 -20.45 21.82 -1.44
CA LEU E 285 -19.76 22.70 -0.50
C LEU E 285 -20.30 22.55 0.92
N MET E 286 -21.60 22.72 1.12
CA MET E 286 -22.19 22.65 2.45
C MET E 286 -22.62 21.25 2.84
N ASP E 287 -23.07 20.44 1.87
CA ASP E 287 -23.60 19.12 2.14
C ASP E 287 -22.57 18.02 1.97
N ALA E 288 -21.31 18.37 1.74
CA ALA E 288 -20.28 17.36 1.51
C ALA E 288 -20.04 16.54 2.78
N LEU E 289 -19.87 15.23 2.59
CA LEU E 289 -19.58 14.31 3.68
C LEU E 289 -18.27 13.60 3.38
N LYS E 290 -17.44 13.44 4.41
CA LYS E 290 -16.09 12.91 4.25
C LYS E 290 -15.93 11.60 5.01
N LEU E 291 -15.25 10.65 4.39
CA LEU E 291 -14.80 9.43 5.06
C LEU E 291 -13.34 9.62 5.42
N SER E 292 -13.04 9.56 6.72
CA SER E 292 -11.75 9.99 7.23
C SER E 292 -10.95 8.82 7.79
N ILE E 293 -9.64 8.84 7.55
CA ILE E 293 -8.69 7.89 8.12
C ILE E 293 -7.54 8.69 8.73
N GLU E 294 -6.86 8.07 9.69
CA GLU E 294 -5.77 8.70 10.42
C GLU E 294 -4.44 8.19 9.85
N ASP E 295 -3.83 9.00 9.00
CA ASP E 295 -2.55 8.65 8.42
C ASP E 295 -1.43 8.94 9.42
N PRO E 296 -0.60 7.96 9.75
CA PRO E 296 0.50 8.20 10.70
C PRO E 296 1.63 9.01 10.09
N SER E 297 2.71 9.22 10.86
CA SER E 297 3.83 10.03 10.38
C SER E 297 4.51 9.38 9.18
N HIS E 298 4.67 8.06 9.20
CA HIS E 298 5.33 7.36 8.10
C HIS E 298 4.36 7.17 6.94
N GLU E 299 4.75 6.32 5.98
CA GLU E 299 3.98 6.02 4.77
C GLU E 299 3.39 7.27 4.13
N GLY E 300 4.27 8.15 3.65
CA GLY E 300 3.81 9.40 3.06
C GLY E 300 2.92 9.17 1.85
N GLU E 301 2.13 10.20 1.55
CA GLU E 301 1.10 10.13 0.52
C GLU E 301 1.76 9.98 -0.85
N GLY E 302 1.68 8.80 -1.43
CA GLY E 302 2.24 8.57 -2.75
C GLY E 302 1.20 8.18 -3.79
N ILE E 303 0.16 7.48 -3.37
CA ILE E 303 -0.90 7.05 -4.28
C ILE E 303 -2.26 7.36 -3.66
N PRO E 304 -3.15 8.06 -4.38
CA PRO E 304 -4.48 8.35 -3.81
C PRO E 304 -5.48 7.23 -3.96
N LEU E 305 -5.30 6.34 -4.94
CA LEU E 305 -6.27 5.27 -5.15
C LEU E 305 -6.36 4.34 -3.94
N TYR E 306 -5.21 3.97 -3.38
CA TYR E 306 -5.22 3.10 -2.20
C TYR E 306 -5.80 3.80 -0.98
N ASP E 307 -5.54 5.10 -0.84
CA ASP E 307 -6.16 5.86 0.24
C ASP E 307 -7.67 5.86 0.11
N ALA E 308 -8.18 6.06 -1.12
CA ALA E 308 -9.61 6.02 -1.34
C ALA E 308 -10.18 4.62 -1.04
N ILE E 309 -9.45 3.58 -1.42
CA ILE E 309 -9.89 2.22 -1.14
C ILE E 309 -9.96 1.99 0.37
N LYS E 310 -8.95 2.45 1.11
CA LYS E 310 -8.98 2.32 2.57
C LYS E 310 -10.15 3.08 3.18
N CYS E 311 -10.39 4.31 2.71
CA CYS E 311 -11.51 5.09 3.23
C CYS E 311 -12.84 4.40 2.96
N MET E 312 -12.98 3.81 1.77
CA MET E 312 -14.19 3.03 1.48
C MET E 312 -14.29 1.82 2.39
N LYS E 313 -13.16 1.16 2.68
CA LYS E 313 -13.17 -0.01 3.54
C LYS E 313 -13.55 0.34 4.97
N THR E 314 -13.28 1.57 5.39
CA THR E 314 -13.61 1.97 6.76
C THR E 314 -15.11 2.03 7.01
N PHE E 315 -15.95 1.98 5.97
CA PHE E 315 -17.39 2.02 6.11
C PHE E 315 -17.99 0.64 5.93
N PHE E 316 -19.01 0.33 6.74
CA PHE E 316 -19.65 -0.98 6.72
C PHE E 316 -21.17 -0.89 6.66
N GLY E 317 -21.71 0.22 6.17
CA GLY E 317 -23.15 0.39 6.16
C GLY E 317 -23.75 0.54 4.77
N TRP E 318 -23.17 -0.14 3.79
CA TRP E 318 -23.69 -0.07 2.43
C TRP E 318 -25.01 -0.82 2.33
N LYS E 319 -25.76 -0.50 1.28
CA LYS E 319 -27.04 -1.14 1.00
C LYS E 319 -27.31 -1.03 -0.49
N GLU E 320 -28.43 -1.61 -0.92
CA GLU E 320 -28.78 -1.57 -2.33
C GLU E 320 -29.21 -0.16 -2.72
N PRO E 321 -28.54 0.47 -3.68
CA PRO E 321 -28.91 1.85 -4.05
C PRO E 321 -30.26 1.90 -4.75
N ASN E 322 -30.95 3.02 -4.55
CA ASN E 322 -32.23 3.28 -5.20
C ASN E 322 -32.36 4.77 -5.45
N ILE E 323 -33.13 5.11 -6.48
CA ILE E 323 -33.27 6.50 -6.90
C ILE E 323 -34.26 7.21 -5.99
N ILE E 324 -33.86 8.35 -5.44
CA ILE E 324 -34.70 9.17 -4.59
C ILE E 324 -35.22 10.40 -5.32
N LYS E 325 -34.31 11.18 -5.90
CA LYS E 325 -34.67 12.36 -6.69
C LYS E 325 -34.20 12.14 -8.13
N PRO E 326 -35.11 11.80 -9.05
CA PRO E 326 -34.68 11.51 -10.42
C PRO E 326 -34.34 12.76 -11.19
N HIS E 327 -33.40 12.60 -12.14
CA HIS E 327 -33.06 13.67 -13.06
C HIS E 327 -34.13 13.80 -14.13
N GLU E 328 -34.45 15.03 -14.49
CA GLU E 328 -35.56 15.27 -15.42
C GLU E 328 -35.14 15.07 -16.87
N LYS E 329 -34.04 15.69 -17.28
CA LYS E 329 -33.62 15.67 -18.68
C LYS E 329 -32.65 14.55 -19.00
N GLY E 330 -32.37 13.65 -18.06
CA GLY E 330 -31.43 12.58 -18.32
C GLY E 330 -31.99 11.20 -18.05
N ILE E 331 -31.32 10.18 -18.58
CA ILE E 331 -31.72 8.79 -18.36
C ILE E 331 -31.25 8.39 -16.97
N ASN E 332 -32.19 8.23 -16.04
CA ASN E 332 -31.84 7.93 -14.66
C ASN E 332 -31.11 6.60 -14.49
N PRO E 333 -31.57 5.48 -15.05
CA PRO E 333 -30.87 4.20 -14.79
C PRO E 333 -29.41 4.21 -15.20
N ASN E 334 -29.06 4.91 -16.28
CA ASN E 334 -27.66 4.98 -16.70
C ASN E 334 -26.78 5.54 -15.59
N TYR E 335 -27.32 6.44 -14.76
CA TYR E 335 -26.57 6.89 -13.60
C TYR E 335 -26.37 5.76 -12.60
N LEU E 336 -27.45 5.05 -12.26
CA LEU E 336 -27.37 4.00 -11.25
C LEU E 336 -26.39 2.91 -11.67
N LEU E 337 -26.53 2.43 -12.91
CA LEU E 337 -25.61 1.42 -13.43
C LEU E 337 -24.17 1.89 -13.38
N THR E 338 -23.94 3.20 -13.41
CA THR E 338 -22.58 3.71 -13.26
C THR E 338 -22.06 3.43 -11.85
N TRP E 339 -22.85 3.78 -10.82
CA TRP E 339 -22.35 3.71 -9.46
C TRP E 339 -21.95 2.29 -9.09
N LYS E 340 -22.81 1.32 -9.39
CA LYS E 340 -22.46 -0.07 -9.13
C LYS E 340 -21.17 -0.45 -9.82
N GLN E 341 -20.98 -0.01 -11.07
CA GLN E 341 -19.75 -0.28 -11.78
C GLN E 341 -18.54 0.25 -11.01
N VAL E 342 -18.68 1.46 -10.44
CA VAL E 342 -17.59 2.04 -9.66
C VAL E 342 -17.22 1.12 -8.51
N LEU E 343 -18.23 0.48 -7.90
CA LEU E 343 -17.93 -0.51 -6.88
C LEU E 343 -17.22 -1.72 -7.47
N ALA E 344 -17.74 -2.25 -8.58
CA ALA E 344 -17.20 -3.49 -9.14
C ALA E 344 -15.74 -3.31 -9.55
N GLU E 345 -15.44 -2.21 -10.25
CA GLU E 345 -14.07 -1.95 -10.68
C GLU E 345 -13.12 -1.81 -9.49
N LEU E 346 -13.65 -1.50 -8.30
CA LEU E 346 -12.78 -1.49 -7.13
C LEU E 346 -12.42 -2.92 -6.70
N GLN E 347 -13.41 -3.82 -6.70
CA GLN E 347 -13.15 -5.18 -6.26
C GLN E 347 -12.20 -5.91 -7.21
N ASP E 348 -12.26 -5.58 -8.50
CA ASP E 348 -11.33 -6.18 -9.46
C ASP E 348 -9.90 -5.78 -9.17
N ILE E 349 -9.68 -4.75 -8.35
CA ILE E 349 -8.33 -4.42 -7.93
C ILE E 349 -7.79 -5.47 -6.97
N GLU E 350 -8.65 -5.98 -6.06
CA GLU E 350 -8.15 -6.83 -4.99
C GLU E 350 -7.69 -8.19 -5.50
N ASN E 351 -8.29 -8.71 -6.56
CA ASN E 351 -7.90 -10.00 -7.10
C ASN E 351 -6.89 -9.89 -8.24
N GLU E 352 -6.47 -8.68 -8.60
CA GLU E 352 -5.51 -8.51 -9.66
C GLU E 352 -4.14 -9.04 -9.23
N GLU E 353 -3.43 -9.68 -10.16
CA GLU E 353 -2.13 -10.25 -9.84
C GLU E 353 -1.09 -9.17 -9.58
N LYS E 354 -1.21 -8.02 -10.23
CA LYS E 354 -0.31 -6.89 -10.02
C LYS E 354 -1.13 -5.65 -9.70
N ILE E 355 -0.85 -5.04 -8.56
CA ILE E 355 -1.61 -3.88 -8.11
C ILE E 355 -1.26 -2.68 -8.98
N PRO E 356 -2.23 -2.06 -9.64
CA PRO E 356 -1.94 -0.92 -10.51
C PRO E 356 -1.96 0.40 -9.77
N ARG E 357 -1.34 1.41 -10.39
CA ARG E 357 -1.31 2.75 -9.82
C ARG E 357 -2.63 3.48 -10.05
N THR E 358 -3.02 3.61 -11.32
CA THR E 358 -4.26 4.28 -11.70
C THR E 358 -5.19 3.26 -12.35
N LYS E 359 -6.50 3.48 -12.16
CA LYS E 359 -7.53 2.59 -12.69
C LYS E 359 -8.28 3.29 -13.80
N ASN E 360 -8.41 2.61 -14.94
CA ASN E 360 -9.17 3.11 -16.08
C ASN E 360 -10.45 2.32 -16.20
N MET E 361 -11.59 3.02 -16.17
CA MET E 361 -12.88 2.37 -16.26
C MET E 361 -13.13 1.87 -17.68
N LYS E 362 -13.80 0.72 -17.77
CA LYS E 362 -14.18 0.17 -19.06
C LYS E 362 -15.32 0.96 -19.66
N LYS E 363 -15.24 1.22 -20.97
CA LYS E 363 -16.22 2.05 -21.66
C LYS E 363 -17.49 1.23 -21.87
N THR E 364 -18.36 1.26 -20.87
CA THR E 364 -19.63 0.55 -20.95
C THR E 364 -20.68 1.42 -21.64
N SER E 365 -21.89 0.86 -21.79
CA SER E 365 -22.96 1.58 -22.44
C SER E 365 -23.37 2.82 -21.66
N GLN E 366 -23.50 2.69 -20.34
CA GLN E 366 -23.94 3.83 -19.53
C GLN E 366 -22.88 4.91 -19.46
N LEU E 367 -21.59 4.54 -19.45
CA LEU E 367 -20.54 5.54 -19.42
C LEU E 367 -20.41 6.29 -20.75
N LYS E 368 -20.82 5.67 -21.86
CA LYS E 368 -20.76 6.34 -23.15
C LYS E 368 -21.82 7.43 -23.28
N TRP E 369 -22.97 7.27 -22.63
CA TRP E 369 -24.02 8.29 -22.69
C TRP E 369 -23.79 9.41 -21.69
N ALA E 370 -23.35 9.08 -20.48
CA ALA E 370 -23.15 10.08 -19.44
C ALA E 370 -21.91 10.94 -19.67
N LEU E 371 -21.00 10.53 -20.55
CA LEU E 371 -19.79 11.29 -20.82
C LEU E 371 -19.85 11.97 -22.19
N GLY E 372 -21.00 11.95 -22.85
CA GLY E 372 -21.17 12.68 -24.10
C GLY E 372 -20.30 12.18 -25.23
N GLU E 373 -20.20 10.86 -25.41
CA GLU E 373 -19.43 10.31 -26.51
C GLU E 373 -20.28 10.20 -27.76
N ASN E 374 -19.67 10.54 -28.90
CA ASN E 374 -20.36 10.50 -30.20
C ASN E 374 -21.61 11.36 -30.21
N MET E 375 -21.49 12.56 -29.62
CA MET E 375 -22.60 13.51 -29.58
C MET E 375 -22.41 14.70 -30.50
N ALA E 376 -21.18 15.05 -30.83
CA ALA E 376 -20.94 16.18 -31.72
C ALA E 376 -21.32 15.80 -33.15
N PRO E 377 -21.85 16.75 -33.93
CA PRO E 377 -22.16 16.45 -35.34
C PRO E 377 -20.88 16.24 -36.14
N GLU E 378 -21.02 15.44 -37.20
CA GLU E 378 -19.89 15.17 -38.07
C GLU E 378 -19.49 16.43 -38.84
N LYS E 379 -18.19 16.62 -39.00
CA LYS E 379 -17.64 17.78 -39.71
C LYS E 379 -17.60 17.45 -41.20
N VAL E 380 -18.38 18.19 -41.98
CA VAL E 380 -18.46 17.99 -43.43
C VAL E 380 -18.27 19.33 -44.12
N ASP E 381 -17.79 19.28 -45.35
CA ASP E 381 -17.55 20.49 -46.12
C ASP E 381 -18.87 21.16 -46.53
N PHE E 382 -18.81 22.47 -46.72
CA PHE E 382 -20.02 23.22 -47.08
C PHE E 382 -20.52 22.85 -48.47
N GLU E 383 -19.64 22.41 -49.36
CA GLU E 383 -20.05 22.07 -50.72
C GLU E 383 -21.00 20.88 -50.74
N ASP E 384 -20.78 19.89 -49.87
CA ASP E 384 -21.61 18.69 -49.87
C ASP E 384 -22.92 18.86 -49.10
N CYS E 385 -23.13 20.00 -48.45
CA CYS E 385 -24.36 20.26 -47.72
C CYS E 385 -24.87 21.66 -48.01
N LYS E 386 -24.71 22.11 -49.25
CA LYS E 386 -25.20 23.43 -49.64
C LYS E 386 -26.72 23.50 -49.60
N ASP E 387 -27.39 22.47 -50.12
CA ASP E 387 -28.85 22.45 -50.21
C ASP E 387 -29.40 21.54 -49.10
N VAL E 388 -29.52 22.12 -47.91
CA VAL E 388 -30.14 21.47 -46.76
C VAL E 388 -31.22 22.39 -46.22
N ASN E 389 -32.41 21.83 -45.96
CA ASN E 389 -33.55 22.64 -45.58
C ASN E 389 -33.43 23.21 -44.16
N ASP E 390 -32.55 22.67 -43.33
CA ASP E 390 -32.43 23.11 -41.94
C ASP E 390 -30.99 23.39 -41.57
N LEU E 391 -30.16 23.80 -42.53
CA LEU E 391 -28.76 24.13 -42.26
C LEU E 391 -28.68 25.60 -41.88
N LYS E 392 -28.49 25.86 -40.58
CA LYS E 392 -28.40 27.22 -40.06
C LYS E 392 -27.22 27.30 -39.10
N GLN E 393 -26.87 28.53 -38.73
CA GLN E 393 -25.79 28.75 -37.78
C GLN E 393 -26.25 28.42 -36.37
N TYR E 394 -25.27 28.36 -35.46
CA TYR E 394 -25.57 28.05 -34.06
C TYR E 394 -26.45 29.12 -33.45
N ASP E 395 -27.36 28.70 -32.57
CA ASP E 395 -28.31 29.61 -31.95
C ASP E 395 -27.61 30.39 -30.85
N SER E 396 -27.39 31.68 -31.08
CA SER E 396 -26.74 32.56 -30.11
C SER E 396 -27.82 33.29 -29.32
N ASP E 397 -28.44 32.55 -28.40
CA ASP E 397 -29.53 33.06 -27.58
C ASP E 397 -29.02 33.52 -26.22
N GLU E 398 -29.77 34.44 -25.61
CA GLU E 398 -29.44 34.95 -24.29
C GLU E 398 -29.76 33.91 -23.22
N PRO E 399 -29.01 33.90 -22.12
CA PRO E 399 -29.32 32.96 -21.03
C PRO E 399 -30.69 33.24 -20.43
N GLU E 400 -31.35 32.17 -20.00
CA GLU E 400 -32.68 32.30 -19.43
C GLU E 400 -32.61 32.98 -18.06
N PRO E 401 -33.52 33.92 -17.79
CA PRO E 401 -33.51 34.58 -16.48
C PRO E 401 -33.87 33.62 -15.36
N ARG E 402 -33.30 33.89 -14.18
CA ARG E 402 -33.54 33.07 -13.00
C ARG E 402 -33.79 33.98 -11.81
N SER E 403 -34.52 33.46 -10.83
CA SER E 403 -34.85 34.19 -9.62
C SER E 403 -33.97 33.72 -8.46
N LEU E 404 -33.62 34.66 -7.59
CA LEU E 404 -32.73 34.37 -6.47
C LEU E 404 -33.41 33.42 -5.47
N ALA E 405 -32.64 32.47 -4.97
CA ALA E 405 -33.09 31.51 -3.99
C ALA E 405 -32.34 31.71 -2.68
N CYS E 406 -32.86 31.07 -1.62
CA CYS E 406 -32.35 31.29 -0.27
C CYS E 406 -31.21 30.34 0.12
N TRP E 407 -30.89 29.35 -0.70
CA TRP E 407 -29.86 28.39 -0.31
C TRP E 407 -28.46 28.98 -0.42
N ILE E 408 -28.26 29.95 -1.30
CA ILE E 408 -26.93 30.53 -1.47
C ILE E 408 -26.52 31.32 -0.23
N GLN E 409 -27.48 32.00 0.41
CA GLN E 409 -27.19 32.71 1.65
C GLN E 409 -26.75 31.74 2.75
N SER E 410 -27.44 30.60 2.86
CA SER E 410 -27.05 29.60 3.84
C SER E 410 -25.68 29.02 3.52
N GLU E 411 -25.39 28.81 2.24
CA GLU E 411 -24.08 28.33 1.83
C GLU E 411 -22.99 29.30 2.26
N PHE E 412 -23.20 30.60 2.02
CA PHE E 412 -22.21 31.59 2.42
C PHE E 412 -22.08 31.67 3.93
N ASN E 413 -23.20 31.55 4.66
CA ASN E 413 -23.15 31.59 6.11
C ASN E 413 -22.34 30.42 6.67
N LYS E 414 -22.55 29.22 6.12
CA LYS E 414 -21.78 28.07 6.55
C LYS E 414 -20.34 28.12 6.07
N ALA E 415 -20.05 28.91 5.03
CA ALA E 415 -18.67 28.99 4.54
C ALA E 415 -17.78 29.77 5.50
N CYS E 416 -18.34 30.70 6.27
CA CYS E 416 -17.55 31.54 7.16
C CYS E 416 -17.31 30.93 8.53
N GLU E 417 -17.95 29.80 8.84
CA GLU E 417 -17.80 29.21 10.16
C GLU E 417 -16.44 28.54 10.31
N LEU E 418 -16.06 28.32 11.57
CA LEU E 418 -14.79 27.68 11.90
C LEU E 418 -14.96 26.17 11.95
N THR E 419 -13.87 25.47 11.65
CA THR E 419 -13.82 24.02 11.69
C THR E 419 -12.96 23.55 12.86
N ASP E 420 -12.93 22.24 13.07
CA ASP E 420 -12.14 21.64 14.14
C ASP E 420 -10.77 21.16 13.68
N SER E 421 -10.40 21.41 12.43
CA SER E 421 -9.12 20.96 11.89
C SER E 421 -8.38 22.13 11.26
N SER E 422 -7.08 21.92 11.03
CA SER E 422 -6.22 22.90 10.38
C SER E 422 -6.03 22.50 8.92
N TRP E 423 -6.36 23.42 8.02
CA TRP E 423 -6.36 23.12 6.59
C TRP E 423 -5.18 23.71 5.82
N VAL E 424 -4.46 24.66 6.40
CA VAL E 424 -3.34 25.32 5.72
C VAL E 424 -2.12 25.26 6.63
N GLU E 425 -0.99 24.87 6.05
CA GLU E 425 0.29 24.87 6.75
C GLU E 425 1.29 25.66 5.92
N LEU E 426 2.01 26.57 6.57
CA LEU E 426 2.95 27.45 5.89
C LEU E 426 4.36 27.20 6.39
N ASP E 427 5.34 27.53 5.55
CA ASP E 427 6.74 27.32 5.86
C ASP E 427 7.26 28.47 6.73
N GLU E 428 8.57 28.53 6.90
CA GLU E 428 9.22 29.54 7.71
C GLU E 428 9.96 30.53 6.81
N ILE E 429 10.25 31.70 7.38
CA ILE E 429 11.00 32.75 6.71
C ILE E 429 12.11 33.23 7.64
N GLY E 430 12.86 34.22 7.18
CA GLY E 430 13.97 34.73 7.96
C GLY E 430 13.54 35.50 9.18
N GLU E 431 14.51 35.78 10.04
CA GLU E 431 14.25 36.51 11.28
C GLU E 431 13.86 37.96 10.97
N ASP E 432 13.10 38.54 11.88
CA ASP E 432 12.64 39.92 11.75
C ASP E 432 13.70 40.85 12.32
N VAL E 433 14.12 41.83 11.51
CA VAL E 433 15.12 42.81 11.92
C VAL E 433 14.54 44.23 11.90
N ALA E 434 14.08 44.68 10.73
CA ALA E 434 13.50 46.01 10.63
C ALA E 434 12.15 46.05 11.33
N PRO E 435 11.76 47.21 11.88
CA PRO E 435 10.44 47.32 12.52
C PRO E 435 9.30 47.03 11.55
N ILE E 436 9.45 47.39 10.28
CA ILE E 436 8.42 47.07 9.29
C ILE E 436 8.26 45.56 9.16
N GLU E 437 9.38 44.83 9.24
CA GLU E 437 9.31 43.37 9.22
C GLU E 437 8.58 42.84 10.45
N HIS E 438 8.80 43.45 11.62
CA HIS E 438 8.09 43.03 12.82
C HIS E 438 6.59 43.25 12.66
N ILE E 439 6.19 44.41 12.15
CA ILE E 439 4.77 44.71 11.96
C ILE E 439 4.15 43.74 10.95
N ALA E 440 4.86 43.49 9.85
CA ALA E 440 4.35 42.56 8.84
C ALA E 440 4.20 41.15 9.41
N SER E 441 5.18 40.70 10.18
CA SER E 441 5.10 39.37 10.79
C SER E 441 3.94 39.29 11.78
N MET E 442 3.74 40.35 12.57
CA MET E 442 2.63 40.36 13.51
C MET E 442 1.29 40.27 12.78
N ARG E 443 1.12 41.08 11.72
CA ARG E 443 -0.11 41.05 10.95
C ARG E 443 -0.34 39.68 10.32
N ARG E 444 0.71 39.12 9.70
CA ARG E 444 0.56 37.83 9.03
C ARG E 444 0.24 36.73 10.02
N ASN E 445 0.90 36.72 11.18
CA ASN E 445 0.63 35.69 12.18
C ASN E 445 -0.78 35.82 12.73
N TYR E 446 -1.21 37.04 13.05
CA TYR E 446 -2.54 37.22 13.60
C TYR E 446 -3.63 36.95 12.58
N PHE E 447 -3.32 37.07 11.29
CA PHE E 447 -4.28 36.69 10.27
C PHE E 447 -4.33 35.18 10.09
N THR E 448 -3.16 34.54 9.99
CA THR E 448 -3.11 33.11 9.73
C THR E 448 -3.66 32.30 10.89
N ALA E 449 -3.31 32.67 12.13
CA ALA E 449 -3.75 31.90 13.28
C ALA E 449 -5.27 31.91 13.41
N GLU E 450 -5.93 32.96 12.94
CA GLU E 450 -7.38 33.04 13.00
C GLU E 450 -8.05 32.45 11.77
N VAL E 451 -7.41 32.53 10.60
CA VAL E 451 -8.04 32.11 9.34
C VAL E 451 -7.70 30.67 8.97
N SER E 452 -6.83 30.00 9.73
CA SER E 452 -6.39 28.67 9.34
C SER E 452 -7.50 27.62 9.47
N HIS E 453 -8.44 27.82 10.38
CA HIS E 453 -9.48 26.84 10.66
C HIS E 453 -10.80 27.14 9.95
N CYS E 454 -10.83 28.12 9.06
CA CYS E 454 -12.05 28.44 8.34
C CYS E 454 -12.36 27.39 7.28
N ARG E 455 -13.64 27.18 7.03
CA ARG E 455 -14.08 26.20 6.03
C ARG E 455 -13.67 26.62 4.61
N ALA E 456 -13.51 27.93 4.37
CA ALA E 456 -13.08 28.37 3.05
C ALA E 456 -11.70 27.82 2.70
N THR E 457 -10.83 27.64 3.70
CA THR E 457 -9.55 27.01 3.46
C THR E 457 -9.73 25.57 3.00
N GLU E 458 -10.67 24.84 3.63
CA GLU E 458 -10.97 23.48 3.19
C GLU E 458 -11.46 23.47 1.75
N TYR E 459 -12.34 24.42 1.41
CA TYR E 459 -12.81 24.53 0.03
C TYR E 459 -11.66 24.79 -0.93
N ILE E 460 -10.73 25.67 -0.53
CA ILE E 460 -9.58 25.99 -1.38
C ILE E 460 -8.74 24.74 -1.62
N MET E 461 -8.42 24.01 -0.56
CA MET E 461 -7.60 22.81 -0.71
C MET E 461 -8.30 21.76 -1.56
N LYS E 462 -9.60 21.56 -1.32
CA LYS E 462 -10.35 20.57 -2.09
C LYS E 462 -10.37 20.93 -3.57
N GLY E 463 -10.66 22.19 -3.89
CA GLY E 463 -10.69 22.61 -5.28
C GLY E 463 -9.33 22.51 -5.95
N VAL E 464 -8.27 22.89 -5.23
CA VAL E 464 -6.93 22.82 -5.80
C VAL E 464 -6.57 21.38 -6.11
N TYR E 465 -6.82 20.47 -5.17
CA TYR E 465 -6.50 19.07 -5.41
C TYR E 465 -7.30 18.50 -6.57
N ILE E 466 -8.61 18.79 -6.60
CA ILE E 466 -9.46 18.23 -7.65
C ILE E 466 -9.02 18.74 -9.02
N ASN E 467 -8.76 20.04 -9.13
CA ASN E 467 -8.36 20.61 -10.41
C ASN E 467 -7.00 20.07 -10.85
N THR E 468 -6.06 19.95 -9.92
CA THR E 468 -4.74 19.43 -10.27
C THR E 468 -4.84 17.98 -10.76
N ALA E 469 -5.60 17.15 -10.05
CA ALA E 469 -5.74 15.76 -10.46
C ALA E 469 -6.43 15.66 -11.82
N LEU E 470 -7.48 16.46 -12.03
CA LEU E 470 -8.19 16.42 -13.31
C LEU E 470 -7.29 16.86 -14.46
N LEU E 471 -6.51 17.92 -14.25
CA LEU E 471 -5.62 18.39 -15.30
C LEU E 471 -4.54 17.36 -15.61
N ASN E 472 -3.97 16.74 -14.58
CA ASN E 472 -2.96 15.72 -14.82
C ASN E 472 -3.54 14.52 -15.56
N ALA E 473 -4.75 14.09 -15.18
CA ALA E 473 -5.38 12.97 -15.87
C ALA E 473 -5.69 13.32 -17.32
N SER E 474 -6.17 14.53 -17.57
CA SER E 474 -6.45 14.95 -18.94
C SER E 474 -5.18 14.98 -19.78
N CYS E 475 -4.08 15.47 -19.21
CA CYS E 475 -2.82 15.51 -19.94
C CYS E 475 -2.30 14.10 -20.21
N ALA E 476 -2.41 13.20 -19.25
CA ALA E 476 -1.82 11.87 -19.39
C ALA E 476 -2.72 10.94 -20.20
N ALA E 477 -3.93 10.67 -19.70
CA ALA E 477 -4.84 9.69 -20.31
C ALA E 477 -5.84 10.44 -21.18
N MET E 478 -5.48 10.63 -22.46
CA MET E 478 -6.35 11.33 -23.38
C MET E 478 -7.51 10.46 -23.86
N ASP E 479 -7.33 9.14 -23.88
CA ASP E 479 -8.34 8.23 -24.42
C ASP E 479 -8.75 7.17 -23.40
N ASP E 480 -8.81 7.54 -22.12
CA ASP E 480 -9.17 6.61 -21.06
C ASP E 480 -10.24 7.22 -20.17
N PHE E 481 -11.09 6.36 -19.62
CA PHE E 481 -12.13 6.77 -18.68
C PHE E 481 -11.58 6.64 -17.26
N GLN E 482 -10.58 7.46 -16.97
CA GLN E 482 -9.87 7.37 -15.70
C GLN E 482 -10.79 7.74 -14.54
N LEU E 483 -10.62 7.04 -13.42
CA LEU E 483 -11.39 7.29 -12.21
C LEU E 483 -10.53 8.08 -11.24
N ILE E 484 -11.03 9.22 -10.79
CA ILE E 484 -10.29 10.13 -9.92
C ILE E 484 -11.10 10.36 -8.65
N PRO E 485 -10.56 10.03 -7.47
CA PRO E 485 -11.27 10.32 -6.22
C PRO E 485 -10.93 11.68 -5.65
N MET E 486 -11.90 12.24 -4.93
CA MET E 486 -11.73 13.52 -4.26
C MET E 486 -11.14 13.27 -2.87
N ILE E 487 -9.90 13.71 -2.65
CA ILE E 487 -9.17 13.45 -1.43
C ILE E 487 -8.59 14.75 -0.90
N SER E 488 -8.75 14.97 0.41
CA SER E 488 -8.18 16.13 1.08
C SER E 488 -7.37 15.66 2.28
N LYS E 489 -6.41 16.49 2.68
CA LYS E 489 -5.55 16.19 3.82
C LYS E 489 -5.61 17.35 4.82
N CYS E 490 -5.67 17.01 6.10
CA CYS E 490 -5.71 18.02 7.16
C CYS E 490 -4.92 17.52 8.36
N ARG E 491 -4.79 18.40 9.35
CA ARG E 491 -4.08 18.10 10.58
C ARG E 491 -5.04 18.19 11.75
N THR E 492 -5.04 17.16 12.59
CA THR E 492 -5.90 17.13 13.76
C THR E 492 -5.37 18.06 14.85
N LYS E 493 -6.23 18.31 15.85
CA LYS E 493 -5.81 19.12 16.99
C LYS E 493 -4.68 18.45 17.76
N GLU E 494 -4.74 17.12 17.89
CA GLU E 494 -3.68 16.40 18.58
C GLU E 494 -2.35 16.48 17.84
N GLY E 495 -2.40 16.63 16.51
CA GLY E 495 -1.18 16.75 15.74
C GLY E 495 -0.91 15.57 14.84
N ARG E 496 -1.96 14.93 14.33
CA ARG E 496 -1.84 13.78 13.45
C ARG E 496 -2.51 14.07 12.12
N ARG E 497 -1.96 13.48 11.05
CA ARG E 497 -2.52 13.65 9.73
C ARG E 497 -3.89 12.99 9.63
N LYS E 498 -4.73 13.52 8.76
CA LYS E 498 -6.07 12.99 8.53
C LYS E 498 -6.38 13.09 7.04
N THR E 499 -6.77 11.97 6.44
CA THR E 499 -7.10 11.90 5.02
C THR E 499 -8.61 11.70 4.87
N ASN E 500 -9.25 12.59 4.14
CA ASN E 500 -10.70 12.56 3.95
C ASN E 500 -11.02 12.32 2.47
N LEU E 501 -12.00 11.47 2.23
CA LEU E 501 -12.49 11.16 0.89
C LEU E 501 -13.91 11.69 0.75
N TYR E 502 -14.16 12.39 -0.36
CA TYR E 502 -15.47 12.98 -0.64
C TYR E 502 -16.27 12.25 -1.68
N GLY E 503 -15.63 11.66 -2.68
CA GLY E 503 -16.35 10.99 -3.74
C GLY E 503 -15.43 10.59 -4.87
N PHE E 504 -16.02 10.41 -6.04
CA PHE E 504 -15.28 9.96 -7.22
C PHE E 504 -15.66 10.78 -8.44
N ILE E 505 -14.73 10.84 -9.39
CA ILE E 505 -14.91 11.52 -10.67
C ILE E 505 -14.45 10.60 -11.77
N ILE E 506 -15.30 10.40 -12.78
CA ILE E 506 -14.96 9.63 -13.98
C ILE E 506 -14.82 10.61 -15.13
N LYS E 507 -13.64 10.63 -15.74
CA LYS E 507 -13.29 11.61 -16.75
C LYS E 507 -13.33 10.96 -18.13
N GLY E 508 -13.93 11.65 -19.10
CA GLY E 508 -14.04 11.14 -20.45
C GLY E 508 -12.79 11.34 -21.27
N ARG E 509 -12.94 11.73 -22.54
CA ARG E 509 -11.82 11.98 -23.42
C ARG E 509 -11.33 13.41 -23.27
N SER E 510 -10.03 13.60 -23.49
CA SER E 510 -9.37 14.88 -23.28
C SER E 510 -8.60 15.29 -24.53
N HIS E 511 -9.23 15.16 -25.69
CA HIS E 511 -8.64 15.62 -26.95
C HIS E 511 -8.91 17.12 -27.07
N LEU E 512 -8.08 17.91 -26.40
CA LEU E 512 -8.27 19.36 -26.32
C LEU E 512 -7.24 20.05 -27.19
N ARG E 513 -7.70 20.94 -28.07
CA ARG E 513 -6.85 21.71 -28.95
C ARG E 513 -6.69 23.16 -28.48
N ASN E 514 -7.80 23.84 -28.24
CA ASN E 514 -7.78 25.21 -27.76
C ASN E 514 -7.86 25.23 -26.23
N ASP E 515 -7.95 26.42 -25.66
CA ASP E 515 -8.09 26.59 -24.23
C ASP E 515 -9.54 26.64 -23.76
N THR E 516 -10.49 26.55 -24.69
CA THR E 516 -11.90 26.60 -24.36
C THR E 516 -12.62 25.27 -24.62
N ASP E 517 -11.89 24.23 -25.01
CA ASP E 517 -12.51 22.93 -25.22
C ASP E 517 -13.01 22.36 -23.89
N VAL E 518 -14.11 21.61 -23.96
CA VAL E 518 -14.83 21.14 -22.78
C VAL E 518 -14.58 19.66 -22.59
N VAL E 519 -14.12 19.29 -21.40
CA VAL E 519 -14.04 17.90 -20.97
C VAL E 519 -15.25 17.60 -20.10
N ASN E 520 -15.96 16.52 -20.43
CA ASN E 520 -17.11 16.08 -19.67
C ASN E 520 -16.70 15.02 -18.66
N PHE E 521 -17.24 15.10 -17.45
CA PHE E 521 -16.97 14.11 -16.42
C PHE E 521 -18.23 13.87 -15.62
N VAL E 522 -18.23 12.76 -14.90
CA VAL E 522 -19.34 12.36 -14.03
C VAL E 522 -18.83 12.37 -12.60
N SER E 523 -19.49 13.14 -11.75
CA SER E 523 -19.08 13.32 -10.37
C SER E 523 -20.11 12.70 -9.44
N MET E 524 -19.64 11.84 -8.54
CA MET E 524 -20.47 11.25 -7.49
C MET E 524 -19.89 11.67 -6.14
N GLU E 525 -20.73 12.23 -5.28
CA GLU E 525 -20.27 12.76 -4.00
C GLU E 525 -21.19 12.29 -2.88
N PHE E 526 -20.58 11.93 -1.76
CA PHE E 526 -21.33 11.53 -0.58
C PHE E 526 -21.95 12.76 0.09
N SER E 527 -23.10 12.55 0.71
CA SER E 527 -23.78 13.64 1.42
C SER E 527 -24.74 13.04 2.43
N LEU E 528 -25.12 13.87 3.41
CA LEU E 528 -26.11 13.51 4.41
C LEU E 528 -27.34 14.40 4.37
N THR E 529 -27.55 15.11 3.27
CA THR E 529 -28.67 16.04 3.13
C THR E 529 -29.74 15.45 2.23
N ASP E 530 -30.97 15.45 2.70
CA ASP E 530 -32.09 14.93 1.91
C ASP E 530 -32.35 15.88 0.75
N PRO E 531 -32.32 15.42 -0.49
CA PRO E 531 -32.54 16.33 -1.63
C PRO E 531 -33.96 16.83 -1.74
N ARG E 532 -34.93 16.18 -1.09
CA ARG E 532 -36.33 16.56 -1.21
C ARG E 532 -36.67 17.82 -0.42
N LEU E 533 -35.77 18.30 0.45
CA LEU E 533 -36.03 19.53 1.18
C LEU E 533 -35.97 20.74 0.26
N GLU E 534 -34.97 20.78 -0.63
CA GLU E 534 -34.78 21.89 -1.57
C GLU E 534 -34.62 21.31 -2.97
N PRO E 535 -35.71 20.83 -3.58
CA PRO E 535 -35.60 20.19 -4.90
C PRO E 535 -35.09 21.12 -5.98
N HIS E 536 -35.40 22.41 -5.93
CA HIS E 536 -34.98 23.32 -6.98
C HIS E 536 -33.48 23.56 -6.98
N LYS E 537 -32.80 23.30 -5.86
CA LYS E 537 -31.35 23.47 -5.83
C LYS E 537 -30.64 22.36 -6.59
N TRP E 538 -31.24 21.17 -6.65
CA TRP E 538 -30.63 19.99 -7.27
C TRP E 538 -31.24 19.67 -8.63
N GLU E 539 -31.53 20.69 -9.43
CA GLU E 539 -32.19 20.47 -10.72
C GLU E 539 -31.35 19.59 -11.63
N LYS E 540 -30.03 19.83 -11.69
CA LYS E 540 -29.12 19.09 -12.56
C LYS E 540 -28.45 17.93 -11.83
N TYR E 541 -29.06 17.41 -10.77
CA TYR E 541 -28.49 16.33 -9.98
C TYR E 541 -29.43 15.14 -9.97
N CYS E 542 -28.85 13.93 -9.96
CA CYS E 542 -29.58 12.70 -9.71
C CYS E 542 -29.05 12.12 -8.40
N VAL E 543 -29.95 11.90 -7.44
CA VAL E 543 -29.57 11.53 -6.08
C VAL E 543 -30.07 10.13 -5.79
N LEU E 544 -29.18 9.28 -5.31
CA LEU E 544 -29.51 7.93 -4.87
C LEU E 544 -29.39 7.85 -3.35
N GLU E 545 -29.76 6.70 -2.80
CA GLU E 545 -29.62 6.40 -1.38
C GLU E 545 -28.72 5.19 -1.25
N ILE E 546 -27.52 5.38 -0.71
CA ILE E 546 -26.48 4.35 -0.78
C ILE E 546 -26.16 3.72 0.56
N GLY E 547 -26.49 4.36 1.68
CA GLY E 547 -26.14 3.73 2.93
C GLY E 547 -26.90 4.29 4.12
N ASP E 548 -26.48 3.85 5.31
CA ASP E 548 -27.06 4.32 6.56
C ASP E 548 -25.93 4.55 7.55
N MET E 549 -25.50 5.80 7.69
CA MET E 549 -24.44 6.14 8.62
C MET E 549 -24.94 6.09 10.06
N LEU E 550 -24.07 5.68 10.96
CA LEU E 550 -24.36 5.61 12.40
C LEU E 550 -23.60 6.75 13.09
N LEU E 551 -24.33 7.75 13.55
CA LEU E 551 -23.76 8.92 14.19
C LEU E 551 -23.82 8.75 15.71
N ARG E 552 -22.69 9.01 16.36
CA ARG E 552 -22.59 8.98 17.82
C ARG E 552 -22.43 10.41 18.32
N THR E 553 -23.47 10.91 18.98
CA THR E 553 -23.46 12.28 19.49
C THR E 553 -23.83 12.31 20.96
N ALA E 554 -24.02 13.52 21.51
CA ALA E 554 -24.36 13.65 22.93
C ALA E 554 -25.69 12.99 23.26
N VAL E 555 -26.59 12.90 22.29
CA VAL E 555 -27.87 12.23 22.52
C VAL E 555 -27.76 10.71 22.40
N GLY E 556 -26.63 10.19 21.92
CA GLY E 556 -26.44 8.76 21.81
C GLY E 556 -26.20 8.28 20.40
N GLN E 557 -26.87 7.19 20.02
CA GLN E 557 -26.72 6.58 18.71
C GLN E 557 -27.91 6.97 17.84
N VAL E 558 -27.62 7.44 16.62
CA VAL E 558 -28.67 7.73 15.65
C VAL E 558 -28.26 7.14 14.31
N SER E 559 -29.26 6.82 13.49
CA SER E 559 -29.04 6.30 12.14
C SER E 559 -29.56 7.30 11.14
N ARG E 560 -28.70 7.76 10.26
CA ARG E 560 -29.06 8.74 9.24
C ARG E 560 -28.75 8.19 7.86
N PRO E 561 -29.73 8.17 6.95
CA PRO E 561 -29.44 7.69 5.59
C PRO E 561 -28.39 8.56 4.92
N MET E 562 -27.49 7.91 4.18
CA MET E 562 -26.44 8.59 3.43
C MET E 562 -26.73 8.42 1.95
N PHE E 563 -26.84 9.55 1.26
CA PHE E 563 -27.18 9.61 -0.15
C PHE E 563 -25.92 9.70 -1.00
N LEU E 564 -26.12 9.84 -2.31
CA LEU E 564 -25.01 10.01 -3.25
C LEU E 564 -25.49 10.89 -4.38
N TYR E 565 -24.90 12.09 -4.48
CA TYR E 565 -25.26 13.04 -5.54
C TYR E 565 -24.40 12.73 -6.77
N VAL E 566 -25.04 12.32 -7.85
CA VAL E 566 -24.38 11.98 -9.10
C VAL E 566 -24.83 12.95 -10.17
N ARG E 567 -23.87 13.55 -10.87
CA ARG E 567 -24.22 14.52 -11.90
C ARG E 567 -23.16 14.51 -12.99
N THR E 568 -23.53 15.07 -14.14
CA THR E 568 -22.61 15.24 -15.26
C THR E 568 -22.21 16.71 -15.34
N ASN E 569 -20.91 16.97 -15.39
CA ASN E 569 -20.39 18.33 -15.42
C ASN E 569 -19.32 18.43 -16.51
N GLY E 570 -18.87 19.66 -16.75
CA GLY E 570 -17.84 19.90 -17.74
C GLY E 570 -16.91 21.00 -17.28
N THR E 571 -15.70 20.97 -17.83
CA THR E 571 -14.69 21.95 -17.45
C THR E 571 -13.74 22.20 -18.62
N SER E 572 -13.08 23.35 -18.58
CA SER E 572 -12.14 23.75 -19.61
C SER E 572 -10.73 23.83 -19.03
N LYS E 573 -9.75 23.94 -19.93
CA LYS E 573 -8.35 24.00 -19.51
C LYS E 573 -8.07 25.25 -18.69
N ILE E 574 -8.61 26.40 -19.11
CA ILE E 574 -8.36 27.63 -18.37
C ILE E 574 -9.03 27.59 -17.01
N LYS E 575 -10.23 27.00 -16.93
CA LYS E 575 -10.91 26.86 -15.66
C LYS E 575 -10.12 25.96 -14.71
N MET E 576 -9.58 24.85 -15.22
CA MET E 576 -8.76 23.98 -14.39
C MET E 576 -7.48 24.67 -13.95
N LYS E 577 -6.86 25.44 -14.84
CA LYS E 577 -5.64 26.16 -14.49
C LYS E 577 -5.90 27.18 -13.39
N TRP E 578 -7.00 27.92 -13.50
CA TRP E 578 -7.32 28.91 -12.47
C TRP E 578 -7.84 28.28 -11.20
N GLY E 579 -8.36 27.05 -11.26
CA GLY E 579 -8.73 26.33 -10.05
C GLY E 579 -7.55 25.81 -9.26
N MET E 580 -6.41 25.60 -9.93
CA MET E 580 -5.20 25.19 -9.23
C MET E 580 -4.57 26.32 -8.43
N GLU E 581 -4.97 27.56 -8.71
CA GLU E 581 -4.40 28.73 -8.05
C GLU E 581 -5.38 29.37 -7.08
N MET E 582 -6.24 28.56 -6.45
CA MET E 582 -7.18 29.07 -5.48
C MET E 582 -6.50 29.63 -4.23
N ARG E 583 -5.28 29.17 -3.93
CA ARG E 583 -4.57 29.66 -2.76
C ARG E 583 -4.35 31.16 -2.81
N ARG E 584 -4.29 31.74 -4.02
CA ARG E 584 -4.11 33.18 -4.15
C ARG E 584 -5.24 33.94 -3.49
N CYS E 585 -6.41 33.31 -3.30
CA CYS E 585 -7.48 33.94 -2.55
C CYS E 585 -7.01 34.37 -1.18
N LEU E 586 -6.30 33.48 -0.47
CA LEU E 586 -5.66 33.85 0.78
C LEU E 586 -4.80 35.09 0.60
N LEU E 587 -3.94 35.06 -0.43
CA LEU E 587 -3.07 36.21 -0.70
C LEU E 587 -3.87 37.48 -0.94
N GLN E 588 -5.08 37.35 -1.49
CA GLN E 588 -5.92 38.53 -1.67
C GLN E 588 -6.54 38.98 -0.36
N SER E 589 -6.98 38.02 0.47
CA SER E 589 -7.73 38.37 1.67
C SER E 589 -6.88 39.23 2.60
N LEU E 590 -5.64 38.83 2.85
CA LEU E 590 -4.74 39.65 3.64
C LEU E 590 -4.55 41.02 3.02
N GLN E 591 -4.45 41.07 1.69
CA GLN E 591 -4.34 42.37 1.02
C GLN E 591 -5.56 43.24 1.27
N GLN E 592 -6.73 42.62 1.45
CA GLN E 592 -7.93 43.38 1.75
C GLN E 592 -8.02 43.82 3.20
N ILE E 593 -7.12 43.33 4.06
CA ILE E 593 -7.18 43.67 5.48
C ILE E 593 -6.15 44.75 5.80
N GLU E 594 -4.87 44.43 5.58
CA GLU E 594 -3.81 45.35 5.98
C GLU E 594 -3.92 46.69 5.25
N SER E 595 -4.23 46.65 3.94
CA SER E 595 -4.42 47.88 3.20
C SER E 595 -5.53 48.73 3.81
N MET E 596 -6.57 48.09 4.34
CA MET E 596 -7.56 48.82 5.12
C MET E 596 -6.95 49.38 6.39
N ILE E 597 -6.27 48.52 7.16
CA ILE E 597 -5.68 48.95 8.43
C ILE E 597 -4.65 50.04 8.19
N GLU E 598 -3.80 49.86 7.19
CA GLU E 598 -2.83 50.89 6.83
C GLU E 598 -3.53 52.22 6.52
N ALA E 599 -4.71 52.14 5.91
CA ALA E 599 -5.48 53.36 5.66
C ALA E 599 -5.80 54.06 6.97
N GLU E 600 -6.25 53.30 7.97
CA GLU E 600 -6.51 53.88 9.28
C GLU E 600 -5.25 54.46 9.91
N SER E 601 -4.08 53.99 9.48
CA SER E 601 -2.84 54.60 9.94
C SER E 601 -2.63 55.97 9.30
N SER E 602 -2.92 56.08 8.00
CA SER E 602 -2.66 57.32 7.28
C SER E 602 -3.47 58.47 7.85
N VAL E 603 -4.74 58.22 8.18
CA VAL E 603 -5.56 59.27 8.77
C VAL E 603 -5.14 59.59 10.20
N LYS E 604 -4.36 58.72 10.84
CA LYS E 604 -3.95 58.92 12.22
C LYS E 604 -2.45 59.09 12.41
N GLU E 605 -1.64 58.83 11.37
CA GLU E 605 -0.18 58.91 11.47
C GLU E 605 0.34 58.04 12.61
N LYS E 606 -0.24 56.84 12.75
CA LYS E 606 0.14 55.91 13.81
C LYS E 606 -0.23 54.51 13.37
N ASP E 607 0.69 53.57 13.54
CA ASP E 607 0.45 52.18 13.16
C ASP E 607 -0.61 51.58 14.07
N LEU E 608 -1.80 51.34 13.52
CA LEU E 608 -2.92 50.79 14.28
C LEU E 608 -2.99 49.28 14.19
N THR E 609 -1.88 48.61 13.91
CA THR E 609 -1.89 47.15 13.81
C THR E 609 -2.27 46.51 15.15
N LYS E 610 -1.60 46.93 16.22
CA LYS E 610 -1.89 46.39 17.55
C LYS E 610 -3.16 46.97 18.15
N GLU E 611 -3.69 48.05 17.59
CA GLU E 611 -4.88 48.70 18.12
C GLU E 611 -6.18 48.10 17.58
N PHE E 612 -6.09 47.13 16.68
CA PHE E 612 -7.26 46.51 16.08
C PHE E 612 -7.36 45.02 16.42
N PHE E 613 -6.26 44.28 16.30
CA PHE E 613 -6.28 42.86 16.66
C PHE E 613 -6.45 42.66 18.15
N GLU E 614 -5.89 43.54 18.97
CA GLU E 614 -5.97 43.41 20.41
C GLU E 614 -7.26 43.97 21.00
N ASN E 615 -8.09 44.62 20.20
CA ASN E 615 -9.37 45.14 20.66
C ASN E 615 -10.32 43.97 20.92
N LYS E 616 -10.57 43.68 22.19
CA LYS E 616 -11.44 42.56 22.56
C LYS E 616 -12.90 43.01 22.64
N SER E 617 -13.40 43.52 21.52
CA SER E 617 -14.77 43.97 21.42
C SER E 617 -15.20 43.95 19.97
N GLU E 618 -16.46 43.58 19.73
CA GLU E 618 -17.01 43.60 18.38
C GLU E 618 -17.06 45.03 17.86
N THR E 619 -16.39 45.28 16.73
CA THR E 619 -16.14 46.63 16.29
C THR E 619 -16.62 46.91 14.87
N TRP E 620 -16.95 45.88 14.08
CA TRP E 620 -17.29 46.12 12.69
C TRP E 620 -18.65 45.53 12.36
N PRO E 621 -19.51 46.27 11.65
CA PRO E 621 -20.82 45.73 11.25
C PRO E 621 -20.64 44.75 10.09
N ILE E 622 -21.03 43.50 10.31
CA ILE E 622 -20.74 42.45 9.34
C ILE E 622 -21.96 41.62 8.95
N GLY E 623 -23.05 41.63 9.71
CA GLY E 623 -24.17 40.75 9.44
C GLY E 623 -25.49 41.49 9.49
N GLU E 624 -26.55 40.75 9.18
CA GLU E 624 -27.92 41.25 9.22
C GLU E 624 -28.78 40.32 10.05
N SER E 625 -29.62 40.91 10.90
CA SER E 625 -30.52 40.16 11.77
C SER E 625 -31.85 40.90 11.82
N PRO E 626 -32.95 40.20 12.10
CA PRO E 626 -34.22 40.91 12.28
C PRO E 626 -34.16 41.96 13.39
N LYS E 627 -33.37 41.72 14.43
CA LYS E 627 -33.19 42.74 15.46
C LYS E 627 -32.49 43.98 14.89
N GLY E 628 -31.49 43.78 14.06
CA GLY E 628 -30.78 44.90 13.47
C GLY E 628 -29.47 44.43 12.85
N VAL E 629 -28.58 45.40 12.63
CA VAL E 629 -27.28 45.11 12.04
C VAL E 629 -26.42 44.36 13.04
N GLU E 630 -25.79 43.27 12.60
CA GLU E 630 -24.98 42.44 13.46
C GLU E 630 -23.54 42.95 13.51
N GLU E 631 -22.96 42.90 14.70
CA GLU E 631 -21.61 43.38 14.96
C GLU E 631 -20.67 42.19 15.11
N GLY E 632 -19.41 42.37 14.70
CA GLY E 632 -18.44 41.30 14.81
C GLY E 632 -17.04 41.86 15.00
N SER E 633 -16.13 40.97 15.34
CA SER E 633 -14.74 41.34 15.62
C SER E 633 -13.92 41.28 14.33
N ILE E 634 -12.60 41.45 14.45
CA ILE E 634 -11.73 41.45 13.29
C ILE E 634 -11.66 40.07 12.66
N GLY E 635 -11.67 39.03 13.48
CA GLY E 635 -11.56 37.68 12.95
C GLY E 635 -12.75 37.29 12.09
N LYS E 636 -13.95 37.67 12.51
CA LYS E 636 -15.13 37.42 11.69
C LYS E 636 -15.05 38.15 10.36
N VAL E 637 -14.53 39.38 10.38
CA VAL E 637 -14.37 40.14 9.14
C VAL E 637 -13.37 39.44 8.22
N CYS E 638 -12.26 38.95 8.77
CA CYS E 638 -11.28 38.24 7.97
C CYS E 638 -11.87 36.98 7.35
N ARG E 639 -12.62 36.21 8.15
CA ARG E 639 -13.25 35.00 7.62
C ARG E 639 -14.26 35.34 6.54
N THR E 640 -15.04 36.40 6.74
CA THR E 640 -16.02 36.80 5.73
C THR E 640 -15.34 37.21 4.43
N LEU E 641 -14.24 37.97 4.52
CA LEU E 641 -13.53 38.37 3.31
C LEU E 641 -12.95 37.16 2.60
N LEU E 642 -12.38 36.21 3.35
CA LEU E 642 -11.85 35.01 2.72
C LEU E 642 -12.96 34.21 2.03
N ALA E 643 -14.11 34.08 2.68
CA ALA E 643 -15.23 33.37 2.08
C ALA E 643 -15.71 34.07 0.81
N LYS E 644 -15.75 35.40 0.84
CA LYS E 644 -16.15 36.14 -0.35
C LYS E 644 -15.17 35.92 -1.49
N SER E 645 -13.87 35.93 -1.21
CA SER E 645 -12.88 35.67 -2.24
C SER E 645 -13.02 34.25 -2.79
N VAL E 646 -13.24 33.28 -1.91
CA VAL E 646 -13.38 31.89 -2.33
C VAL E 646 -14.60 31.73 -3.23
N PHE E 647 -15.71 32.35 -2.85
CA PHE E 647 -16.92 32.25 -3.66
C PHE E 647 -16.77 32.98 -4.99
N ASN E 648 -16.02 34.08 -5.01
CA ASN E 648 -15.73 34.74 -6.28
C ASN E 648 -14.91 33.82 -7.18
N SER E 649 -13.93 33.11 -6.61
CA SER E 649 -13.14 32.17 -7.39
C SER E 649 -13.99 31.02 -7.91
N LEU E 650 -14.88 30.48 -7.06
CA LEU E 650 -15.65 29.30 -7.44
C LEU E 650 -16.73 29.64 -8.46
N TYR E 651 -17.42 30.76 -8.28
CA TYR E 651 -18.53 31.16 -9.14
C TYR E 651 -18.13 32.25 -10.13
N ALA E 652 -16.91 32.19 -10.64
CA ALA E 652 -16.43 33.20 -11.58
C ALA E 652 -17.25 33.15 -12.87
N SER E 653 -17.68 34.33 -13.33
CA SER E 653 -18.47 34.45 -14.55
C SER E 653 -18.35 35.89 -15.05
N PRO E 654 -18.56 36.11 -16.34
CA PRO E 654 -18.54 37.50 -16.85
C PRO E 654 -19.59 38.39 -16.21
N GLN E 655 -20.74 37.82 -15.82
CA GLN E 655 -21.80 38.61 -15.21
C GLN E 655 -21.32 39.27 -13.92
N LEU E 656 -20.62 38.51 -13.07
CA LEU E 656 -20.13 39.05 -11.82
C LEU E 656 -19.12 40.16 -12.05
N GLU E 657 -18.20 39.96 -13.00
CA GLU E 657 -17.18 40.97 -13.28
C GLU E 657 -17.82 42.25 -13.81
N GLY E 658 -18.82 42.12 -14.69
CA GLY E 658 -19.52 43.30 -15.15
C GLY E 658 -20.28 44.00 -14.05
N PHE E 659 -20.98 43.24 -13.21
CA PHE E 659 -21.82 43.83 -12.17
C PHE E 659 -20.97 44.56 -11.13
N SER E 660 -19.84 43.97 -10.72
CA SER E 660 -19.01 44.61 -9.72
C SER E 660 -18.45 45.94 -10.24
N ALA E 661 -17.98 45.95 -11.48
CA ALA E 661 -17.44 47.19 -12.06
C ALA E 661 -18.55 48.23 -12.21
N GLU E 662 -19.75 47.81 -12.59
CA GLU E 662 -20.84 48.76 -12.75
C GLU E 662 -21.29 49.33 -11.41
N SER E 663 -21.33 48.50 -10.37
CA SER E 663 -21.81 48.93 -9.06
C SER E 663 -20.76 49.66 -8.24
N ARG E 664 -19.48 49.58 -8.64
CA ARG E 664 -18.45 50.34 -7.94
C ARG E 664 -18.73 51.84 -8.02
N LYS E 665 -19.18 52.32 -9.18
CA LYS E 665 -19.50 53.74 -9.32
C LYS E 665 -20.68 54.13 -8.43
N LEU E 666 -21.70 53.28 -8.34
CA LEU E 666 -22.82 53.57 -7.46
C LEU E 666 -22.39 53.59 -6.01
N LEU E 667 -21.50 52.68 -5.61
CA LEU E 667 -20.97 52.69 -4.26
C LEU E 667 -20.22 53.98 -3.98
N LEU E 668 -19.40 54.42 -4.93
CA LEU E 668 -18.67 55.68 -4.76
C LEU E 668 -19.62 56.87 -4.65
N ILE E 669 -20.70 56.87 -5.44
CA ILE E 669 -21.68 57.94 -5.37
C ILE E 669 -22.36 57.95 -4.01
N VAL E 670 -22.73 56.78 -3.50
CA VAL E 670 -23.36 56.71 -2.18
C VAL E 670 -22.41 57.20 -1.11
N GLN E 671 -21.14 56.82 -1.19
CA GLN E 671 -20.15 57.28 -0.22
C GLN E 671 -19.99 58.79 -0.28
N ALA E 672 -19.95 59.35 -1.48
CA ALA E 672 -19.84 60.80 -1.62
C ALA E 672 -21.06 61.50 -1.04
N LEU E 673 -22.25 60.93 -1.25
CA LEU E 673 -23.45 61.50 -0.65
C LEU E 673 -23.39 61.47 0.86
N ARG E 674 -22.89 60.37 1.43
CA ARG E 674 -22.77 60.27 2.88
C ARG E 674 -21.74 61.23 3.45
N ASP E 675 -20.85 61.77 2.62
CA ASP E 675 -19.81 62.70 3.05
C ASP E 675 -20.22 64.16 2.88
N ASN E 676 -21.48 64.41 2.50
CA ASN E 676 -21.99 65.77 2.30
C ASN E 676 -21.18 66.54 1.28
N LEU E 677 -20.81 65.87 0.19
CA LEU E 677 -20.05 66.48 -0.89
C LEU E 677 -20.93 66.90 -2.06
N GLU E 678 -22.26 66.80 -1.91
CA GLU E 678 -23.22 67.16 -2.95
C GLU E 678 -22.93 66.43 -4.26
N PRO E 679 -23.12 65.12 -4.31
CA PRO E 679 -22.83 64.40 -5.55
C PRO E 679 -23.82 64.73 -6.65
N GLY E 680 -23.37 64.60 -7.88
CA GLY E 680 -24.21 64.85 -9.03
C GLY E 680 -23.98 63.81 -10.10
N THR E 681 -25.04 63.52 -10.85
CA THR E 681 -25.00 62.52 -11.91
C THR E 681 -25.48 63.12 -13.22
N PHE E 682 -24.96 62.58 -14.33
CA PHE E 682 -25.39 63.01 -15.65
C PHE E 682 -26.49 62.13 -16.22
N ASP E 683 -26.38 60.81 -16.03
CA ASP E 683 -27.40 59.87 -16.52
C ASP E 683 -27.46 58.70 -15.53
N LEU E 684 -28.37 58.80 -14.57
CA LEU E 684 -28.54 57.73 -13.59
C LEU E 684 -29.27 56.54 -14.18
N GLU E 685 -30.23 56.78 -15.07
CA GLU E 685 -30.99 55.69 -15.67
C GLU E 685 -30.10 54.78 -16.50
N GLY E 686 -29.17 55.36 -17.27
CA GLY E 686 -28.25 54.55 -18.04
C GLY E 686 -27.37 53.68 -17.16
N LEU E 687 -26.85 54.26 -16.07
CA LEU E 687 -26.03 53.49 -15.15
C LEU E 687 -26.82 52.35 -14.51
N TYR E 688 -28.07 52.63 -14.11
CA TYR E 688 -28.91 51.59 -13.53
C TYR E 688 -29.20 50.49 -14.54
N GLU E 689 -29.47 50.85 -15.79
CA GLU E 689 -29.71 49.84 -16.82
C GLU E 689 -28.46 49.00 -17.06
N ALA E 690 -27.28 49.63 -17.07
CA ALA E 690 -26.04 48.88 -17.23
C ALA E 690 -25.83 47.93 -16.06
N ILE E 691 -26.15 48.37 -14.85
CA ILE E 691 -25.99 47.51 -13.68
C ILE E 691 -26.93 46.31 -13.77
N GLU E 692 -28.20 46.57 -14.10
CA GLU E 692 -29.19 45.50 -14.15
C GLU E 692 -29.03 44.58 -15.34
N GLU E 693 -28.17 44.93 -16.31
CA GLU E 693 -27.99 44.09 -17.49
C GLU E 693 -27.24 42.80 -17.14
N CYS E 694 -26.38 42.84 -16.13
CA CYS E 694 -25.54 41.69 -15.79
C CYS E 694 -26.26 40.66 -14.92
N LEU E 695 -27.43 40.98 -14.38
CA LEU E 695 -28.17 40.06 -13.52
C LEU E 695 -29.07 39.21 -14.39
N ILE E 696 -28.65 37.97 -14.69
CA ILE E 696 -29.46 37.11 -15.54
C ILE E 696 -29.81 35.81 -14.82
N ASN E 697 -28.80 34.98 -14.54
CA ASN E 697 -29.06 33.68 -13.93
C ASN E 697 -28.04 33.24 -12.90
N ASP E 698 -26.99 34.01 -12.65
CA ASP E 698 -25.93 33.55 -11.74
C ASP E 698 -26.35 33.80 -10.30
N PRO E 699 -26.45 32.76 -9.47
CA PRO E 699 -26.88 32.97 -8.08
C PRO E 699 -25.94 33.87 -7.28
N TRP E 700 -24.63 33.79 -7.53
CA TRP E 700 -23.68 34.62 -6.78
C TRP E 700 -23.90 36.10 -7.05
N VAL E 701 -24.12 36.46 -8.33
CA VAL E 701 -24.36 37.85 -8.68
C VAL E 701 -25.69 38.32 -8.11
N LEU E 702 -26.70 37.46 -8.11
CA LEU E 702 -27.98 37.82 -7.51
C LEU E 702 -27.84 38.07 -6.01
N LEU E 703 -27.06 37.23 -5.32
CA LEU E 703 -26.81 37.45 -3.90
C LEU E 703 -26.07 38.76 -3.66
N ASN E 704 -25.09 39.06 -4.52
CA ASN E 704 -24.37 40.33 -4.39
C ASN E 704 -25.30 41.52 -4.61
N ALA E 705 -26.20 41.41 -5.58
CA ALA E 705 -27.16 42.48 -5.83
C ALA E 705 -28.11 42.65 -4.64
N SER E 706 -28.55 41.55 -4.04
CA SER E 706 -29.39 41.64 -2.84
C SER E 706 -28.63 42.29 -1.69
N TRP E 707 -27.35 41.95 -1.54
CA TRP E 707 -26.51 42.59 -0.53
C TRP E 707 -26.41 44.09 -0.77
N PHE E 708 -26.22 44.49 -2.04
CA PHE E 708 -26.15 45.90 -2.37
C PHE E 708 -27.45 46.61 -2.06
N ASN E 709 -28.58 45.97 -2.36
CA ASN E 709 -29.88 46.57 -2.05
C ASN E 709 -30.05 46.74 -0.55
N SER E 710 -29.66 45.73 0.23
CA SER E 710 -29.76 45.84 1.69
C SER E 710 -28.87 46.95 2.23
N PHE E 711 -27.64 47.06 1.70
CA PHE E 711 -26.75 48.12 2.14
C PHE E 711 -27.29 49.49 1.78
N LEU E 712 -27.89 49.62 0.59
CA LEU E 712 -28.48 50.89 0.20
C LEU E 712 -29.65 51.25 1.12
N THR E 713 -30.46 50.25 1.47
CA THR E 713 -31.57 50.51 2.39
C THR E 713 -31.06 50.95 3.77
N HIS E 714 -30.02 50.29 4.27
CA HIS E 714 -29.54 50.56 5.62
C HIS E 714 -28.59 51.75 5.70
N ALA E 715 -28.13 52.28 4.57
CA ALA E 715 -27.16 53.37 4.58
C ALA E 715 -27.82 54.75 4.60
N LEU E 716 -29.15 54.82 4.49
CA LEU E 716 -29.87 56.09 4.52
C LEU E 716 -30.88 56.15 5.66
N ARG E 717 -30.67 55.38 6.73
CA ARG E 717 -31.57 55.37 7.86
C ARG E 717 -30.90 55.93 9.10
N MET F 1 -28.53 34.99 11.45
CA MET F 1 -27.51 35.97 11.16
C MET F 1 -26.97 35.80 9.74
N ASP F 2 -27.42 36.66 8.83
CA ASP F 2 -27.01 36.61 7.44
C ASP F 2 -25.81 37.53 7.25
N VAL F 3 -24.69 36.96 6.83
CA VAL F 3 -23.45 37.73 6.66
C VAL F 3 -23.55 38.55 5.38
N ASN F 4 -23.32 39.86 5.52
CA ASN F 4 -23.34 40.79 4.40
C ASN F 4 -22.06 41.60 4.42
N PRO F 5 -21.05 41.20 3.65
CA PRO F 5 -19.79 41.97 3.65
C PRO F 5 -19.95 43.41 3.20
N THR F 6 -20.92 43.69 2.32
CA THR F 6 -21.13 45.05 1.87
C THR F 6 -21.51 45.98 3.02
N LEU F 7 -22.14 45.43 4.07
CA LEU F 7 -22.47 46.24 5.24
C LEU F 7 -21.22 46.79 5.92
N LEU F 8 -20.05 46.20 5.66
CA LEU F 8 -18.80 46.75 6.17
C LEU F 8 -18.57 48.17 5.68
N PHE F 9 -19.15 48.55 4.54
CA PHE F 9 -19.03 49.90 4.05
C PHE F 9 -19.83 50.91 4.87
N LEU F 10 -20.67 50.45 5.80
CA LEU F 10 -21.41 51.36 6.65
C LEU F 10 -20.48 52.19 7.52
N LYS F 11 -19.44 51.57 8.07
CA LYS F 11 -18.46 52.26 8.90
C LYS F 11 -17.20 52.63 8.11
N VAL F 12 -16.56 51.66 7.47
CA VAL F 12 -15.32 51.92 6.73
C VAL F 12 -15.67 52.63 5.42
N PRO F 13 -15.00 53.73 5.08
CA PRO F 13 -15.24 54.36 3.78
C PRO F 13 -14.87 53.43 2.64
N VAL F 14 -15.60 53.56 1.53
CA VAL F 14 -15.42 52.64 0.41
C VAL F 14 -14.04 52.80 -0.21
N GLN F 15 -13.45 53.99 -0.13
CA GLN F 15 -12.12 54.18 -0.70
C GLN F 15 -11.07 53.40 0.08
N ASN F 16 -11.24 53.26 1.39
CA ASN F 16 -10.30 52.50 2.20
C ASN F 16 -10.41 51.00 1.94
N ALA F 17 -11.61 50.49 1.72
CA ALA F 17 -11.86 49.07 1.52
C ALA F 17 -12.41 48.79 0.13
N ILE F 18 -11.83 49.44 -0.89
CA ILE F 18 -12.27 49.23 -2.26
C ILE F 18 -11.82 47.89 -2.83
N SER F 19 -10.86 47.23 -2.20
CA SER F 19 -10.37 45.95 -2.70
C SER F 19 -11.47 44.89 -2.74
N THR F 20 -12.52 45.04 -1.95
CA THR F 20 -13.63 44.09 -1.98
C THR F 20 -14.46 44.20 -3.25
N THR F 21 -14.23 45.22 -4.07
CA THR F 21 -14.98 45.41 -5.31
C THR F 21 -14.22 44.93 -6.53
N PHE F 22 -13.14 44.18 -6.35
CA PHE F 22 -12.31 43.68 -7.45
C PHE F 22 -12.24 42.16 -7.37
N PRO F 23 -13.17 41.44 -7.98
CA PRO F 23 -13.14 39.97 -7.98
C PRO F 23 -12.15 39.41 -8.99
N TYR F 24 -10.86 39.57 -8.69
CA TYR F 24 -9.78 39.18 -9.59
C TYR F 24 -9.14 37.85 -9.19
N THR F 25 -9.93 36.92 -8.64
CA THR F 25 -9.42 35.62 -8.26
C THR F 25 -9.90 34.48 -9.15
N GLY F 26 -10.95 34.71 -9.95
CA GLY F 26 -11.46 33.69 -10.84
C GLY F 26 -10.92 33.84 -12.26
N ASP F 27 -11.26 32.87 -13.09
CA ASP F 27 -10.80 32.87 -14.47
C ASP F 27 -11.50 33.98 -15.25
N PRO F 28 -10.77 34.81 -15.99
CA PRO F 28 -11.43 35.83 -16.81
C PRO F 28 -12.18 35.17 -17.95
N PRO F 29 -13.24 35.81 -18.45
CA PRO F 29 -14.02 35.21 -19.54
C PRO F 29 -13.22 35.16 -20.83
N TYR F 30 -13.43 34.09 -21.59
CA TYR F 30 -12.81 33.90 -22.88
C TYR F 30 -13.88 33.91 -23.98
N SER F 31 -13.43 33.74 -25.21
CA SER F 31 -14.30 33.81 -26.38
C SER F 31 -14.33 32.47 -27.08
N HIS F 32 -15.53 31.98 -27.38
CA HIS F 32 -15.73 30.74 -28.13
C HIS F 32 -16.27 31.11 -29.52
N GLY F 33 -15.53 30.71 -30.55
CA GLY F 33 -15.96 30.93 -31.92
C GLY F 33 -15.08 31.94 -32.64
N THR F 34 -15.71 32.79 -33.45
CA THR F 34 -15.02 33.75 -34.28
C THR F 34 -15.35 35.18 -33.82
N GLY F 35 -14.53 36.12 -34.27
CA GLY F 35 -14.75 37.53 -33.97
C GLY F 35 -15.30 38.29 -35.15
N THR F 36 -15.82 37.57 -36.13
CA THR F 36 -16.36 38.21 -37.33
C THR F 36 -17.55 39.09 -36.99
N GLY F 37 -18.45 38.60 -36.13
CA GLY F 37 -19.61 39.39 -35.75
C GLY F 37 -19.24 40.66 -35.03
N TYR F 38 -18.29 40.56 -34.09
CA TYR F 38 -17.85 41.74 -33.36
C TYR F 38 -17.17 42.75 -34.29
N THR F 39 -16.35 42.26 -35.22
CA THR F 39 -15.70 43.15 -36.17
C THR F 39 -16.72 43.87 -37.04
N MET F 40 -17.71 43.14 -37.54
CA MET F 40 -18.74 43.75 -38.36
C MET F 40 -19.55 44.77 -37.56
N ASP F 41 -19.86 44.45 -36.30
CA ASP F 41 -20.58 45.39 -35.44
C ASP F 41 -19.77 46.66 -35.23
N THR F 42 -18.46 46.52 -34.98
CA THR F 42 -17.61 47.70 -34.77
C THR F 42 -17.55 48.56 -36.03
N VAL F 43 -17.41 47.92 -37.20
CA VAL F 43 -17.34 48.69 -38.44
C VAL F 43 -18.66 49.40 -38.71
N ASN F 44 -19.79 48.70 -38.47
CA ASN F 44 -21.09 49.33 -38.67
C ASN F 44 -21.30 50.50 -37.73
N ARG F 45 -20.88 50.35 -36.46
CA ARG F 45 -20.99 51.45 -35.52
C ARG F 45 -20.13 52.63 -35.95
N THR F 46 -18.91 52.36 -36.40
CA THR F 46 -18.01 53.43 -36.83
C THR F 46 -18.58 54.18 -38.02
N HIS F 47 -19.13 53.46 -39.00
CA HIS F 47 -19.72 54.13 -40.15
C HIS F 47 -21.06 54.78 -39.85
N LYS F 48 -21.77 54.32 -38.82
CA LYS F 48 -23.00 54.97 -38.42
C LYS F 48 -22.73 56.29 -37.71
N TYR F 49 -21.67 56.34 -36.92
CA TYR F 49 -21.30 57.59 -36.24
C TYR F 49 -20.81 58.65 -37.21
N SER F 50 -20.53 58.29 -38.47
CA SER F 50 -20.09 59.23 -39.49
C SER F 50 -20.99 59.18 -40.73
N GLU F 51 -22.29 58.92 -40.52
CA GLU F 51 -23.20 58.73 -41.64
C GLU F 51 -23.43 60.00 -42.45
N LYS F 52 -23.06 61.17 -41.95
CA LYS F 52 -23.26 62.43 -42.65
C LYS F 52 -21.96 62.96 -43.26
N GLY F 53 -21.02 62.08 -43.55
CA GLY F 53 -19.76 62.46 -44.16
C GLY F 53 -19.82 62.45 -45.67
N LYS F 54 -18.64 62.48 -46.29
CA LYS F 54 -18.50 62.46 -47.74
C LYS F 54 -17.96 61.09 -48.17
N TRP F 55 -18.63 60.46 -49.12
CA TRP F 55 -18.22 59.16 -49.63
C TRP F 55 -17.40 59.38 -50.91
N THR F 56 -16.16 58.88 -50.91
CA THR F 56 -15.28 59.02 -52.06
C THR F 56 -14.68 57.66 -52.40
N THR F 57 -14.80 57.26 -53.67
CA THR F 57 -14.20 56.01 -54.11
C THR F 57 -12.70 56.17 -54.27
N ASN F 58 -11.96 55.14 -53.87
CA ASN F 58 -10.51 55.18 -53.99
C ASN F 58 -10.09 54.88 -55.42
N THR F 59 -8.85 55.27 -55.74
CA THR F 59 -8.28 55.04 -57.07
C THR F 59 -7.32 53.86 -57.09
N GLU F 60 -6.36 53.82 -56.17
CA GLU F 60 -5.39 52.72 -56.15
C GLU F 60 -6.04 51.42 -55.70
N THR F 61 -6.96 51.49 -54.73
CA THR F 61 -7.62 50.31 -54.21
C THR F 61 -9.09 50.20 -54.61
N GLY F 62 -9.79 51.31 -54.77
CA GLY F 62 -11.18 51.29 -55.17
C GLY F 62 -12.17 51.20 -54.05
N ALA F 63 -11.72 51.05 -52.80
CA ALA F 63 -12.65 50.96 -51.68
C ALA F 63 -13.27 52.33 -51.40
N PRO F 64 -14.55 52.39 -51.08
CA PRO F 64 -15.20 53.68 -50.79
C PRO F 64 -14.89 54.15 -49.37
N GLN F 65 -14.10 55.23 -49.27
CA GLN F 65 -13.76 55.80 -47.99
C GLN F 65 -14.78 56.88 -47.60
N LEU F 66 -14.84 57.14 -46.30
CA LEU F 66 -15.78 58.09 -45.72
C LEU F 66 -15.01 59.18 -44.99
N ASN F 67 -15.38 60.43 -45.23
CA ASN F 67 -14.70 61.59 -44.65
C ASN F 67 -15.68 62.38 -43.80
N PRO F 68 -15.60 62.31 -42.48
CA PRO F 68 -16.49 63.10 -41.60
C PRO F 68 -15.95 64.46 -41.21
N ILE F 69 -14.78 64.86 -41.69
CA ILE F 69 -14.19 66.14 -41.31
C ILE F 69 -15.05 67.28 -41.82
N ASP F 70 -15.20 68.31 -40.99
CA ASP F 70 -15.94 69.53 -41.34
C ASP F 70 -17.40 69.22 -41.71
N GLY F 71 -17.97 68.18 -41.10
CA GLY F 71 -19.35 67.86 -41.32
C GLY F 71 -20.27 68.73 -40.50
N PRO F 72 -21.56 68.43 -40.57
CA PRO F 72 -22.54 69.20 -39.78
C PRO F 72 -22.25 69.07 -38.29
N LEU F 73 -22.44 70.18 -37.58
CA LEU F 73 -22.21 70.18 -36.15
C LEU F 73 -23.26 69.33 -35.44
N PRO F 74 -22.88 68.65 -34.36
CA PRO F 74 -23.84 67.76 -33.69
C PRO F 74 -25.04 68.53 -33.15
N GLU F 75 -26.21 67.90 -33.23
CA GLU F 75 -27.44 68.50 -32.75
C GLU F 75 -28.00 67.82 -31.52
N ASP F 76 -27.38 66.74 -31.04
CA ASP F 76 -27.82 66.03 -29.86
C ASP F 76 -26.60 65.50 -29.12
N ASN F 77 -26.86 64.76 -28.05
CA ASN F 77 -25.79 64.24 -27.20
C ASN F 77 -25.24 62.90 -27.71
N GLU F 78 -25.70 62.42 -28.84
CA GLU F 78 -25.21 61.16 -29.39
C GLU F 78 -23.78 61.32 -29.89
N PRO F 79 -22.99 60.25 -29.88
CA PRO F 79 -21.61 60.34 -30.37
C PRO F 79 -21.55 60.74 -31.84
N SER F 80 -20.53 61.52 -32.18
CA SER F 80 -20.34 61.98 -33.55
C SER F 80 -18.85 62.15 -33.81
N GLY F 81 -18.43 61.78 -35.02
CA GLY F 81 -17.02 61.86 -35.39
C GLY F 81 -16.70 63.07 -36.25
N TYR F 82 -17.59 64.06 -36.24
CA TYR F 82 -17.42 65.27 -37.05
C TYR F 82 -16.47 66.22 -36.31
N ALA F 83 -15.21 66.23 -36.73
CA ALA F 83 -14.18 67.05 -36.10
C ALA F 83 -13.71 68.12 -37.08
N GLN F 84 -13.69 69.37 -36.61
CA GLN F 84 -13.23 70.49 -37.43
C GLN F 84 -11.71 70.61 -37.30
N THR F 85 -11.04 70.67 -38.44
CA THR F 85 -9.58 70.77 -38.43
C THR F 85 -9.11 72.12 -37.87
N ASP F 86 -9.89 73.19 -38.10
CA ASP F 86 -9.50 74.49 -37.60
C ASP F 86 -9.47 74.51 -36.07
N CYS F 87 -10.47 73.88 -35.44
CA CYS F 87 -10.50 73.84 -33.98
C CYS F 87 -9.32 73.04 -33.43
N VAL F 88 -8.99 71.92 -34.07
CA VAL F 88 -7.85 71.11 -33.63
C VAL F 88 -6.55 71.89 -33.76
N LEU F 89 -6.37 72.57 -34.89
CA LEU F 89 -5.16 73.36 -35.08
C LEU F 89 -5.07 74.51 -34.09
N GLU F 90 -6.21 75.15 -33.80
CA GLU F 90 -6.23 76.22 -32.81
C GLU F 90 -5.87 75.70 -31.42
N ALA F 91 -6.39 74.53 -31.06
CA ALA F 91 -6.04 73.94 -29.77
C ALA F 91 -4.56 73.60 -29.70
N MET F 92 -4.01 73.07 -30.78
CA MET F 92 -2.57 72.78 -30.81
C MET F 92 -1.76 74.05 -30.67
N ALA F 93 -2.17 75.13 -31.36
CA ALA F 93 -1.47 76.40 -31.27
C ALA F 93 -1.52 76.95 -29.85
N PHE F 94 -2.68 76.86 -29.19
CA PHE F 94 -2.79 77.34 -27.82
C PHE F 94 -1.93 76.51 -26.87
N LEU F 95 -1.89 75.19 -27.08
CA LEU F 95 -1.03 74.33 -26.27
C LEU F 95 0.43 74.71 -26.45
N GLU F 96 0.85 74.99 -27.69
CA GLU F 96 2.22 75.43 -27.94
C GLU F 96 2.50 76.76 -27.25
N GLU F 97 1.55 77.69 -27.32
CA GLU F 97 1.73 78.99 -26.67
C GLU F 97 1.88 78.85 -25.16
N SER F 98 1.06 77.98 -24.55
CA SER F 98 1.12 77.82 -23.10
C SER F 98 2.43 77.19 -22.65
N HIS F 99 2.99 76.29 -23.46
CA HIS F 99 4.26 75.63 -23.15
C HIS F 99 5.19 75.81 -24.33
N PRO F 100 5.84 76.97 -24.44
CA PRO F 100 6.70 77.24 -25.60
C PRO F 100 7.88 76.28 -25.66
N GLY F 101 8.25 75.94 -26.90
CA GLY F 101 9.46 75.17 -27.16
C GLY F 101 9.34 73.67 -26.97
N ILE F 102 8.17 73.15 -26.59
CA ILE F 102 8.04 71.72 -26.37
C ILE F 102 8.13 70.96 -27.70
N PHE F 103 7.46 71.47 -28.74
CA PHE F 103 7.38 70.75 -30.01
C PHE F 103 8.76 70.64 -30.66
N GLU F 104 9.54 71.72 -30.64
CA GLU F 104 10.85 71.69 -31.28
C GLU F 104 11.79 70.72 -30.56
N ASN F 105 11.79 70.74 -29.22
CA ASN F 105 12.64 69.82 -28.47
C ASN F 105 12.21 68.38 -28.70
N SER F 106 10.90 68.12 -28.73
CA SER F 106 10.41 66.79 -29.01
C SER F 106 10.84 66.33 -30.40
N CYS F 107 10.76 67.23 -31.39
CA CYS F 107 11.19 66.90 -32.74
C CYS F 107 12.67 66.57 -32.78
N LEU F 108 13.50 67.35 -32.08
CA LEU F 108 14.93 67.08 -32.06
C LEU F 108 15.23 65.73 -31.42
N GLU F 109 14.58 65.43 -30.30
CA GLU F 109 14.80 64.14 -29.64
C GLU F 109 14.35 62.99 -30.53
N THR F 110 13.21 63.15 -31.21
CA THR F 110 12.73 62.09 -32.09
C THR F 110 13.65 61.89 -33.29
N MET F 111 14.20 62.98 -33.84
CA MET F 111 15.16 62.84 -34.92
C MET F 111 16.41 62.10 -34.46
N GLU F 112 16.88 62.42 -33.25
CA GLU F 112 18.03 61.70 -32.70
C GLU F 112 17.71 60.21 -32.53
N ILE F 113 16.52 59.90 -32.01
CA ILE F 113 16.14 58.50 -31.84
C ILE F 113 16.06 57.79 -33.19
N VAL F 114 15.47 58.46 -34.19
CA VAL F 114 15.34 57.86 -35.52
C VAL F 114 16.72 57.57 -36.11
N GLN F 115 17.64 58.53 -35.97
CA GLN F 115 19.00 58.30 -36.44
C GLN F 115 19.72 57.23 -35.63
N GLN F 116 19.26 56.96 -34.40
CA GLN F 116 19.89 55.97 -33.53
C GLN F 116 18.94 54.81 -33.23
N THR F 117 18.25 54.31 -34.26
CA THR F 117 17.30 53.21 -34.11
C THR F 117 17.78 52.01 -34.92
N ARG F 118 17.75 50.83 -34.30
CA ARG F 118 18.13 49.60 -34.96
C ARG F 118 16.90 48.91 -35.55
N VAL F 119 17.12 47.79 -36.24
CA VAL F 119 16.03 47.04 -36.83
C VAL F 119 15.46 45.97 -35.90
N ASP F 120 16.15 45.66 -34.81
CA ASP F 120 15.70 44.63 -33.89
C ASP F 120 14.59 45.10 -32.95
N LYS F 121 14.31 46.40 -32.92
CA LYS F 121 13.23 46.90 -32.05
C LYS F 121 11.89 46.33 -32.46
N LEU F 122 11.74 45.95 -33.73
CA LEU F 122 10.51 45.32 -34.20
C LEU F 122 10.40 43.87 -33.78
N THR F 123 11.52 43.24 -33.38
CA THR F 123 11.47 41.84 -32.97
C THR F 123 10.69 41.68 -31.67
N GLN F 124 10.83 42.62 -30.74
CA GLN F 124 10.12 42.57 -29.46
C GLN F 124 8.76 43.23 -29.62
N GLY F 125 7.71 42.50 -29.26
CA GLY F 125 6.37 43.03 -29.37
C GLY F 125 5.35 41.92 -29.15
N ARG F 126 4.09 42.27 -29.45
CA ARG F 126 3.00 41.33 -29.31
C ARG F 126 2.88 40.46 -30.56
N GLN F 127 1.85 39.63 -30.63
CA GLN F 127 1.61 38.77 -31.79
C GLN F 127 1.20 39.64 -32.96
N THR F 128 2.06 39.74 -33.98
CA THR F 128 1.79 40.57 -35.13
C THR F 128 1.12 39.77 -36.24
N TYR F 129 0.80 40.44 -37.34
CA TYR F 129 0.11 39.83 -38.47
C TYR F 129 1.08 39.64 -39.62
N ASP F 130 1.12 38.43 -40.16
CA ASP F 130 1.94 38.11 -41.32
C ASP F 130 1.05 38.10 -42.56
N TRP F 131 1.36 38.98 -43.51
CA TRP F 131 0.58 39.10 -44.73
C TRP F 131 0.90 37.99 -45.73
N THR F 132 2.16 37.54 -45.77
CA THR F 132 2.50 36.45 -46.70
C THR F 132 1.76 35.18 -46.35
N LEU F 133 1.67 34.85 -45.06
CA LEU F 133 0.88 33.72 -44.59
C LEU F 133 -0.56 34.10 -44.26
N ASN F 134 -0.86 35.41 -44.20
CA ASN F 134 -2.19 35.90 -43.86
C ASN F 134 -2.66 35.33 -42.53
N ARG F 135 -1.76 35.28 -41.55
CA ARG F 135 -2.05 34.68 -40.26
C ARG F 135 -1.48 35.56 -39.16
N ASN F 136 -1.48 35.05 -37.93
CA ASN F 136 -0.90 35.72 -36.78
C ASN F 136 0.39 35.00 -36.40
N GLN F 137 1.49 35.74 -36.41
CA GLN F 137 2.82 35.20 -36.16
C GLN F 137 3.55 36.08 -35.16
N PRO F 138 4.55 35.53 -34.47
CA PRO F 138 5.40 36.36 -33.61
C PRO F 138 6.18 37.38 -34.42
N ALA F 139 6.55 38.47 -33.75
CA ALA F 139 7.16 39.59 -34.45
C ALA F 139 8.47 39.20 -35.13
N ALA F 140 9.31 38.42 -34.44
CA ALA F 140 10.58 38.02 -35.02
C ALA F 140 10.38 37.14 -36.25
N THR F 141 9.44 36.18 -36.17
CA THR F 141 9.19 35.30 -37.30
C THR F 141 8.64 36.07 -38.49
N ALA F 142 7.71 37.00 -38.25
CA ALA F 142 7.17 37.80 -39.33
C ALA F 142 8.23 38.70 -39.95
N LEU F 143 9.12 39.27 -39.12
CA LEU F 143 10.20 40.10 -39.64
C LEU F 143 11.14 39.26 -40.51
N ALA F 144 11.48 38.06 -40.07
CA ALA F 144 12.33 37.19 -40.88
C ALA F 144 11.64 36.82 -42.19
N ASN F 145 10.34 36.53 -42.13
CA ASN F 145 9.60 36.16 -43.34
C ASN F 145 9.56 37.31 -44.34
N THR F 146 9.30 38.53 -43.86
CA THR F 146 9.24 39.65 -44.78
C THR F 146 10.64 40.03 -45.28
N ILE F 147 11.68 39.78 -44.48
CA ILE F 147 13.04 39.99 -44.96
C ILE F 147 13.35 39.02 -46.10
N GLU F 148 12.97 37.74 -45.93
CA GLU F 148 13.16 36.78 -47.00
C GLU F 148 12.37 37.15 -48.25
N VAL F 149 11.14 37.63 -48.07
CA VAL F 149 10.31 38.01 -49.21
C VAL F 149 10.94 39.19 -49.96
N PHE F 150 11.40 40.19 -49.21
CA PHE F 150 12.07 41.33 -49.83
C PHE F 150 13.43 40.96 -50.42
N ARG F 151 14.02 39.85 -49.97
CA ARG F 151 15.22 39.33 -50.61
C ARG F 151 14.90 38.62 -51.93
N SER F 152 13.76 37.93 -52.00
CA SER F 152 13.38 37.25 -53.23
C SER F 152 13.17 38.25 -54.36
N ASN F 153 12.18 39.13 -54.21
CA ASN F 153 12.03 40.26 -55.13
C ASN F 153 13.05 41.32 -54.73
N GLY F 154 14.08 41.50 -55.56
CA GLY F 154 15.30 42.15 -55.11
C GLY F 154 15.14 43.54 -54.51
N LEU F 155 15.24 43.59 -53.18
CA LEU F 155 15.25 44.84 -52.43
C LEU F 155 16.02 44.54 -51.14
N THR F 156 17.32 44.85 -51.14
CA THR F 156 18.21 44.46 -50.04
C THR F 156 19.03 45.65 -49.57
N ALA F 157 18.37 46.79 -49.38
CA ALA F 157 19.02 47.97 -48.81
C ALA F 157 18.88 48.05 -47.31
N ASN F 158 18.16 47.11 -46.69
CA ASN F 158 17.97 47.10 -45.24
C ASN F 158 18.97 46.22 -44.52
N GLU F 159 19.92 45.61 -45.23
CA GLU F 159 20.89 44.74 -44.59
C GLU F 159 21.90 45.48 -43.72
N SER F 160 21.94 46.82 -43.81
CA SER F 160 22.84 47.59 -42.96
C SER F 160 22.42 47.57 -41.49
N GLY F 161 21.15 47.30 -41.21
CA GLY F 161 20.67 47.22 -39.85
C GLY F 161 19.94 48.44 -39.34
N ARG F 162 19.75 49.46 -40.17
CA ARG F 162 19.06 50.68 -39.75
C ARG F 162 17.58 50.57 -40.12
N LEU F 163 16.72 51.00 -39.18
CA LEU F 163 15.29 50.92 -39.41
C LEU F 163 14.85 51.81 -40.57
N ILE F 164 15.55 52.93 -40.78
CA ILE F 164 15.23 53.81 -41.90
C ILE F 164 15.42 53.07 -43.22
N ASP F 165 16.44 52.21 -43.32
CA ASP F 165 16.65 51.44 -44.53
C ASP F 165 15.50 50.47 -44.78
N PHE F 166 15.02 49.82 -43.72
CA PHE F 166 13.86 48.94 -43.88
C PHE F 166 12.62 49.71 -44.29
N LEU F 167 12.44 50.90 -43.74
CA LEU F 167 11.30 51.74 -44.13
C LEU F 167 11.42 52.13 -45.60
N LYS F 168 12.63 52.45 -46.06
CA LYS F 168 12.82 52.78 -47.48
C LYS F 168 12.57 51.57 -48.36
N ASP F 169 12.96 50.37 -47.91
CA ASP F 169 12.67 49.16 -48.66
C ASP F 169 11.18 48.92 -48.78
N VAL F 170 10.44 49.12 -47.69
CA VAL F 170 8.98 49.01 -47.74
C VAL F 170 8.41 50.08 -48.67
N MET F 171 9.00 51.28 -48.65
CA MET F 171 8.59 52.35 -49.54
C MET F 171 8.73 51.95 -51.00
N ASP F 172 9.86 51.34 -51.35
CA ASP F 172 10.10 50.95 -52.74
C ASP F 172 9.28 49.74 -53.13
N SER F 173 8.94 48.88 -52.15
CA SER F 173 8.19 47.66 -52.46
C SER F 173 6.76 47.95 -52.90
N MET F 174 6.24 49.15 -52.63
CA MET F 174 4.88 49.47 -52.99
C MET F 174 4.72 49.84 -54.46
N ASP F 175 5.82 50.03 -55.19
CA ASP F 175 5.78 50.39 -56.60
C ASP F 175 6.04 49.20 -57.52
N LYS F 176 6.27 48.01 -56.96
CA LYS F 176 6.53 46.83 -57.78
C LYS F 176 5.23 46.35 -58.42
N GLU F 177 5.28 46.08 -59.73
CA GLU F 177 4.10 45.62 -60.44
C GLU F 177 3.77 44.17 -60.09
N GLU F 178 4.78 43.37 -59.76
CA GLU F 178 4.58 41.96 -59.43
C GLU F 178 5.31 41.64 -58.13
N MET F 179 4.76 40.68 -57.39
CA MET F 179 5.35 40.20 -56.15
C MET F 179 5.36 38.68 -56.15
N GLU F 180 6.38 38.10 -55.54
CA GLU F 180 6.54 36.65 -55.47
C GLU F 180 6.60 36.21 -54.02
N ILE F 181 6.05 35.02 -53.74
CA ILE F 181 5.97 34.47 -52.40
C ILE F 181 6.56 33.07 -52.40
N THR F 182 7.41 32.78 -51.42
CA THR F 182 7.99 31.45 -51.31
C THR F 182 6.97 30.45 -50.79
N GLN F 210 2.56 30.95 -56.10
CA GLN F 210 1.59 31.97 -55.64
C GLN F 210 2.07 33.36 -56.07
N ARG F 211 1.89 33.69 -57.35
CA ARG F 211 2.30 34.99 -57.89
C ARG F 211 1.26 36.06 -57.56
N LEU F 212 1.77 37.24 -57.22
CA LEU F 212 0.95 38.35 -56.74
C LEU F 212 1.20 39.58 -57.60
N ASN F 213 0.13 40.30 -57.92
CA ASN F 213 0.20 41.53 -58.69
C ASN F 213 0.35 42.72 -57.76
N LYS F 214 0.18 43.94 -58.30
CA LYS F 214 0.41 45.15 -57.52
C LYS F 214 -0.79 45.52 -56.66
N ARG F 215 -1.99 45.51 -57.25
CA ARG F 215 -3.18 45.95 -56.52
C ARG F 215 -3.48 45.04 -55.34
N SER F 216 -3.39 43.73 -55.54
CA SER F 216 -3.64 42.80 -54.44
C SER F 216 -2.58 42.93 -53.35
N TYR F 217 -1.33 43.17 -53.73
CA TYR F 217 -0.28 43.39 -52.74
C TYR F 217 -0.55 44.65 -51.93
N LEU F 218 -0.98 45.72 -52.60
CA LEU F 218 -1.30 46.96 -51.90
C LEU F 218 -2.47 46.76 -50.95
N ILE F 219 -3.49 46.01 -51.37
CA ILE F 219 -4.61 45.71 -50.49
C ILE F 219 -4.14 44.90 -49.28
N ARG F 220 -3.28 43.91 -49.52
CA ARG F 220 -2.79 43.06 -48.44
C ARG F 220 -1.96 43.86 -47.44
N ALA F 221 -1.16 44.79 -47.93
CA ALA F 221 -0.30 45.57 -47.04
C ALA F 221 -1.08 46.48 -46.10
N LEU F 222 -2.35 46.75 -46.40
CA LEU F 222 -3.20 47.57 -45.55
C LEU F 222 -4.19 46.75 -44.74
N THR F 223 -4.02 45.43 -44.68
CA THR F 223 -4.95 44.58 -43.97
C THR F 223 -4.70 44.62 -42.46
N LEU F 224 -5.78 44.71 -41.70
CA LEU F 224 -5.74 44.69 -40.25
C LEU F 224 -6.40 43.40 -39.78
N ASN F 225 -5.64 42.53 -39.13
CA ASN F 225 -6.20 41.26 -38.67
C ASN F 225 -7.04 41.48 -37.43
N THR F 226 -8.26 40.95 -37.44
CA THR F 226 -9.21 41.17 -36.36
C THR F 226 -9.47 39.86 -35.61
N MET F 227 -9.47 39.95 -34.29
CA MET F 227 -9.80 38.80 -33.44
C MET F 227 -10.59 39.32 -32.24
N THR F 228 -10.85 38.44 -31.29
CA THR F 228 -11.59 38.79 -30.08
C THR F 228 -10.63 38.81 -28.90
N LYS F 229 -10.68 39.90 -28.12
CA LYS F 229 -9.79 40.05 -26.97
C LYS F 229 -10.22 39.10 -25.86
N ASP F 230 -9.26 38.34 -25.33
CA ASP F 230 -9.50 37.40 -24.25
C ASP F 230 -8.85 37.89 -22.97
N ALA F 231 -9.29 37.31 -21.84
CA ALA F 231 -8.79 37.65 -20.52
C ALA F 231 -8.94 39.15 -20.24
N GLU F 232 -10.12 39.68 -20.59
CA GLU F 232 -10.44 41.08 -20.38
C GLU F 232 -11.45 41.20 -19.24
N ARG F 233 -11.16 42.05 -18.28
CA ARG F 233 -11.99 42.24 -17.10
C ARG F 233 -12.76 43.56 -17.19
N GLY F 234 -13.81 43.67 -16.39
CA GLY F 234 -14.61 44.87 -16.32
C GLY F 234 -15.68 44.99 -17.37
N LYS F 235 -15.79 44.01 -18.27
CA LYS F 235 -16.79 44.04 -19.34
C LYS F 235 -17.60 42.75 -19.32
N LEU F 236 -18.85 42.85 -19.77
CA LEU F 236 -19.74 41.70 -19.85
C LEU F 236 -19.73 41.05 -21.23
N LYS F 237 -19.67 41.83 -22.29
CA LYS F 237 -19.65 41.31 -23.65
C LYS F 237 -18.25 41.41 -24.25
N ARG F 238 -17.97 40.50 -25.17
CA ARG F 238 -16.66 40.48 -25.82
C ARG F 238 -16.50 41.66 -26.76
N ARG F 239 -15.24 41.97 -27.07
CA ARG F 239 -14.91 43.09 -27.94
C ARG F 239 -13.86 42.66 -28.95
N ALA F 240 -13.82 43.38 -30.07
CA ALA F 240 -12.90 43.07 -31.16
C ALA F 240 -11.61 43.86 -31.02
N ILE F 241 -10.49 43.20 -31.30
CA ILE F 241 -9.17 43.81 -31.24
C ILE F 241 -8.46 43.56 -32.57
N ALA F 242 -7.80 44.59 -33.08
CA ALA F 242 -7.15 44.54 -34.38
C ALA F 242 -5.63 44.63 -34.22
N THR F 243 -4.93 44.03 -35.17
CA THR F 243 -3.47 44.00 -35.21
C THR F 243 -3.03 44.42 -36.60
N PRO F 244 -2.12 45.38 -36.72
CA PRO F 244 -1.68 45.85 -38.03
C PRO F 244 -0.62 44.92 -38.64
N GLY F 245 -0.26 45.21 -39.88
CA GLY F 245 0.73 44.44 -40.59
C GLY F 245 2.14 44.81 -40.20
N MET F 246 3.10 44.13 -40.84
CA MET F 246 4.51 44.35 -40.53
C MET F 246 5.06 45.62 -41.16
N GLN F 247 4.38 46.19 -42.15
CA GLN F 247 4.91 47.36 -42.84
C GLN F 247 4.83 48.61 -41.97
N ILE F 248 3.73 48.76 -41.23
CA ILE F 248 3.49 50.00 -40.48
C ILE F 248 4.08 49.97 -39.08
N ARG F 249 4.78 48.89 -38.72
CA ARG F 249 5.31 48.78 -37.36
C ARG F 249 6.31 49.89 -37.06
N GLY F 250 7.23 50.15 -38.00
CA GLY F 250 8.23 51.18 -37.77
C GLY F 250 7.63 52.58 -37.70
N PHE F 251 6.67 52.87 -38.57
CA PHE F 251 6.02 54.18 -38.54
C PHE F 251 5.23 54.37 -37.25
N VAL F 252 4.53 53.33 -36.80
CA VAL F 252 3.83 53.42 -35.53
C VAL F 252 4.81 53.60 -34.38
N TYR F 253 5.96 52.93 -34.45
CA TYR F 253 6.99 53.11 -33.43
C TYR F 253 7.48 54.55 -33.38
N PHE F 254 7.73 55.15 -34.55
CA PHE F 254 8.19 56.52 -34.59
C PHE F 254 7.12 57.49 -34.05
N VAL F 255 5.86 57.27 -34.44
CA VAL F 255 4.78 58.12 -33.96
C VAL F 255 4.64 58.00 -32.44
N GLU F 256 4.72 56.78 -31.92
CA GLU F 256 4.63 56.58 -30.48
C GLU F 256 5.81 57.22 -29.76
N ALA F 257 7.00 57.17 -30.35
CA ALA F 257 8.14 57.84 -29.75
C ALA F 257 7.93 59.35 -29.70
N LEU F 258 7.40 59.93 -30.77
CA LEU F 258 7.10 61.35 -30.77
C LEU F 258 6.08 61.72 -29.72
N ALA F 259 5.01 60.91 -29.61
CA ALA F 259 3.98 61.18 -28.63
C ALA F 259 4.52 61.05 -27.21
N ARG F 260 5.37 60.05 -26.97
CA ARG F 260 5.98 59.89 -25.65
C ARG F 260 6.88 61.08 -25.32
N SER F 261 7.66 61.54 -26.29
CA SER F 261 8.53 62.70 -26.05
C SER F 261 7.69 63.94 -25.74
N ILE F 262 6.58 64.13 -26.44
CA ILE F 262 5.71 65.27 -26.16
C ILE F 262 5.09 65.15 -24.76
N CYS F 263 4.62 63.94 -24.41
CA CYS F 263 3.95 63.74 -23.13
C CYS F 263 4.90 63.88 -21.94
N GLU F 264 6.17 63.52 -22.13
CA GLU F 264 7.12 63.58 -21.03
C GLU F 264 7.33 65.00 -20.51
N LYS F 265 7.03 66.01 -21.33
CA LYS F 265 7.18 67.40 -20.93
C LYS F 265 5.85 68.03 -20.52
N LEU F 266 4.80 67.23 -20.38
CA LEU F 266 3.49 67.71 -19.96
C LEU F 266 3.16 67.14 -18.58
N GLU F 267 2.83 68.03 -17.64
CA GLU F 267 2.54 67.62 -16.28
C GLU F 267 1.12 67.08 -16.11
N GLN F 268 0.23 67.32 -17.07
CA GLN F 268 -1.14 66.86 -16.97
C GLN F 268 -1.36 65.50 -17.63
N SER F 269 -0.34 64.90 -18.21
CA SER F 269 -0.46 63.57 -18.80
C SER F 269 -0.40 62.49 -17.72
N GLY F 270 -0.90 61.31 -18.07
CA GLY F 270 -0.90 60.19 -17.17
C GLY F 270 0.03 59.08 -17.61
N LEU F 271 0.72 59.28 -18.72
CA LEU F 271 1.61 58.29 -19.29
C LEU F 271 2.95 58.93 -19.63
N PRO F 272 4.06 58.17 -19.58
CA PRO F 272 4.13 56.77 -19.16
C PRO F 272 4.70 56.61 -17.75
N VAL F 273 4.23 57.47 -16.82
CA VAL F 273 4.77 57.44 -15.47
C VAL F 273 4.30 56.19 -14.73
N GLY F 274 5.00 55.87 -13.65
CA GLY F 274 4.68 54.71 -12.84
C GLY F 274 3.59 55.01 -11.82
N GLY F 275 3.33 54.00 -10.98
CA GLY F 275 2.28 54.14 -9.99
C GLY F 275 2.59 55.21 -8.95
N ASN F 276 3.82 55.19 -8.42
CA ASN F 276 4.22 56.20 -7.45
C ASN F 276 4.25 57.58 -8.07
N GLU F 277 4.76 57.69 -9.30
CA GLU F 277 4.75 58.97 -10.00
C GLU F 277 3.32 59.43 -10.28
N LYS F 278 2.42 58.49 -10.58
CA LYS F 278 1.03 58.86 -10.79
C LYS F 278 0.39 59.38 -9.50
N LYS F 279 0.71 58.74 -8.37
CA LYS F 279 0.22 59.25 -7.09
C LYS F 279 0.76 60.65 -6.82
N ALA F 280 2.04 60.87 -7.12
CA ALA F 280 2.62 62.19 -6.94
C ALA F 280 1.94 63.22 -7.83
N LYS F 281 1.61 62.82 -9.07
CA LYS F 281 0.91 63.73 -9.98
C LYS F 281 -0.48 64.08 -9.45
N LEU F 282 -1.22 63.09 -8.93
CA LEU F 282 -2.52 63.35 -8.35
C LEU F 282 -2.41 64.33 -7.19
N ALA F 283 -1.48 64.07 -6.27
CA ALA F 283 -1.31 64.96 -5.13
C ALA F 283 -0.91 66.36 -5.58
N ASN F 284 -0.02 66.45 -6.57
CA ASN F 284 0.44 67.74 -7.05
C ASN F 284 -0.70 68.54 -7.67
N VAL F 285 -1.52 67.90 -8.51
CA VAL F 285 -2.60 68.65 -9.15
C VAL F 285 -3.66 69.05 -8.14
N VAL F 286 -3.97 68.18 -7.17
CA VAL F 286 -4.94 68.54 -6.15
C VAL F 286 -4.43 69.72 -5.31
N ARG F 287 -3.16 69.68 -4.91
CA ARG F 287 -2.60 70.76 -4.12
C ARG F 287 -2.54 72.05 -4.92
N LYS F 288 -2.20 71.97 -6.21
CA LYS F 288 -2.14 73.15 -7.06
C LYS F 288 -3.51 73.79 -7.20
N MET F 289 -4.55 72.97 -7.37
CA MET F 289 -5.90 73.54 -7.50
C MET F 289 -6.43 74.06 -6.18
N MET F 290 -6.05 73.45 -5.06
CA MET F 290 -6.58 73.82 -3.75
C MET F 290 -5.71 74.83 -3.01
N THR F 291 -4.59 75.26 -3.60
CA THR F 291 -3.73 76.23 -2.93
C THR F 291 -4.20 77.67 -3.11
N ASN F 292 -5.18 77.90 -3.99
CA ASN F 292 -5.70 79.24 -4.23
C ASN F 292 -7.19 79.34 -3.95
N SER F 293 -7.85 78.25 -3.58
CA SER F 293 -9.29 78.28 -3.33
C SER F 293 -9.55 78.95 -1.99
N GLN F 294 -10.22 80.10 -2.03
CA GLN F 294 -10.59 80.83 -0.82
C GLN F 294 -11.96 80.35 -0.35
N ASP F 295 -12.52 81.06 0.64
CA ASP F 295 -13.85 80.70 1.15
C ASP F 295 -14.97 81.04 0.18
N THR F 296 -14.76 82.01 -0.70
CA THR F 296 -15.79 82.44 -1.65
C THR F 296 -15.69 81.73 -2.98
N GLU F 297 -14.77 80.77 -3.13
CA GLU F 297 -14.59 80.05 -4.38
C GLU F 297 -14.97 78.59 -4.18
N LEU F 298 -15.79 78.07 -5.08
CA LEU F 298 -16.23 76.68 -5.03
C LEU F 298 -15.45 75.86 -6.05
N SER F 299 -15.16 74.61 -5.69
CA SER F 299 -14.41 73.71 -6.56
C SER F 299 -15.15 72.37 -6.62
N PHE F 300 -15.36 71.87 -7.84
CA PHE F 300 -16.07 70.63 -8.06
C PHE F 300 -15.23 69.71 -8.94
N THR F 301 -15.20 68.43 -8.58
CA THR F 301 -14.41 67.42 -9.29
C THR F 301 -15.34 66.41 -9.94
N ILE F 302 -15.11 66.15 -11.22
CA ILE F 302 -15.86 65.17 -12.00
C ILE F 302 -14.89 64.09 -12.45
N THR F 303 -15.38 62.84 -12.48
CA THR F 303 -14.61 61.71 -12.96
C THR F 303 -15.41 61.02 -14.05
N GLY F 304 -14.74 60.63 -15.14
CA GLY F 304 -15.48 60.01 -16.21
C GLY F 304 -14.59 59.27 -17.19
N ASP F 305 -15.25 58.54 -18.08
CA ASP F 305 -14.60 57.83 -19.17
C ASP F 305 -15.08 58.38 -20.49
N ASN F 306 -14.41 57.97 -21.56
CA ASN F 306 -14.73 58.40 -22.91
C ASN F 306 -15.35 57.23 -23.67
N THR F 307 -16.58 57.41 -24.14
CA THR F 307 -17.29 56.34 -24.83
C THR F 307 -16.91 56.29 -26.31
N LYS F 308 -16.69 55.08 -26.81
CA LYS F 308 -16.34 54.85 -28.21
C LYS F 308 -15.12 55.67 -28.62
N TRP F 309 -14.11 55.67 -27.74
CA TRP F 309 -12.92 56.48 -27.98
C TRP F 309 -12.18 56.04 -29.24
N ASN F 310 -12.03 54.73 -29.44
CA ASN F 310 -11.24 54.23 -30.56
C ASN F 310 -11.89 54.59 -31.90
N GLU F 311 -13.21 54.43 -32.00
CA GLU F 311 -13.92 54.65 -33.26
C GLU F 311 -14.46 56.07 -33.40
N ASN F 312 -13.82 57.05 -32.76
CA ASN F 312 -14.25 58.43 -32.84
C ASN F 312 -13.16 59.38 -33.30
N GLN F 313 -11.90 58.96 -33.33
CA GLN F 313 -10.79 59.84 -33.68
C GLN F 313 -10.36 59.53 -35.11
N ASN F 314 -10.57 60.50 -36.01
CA ASN F 314 -10.21 60.32 -37.41
C ASN F 314 -8.70 60.35 -37.55
N PRO F 315 -8.10 59.42 -38.29
CA PRO F 315 -6.64 59.47 -38.50
C PRO F 315 -6.17 60.75 -39.17
N ARG F 316 -7.03 61.40 -39.96
CA ARG F 316 -6.63 62.64 -40.60
C ARG F 316 -6.46 63.77 -39.59
N MET F 317 -7.19 63.72 -38.47
CA MET F 317 -6.93 64.65 -37.39
C MET F 317 -5.53 64.46 -36.83
N PHE F 318 -5.12 63.19 -36.66
CA PHE F 318 -3.75 62.92 -36.23
C PHE F 318 -2.74 63.41 -37.27
N LEU F 319 -3.07 63.27 -38.55
CA LEU F 319 -2.19 63.78 -39.60
C LEU F 319 -2.02 65.29 -39.50
N ALA F 320 -3.12 66.01 -39.29
CA ALA F 320 -3.06 67.46 -39.13
C ALA F 320 -2.25 67.84 -37.89
N MET F 321 -2.47 67.14 -36.78
CA MET F 321 -1.70 67.41 -35.56
C MET F 321 -0.21 67.19 -35.79
N ILE F 322 0.15 66.09 -36.45
CA ILE F 322 1.55 65.82 -36.74
C ILE F 322 2.13 66.90 -37.65
N THR F 323 1.36 67.32 -38.66
CA THR F 323 1.83 68.37 -39.56
C THR F 323 2.10 69.66 -38.79
N TYR F 324 1.22 70.02 -37.85
CA TYR F 324 1.48 71.19 -37.03
C TYR F 324 2.69 70.98 -36.12
N ILE F 325 2.91 69.75 -35.66
CA ILE F 325 4.05 69.47 -34.78
C ILE F 325 5.37 69.75 -35.49
N THR F 326 5.47 69.33 -36.76
CA THR F 326 6.72 69.33 -37.50
C THR F 326 6.95 70.62 -38.29
N ARG F 327 6.40 71.74 -37.84
CA ARG F 327 6.63 73.00 -38.53
C ARG F 327 8.11 73.39 -38.43
N ASN F 328 8.65 73.89 -39.55
CA ASN F 328 10.05 74.30 -39.65
C ASN F 328 10.98 73.14 -39.30
N GLN F 329 10.85 72.07 -40.08
CA GLN F 329 11.60 70.85 -39.88
C GLN F 329 12.02 70.31 -41.24
N PRO F 330 13.04 69.45 -41.29
CA PRO F 330 13.42 68.84 -42.56
C PRO F 330 12.27 68.05 -43.17
N GLU F 331 12.21 68.07 -44.51
CA GLU F 331 11.09 67.47 -45.21
C GLU F 331 11.05 65.95 -45.02
N TRP F 332 12.21 65.30 -44.97
CA TRP F 332 12.23 63.85 -44.85
C TRP F 332 11.63 63.41 -43.52
N PHE F 333 11.95 64.10 -42.43
CA PHE F 333 11.43 63.71 -41.12
C PHE F 333 9.92 63.88 -41.05
N ARG F 334 9.39 65.00 -41.57
CA ARG F 334 7.96 65.19 -41.55
C ARG F 334 7.24 64.22 -42.48
N ASN F 335 7.84 63.87 -43.61
CA ASN F 335 7.25 62.85 -44.47
C ASN F 335 7.20 61.50 -43.76
N VAL F 336 8.27 61.14 -43.06
CA VAL F 336 8.30 59.88 -42.32
C VAL F 336 7.21 59.88 -41.25
N LEU F 337 7.06 61.00 -40.54
CA LEU F 337 6.01 61.09 -39.53
C LEU F 337 4.63 60.98 -40.14
N SER F 338 4.41 61.62 -41.30
CA SER F 338 3.10 61.65 -41.92
C SER F 338 2.74 60.39 -42.68
N ILE F 339 3.71 59.50 -42.93
CA ILE F 339 3.40 58.26 -43.64
C ILE F 339 2.35 57.45 -42.90
N ALA F 340 2.51 57.29 -41.58
CA ALA F 340 1.62 56.40 -40.83
C ALA F 340 0.15 56.83 -40.87
N PRO F 341 -0.22 58.09 -40.60
CA PRO F 341 -1.64 58.46 -40.71
C PRO F 341 -2.19 58.30 -42.12
N ILE F 342 -1.36 58.45 -43.15
CA ILE F 342 -1.83 58.27 -44.52
C ILE F 342 -2.30 56.84 -44.73
N MET F 343 -1.48 55.87 -44.32
CA MET F 343 -1.89 54.47 -44.44
C MET F 343 -3.07 54.15 -43.52
N PHE F 344 -3.07 54.72 -42.32
CA PHE F 344 -4.17 54.45 -41.39
C PHE F 344 -5.48 55.08 -41.85
N SER F 345 -5.43 56.03 -42.78
CA SER F 345 -6.65 56.62 -43.32
C SER F 345 -7.29 55.78 -44.41
N ASN F 346 -6.59 54.76 -44.92
CA ASN F 346 -7.10 53.88 -45.96
C ASN F 346 -6.83 52.42 -45.59
N LYS F 347 -7.08 52.06 -44.35
CA LYS F 347 -6.81 50.71 -43.87
C LYS F 347 -7.92 49.75 -44.28
N MET F 348 -7.56 48.48 -44.41
CA MET F 348 -8.50 47.41 -44.70
C MET F 348 -8.60 46.50 -43.49
N ALA F 349 -9.83 46.19 -43.08
CA ALA F 349 -10.08 45.35 -41.92
C ALA F 349 -10.48 43.96 -42.36
N ARG F 350 -9.78 42.95 -41.83
CA ARG F 350 -10.11 41.57 -42.14
C ARG F 350 -11.39 41.15 -41.43
N LEU F 351 -11.99 40.08 -41.94
CA LEU F 351 -13.27 39.58 -41.43
C LEU F 351 -13.11 38.41 -40.48
N GLY F 352 -11.89 38.08 -40.08
CA GLY F 352 -11.69 36.96 -39.19
C GLY F 352 -11.78 35.62 -39.89
N LYS F 353 -12.16 34.59 -39.13
CA LYS F 353 -12.22 33.23 -39.68
C LYS F 353 -13.45 33.03 -40.55
N GLY F 354 -14.64 33.19 -39.95
CA GLY F 354 -15.87 32.98 -40.69
C GLY F 354 -17.05 32.66 -39.79
N TYR F 355 -17.79 31.59 -40.13
CA TYR F 355 -18.96 31.20 -39.36
C TYR F 355 -19.10 29.70 -39.40
N MET F 356 -19.96 29.19 -38.52
CA MET F 356 -20.25 27.76 -38.43
C MET F 356 -21.75 27.54 -38.56
N PHE F 357 -22.14 26.58 -39.39
CA PHE F 357 -23.53 26.24 -39.62
C PHE F 357 -23.78 24.80 -39.18
N GLU F 358 -25.00 24.54 -38.72
CA GLU F 358 -25.36 23.22 -38.22
C GLU F 358 -26.69 22.77 -38.80
N SER F 359 -26.83 21.47 -38.97
CA SER F 359 -28.06 20.83 -39.44
C SER F 359 -28.44 19.75 -38.45
N LYS F 360 -29.55 19.96 -37.72
CA LYS F 360 -29.94 19.04 -36.67
C LYS F 360 -30.49 17.74 -37.24
N SER F 361 -31.34 17.82 -38.26
CA SER F 361 -31.93 16.61 -38.85
C SER F 361 -30.85 15.74 -39.48
N MET F 362 -29.94 16.35 -40.22
CA MET F 362 -28.82 15.61 -40.80
C MET F 362 -27.66 15.42 -39.82
N LYS F 363 -27.68 16.14 -38.70
CA LYS F 363 -26.64 16.04 -37.67
C LYS F 363 -25.25 16.31 -38.28
N LEU F 364 -25.10 17.52 -38.81
CA LEU F 364 -23.85 17.90 -39.45
C LEU F 364 -23.46 19.31 -39.04
N ARG F 365 -22.16 19.59 -39.12
CA ARG F 365 -21.62 20.91 -38.86
C ARG F 365 -20.62 21.27 -39.95
N THR F 366 -20.65 22.51 -40.40
CA THR F 366 -19.78 22.98 -41.47
C THR F 366 -19.23 24.34 -41.14
N GLN F 367 -18.06 24.64 -41.71
CA GLN F 367 -17.35 25.90 -41.50
C GLN F 367 -17.29 26.67 -42.81
N VAL F 368 -17.77 27.91 -42.78
CA VAL F 368 -17.79 28.79 -43.94
C VAL F 368 -16.75 29.88 -43.70
N PRO F 369 -15.76 30.03 -44.58
CA PRO F 369 -14.74 31.05 -44.38
C PRO F 369 -15.28 32.46 -44.56
N ALA F 370 -14.50 33.43 -44.09
CA ALA F 370 -14.94 34.83 -44.15
C ALA F 370 -15.01 35.34 -45.59
N GLU F 371 -14.21 34.77 -46.50
CA GLU F 371 -14.22 35.23 -47.89
C GLU F 371 -15.52 34.90 -48.60
N MET F 372 -16.27 33.90 -48.14
CA MET F 372 -17.51 33.51 -48.79
C MET F 372 -18.69 34.37 -48.38
N LEU F 373 -18.51 35.29 -47.41
CA LEU F 373 -19.61 36.13 -46.97
C LEU F 373 -20.04 37.14 -48.03
N ALA F 374 -19.20 37.40 -49.03
CA ALA F 374 -19.57 38.33 -50.08
C ALA F 374 -20.76 37.81 -50.89
N ASN F 375 -20.75 36.52 -51.22
CA ASN F 375 -21.81 35.88 -52.00
C ASN F 375 -22.34 34.71 -51.19
N ILE F 376 -23.43 34.96 -50.46
CA ILE F 376 -24.04 33.92 -49.63
C ILE F 376 -25.50 34.32 -49.38
N ASP F 377 -26.39 33.33 -49.41
CA ASP F 377 -27.79 33.59 -49.15
C ASP F 377 -28.00 34.02 -47.69
N LEU F 378 -29.03 34.83 -47.47
CA LEU F 378 -29.32 35.39 -46.16
C LEU F 378 -30.28 34.53 -45.34
N LYS F 379 -30.73 33.39 -45.88
CA LYS F 379 -31.63 32.53 -45.15
C LYS F 379 -30.92 31.71 -44.07
N TYR F 380 -29.60 31.58 -44.15
CA TYR F 380 -28.86 30.78 -43.18
C TYR F 380 -28.71 31.52 -41.85
N PHE F 381 -28.50 32.83 -41.89
CA PHE F 381 -28.24 33.61 -40.69
C PHE F 381 -29.54 34.05 -40.04
N ASN F 382 -29.42 34.54 -38.81
CA ASN F 382 -30.55 35.08 -38.07
C ASN F 382 -30.78 36.53 -38.51
N LYS F 383 -31.69 37.23 -37.82
CA LYS F 383 -32.05 38.58 -38.21
C LYS F 383 -30.88 39.54 -38.03
N SER F 384 -30.26 39.54 -36.86
CA SER F 384 -29.18 40.48 -36.58
C SER F 384 -27.98 40.22 -37.48
N THR F 385 -27.61 38.95 -37.64
CA THR F 385 -26.45 38.62 -38.47
C THR F 385 -26.67 39.01 -39.92
N ARG F 386 -27.85 38.73 -40.47
CA ARG F 386 -28.12 39.10 -41.85
C ARG F 386 -28.22 40.61 -42.01
N GLU F 387 -28.73 41.32 -41.00
CA GLU F 387 -28.75 42.78 -41.05
C GLU F 387 -27.33 43.34 -41.09
N LYS F 388 -26.44 42.80 -40.24
CA LYS F 388 -25.05 43.25 -40.24
C LYS F 388 -24.37 42.93 -41.58
N ILE F 389 -24.65 41.75 -42.14
CA ILE F 389 -24.07 41.38 -43.42
C ILE F 389 -24.56 42.32 -44.53
N GLU F 390 -25.85 42.64 -44.51
CA GLU F 390 -26.39 43.58 -45.50
C GLU F 390 -25.74 44.95 -45.36
N LYS F 391 -25.56 45.42 -44.13
CA LYS F 391 -24.94 46.73 -43.93
C LYS F 391 -23.47 46.74 -44.33
N ILE F 392 -22.78 45.61 -44.18
CA ILE F 392 -21.34 45.57 -44.46
C ILE F 392 -21.03 45.18 -45.90
N ARG F 393 -21.99 44.63 -46.63
CA ARG F 393 -21.72 44.17 -48.00
C ARG F 393 -21.26 45.28 -48.94
N PRO F 394 -21.88 46.47 -48.97
CA PRO F 394 -21.38 47.51 -49.90
C PRO F 394 -19.94 47.90 -49.66
N LEU F 395 -19.48 47.87 -48.42
CA LEU F 395 -18.11 48.22 -48.07
C LEU F 395 -17.15 47.03 -48.14
N LEU F 396 -17.63 45.87 -48.56
CA LEU F 396 -16.86 44.63 -48.52
C LEU F 396 -16.27 44.34 -49.88
N ILE F 397 -14.95 44.19 -49.93
CA ILE F 397 -14.24 43.84 -51.15
C ILE F 397 -13.21 42.75 -50.83
N ASP F 398 -13.17 41.72 -51.67
CA ASP F 398 -12.22 40.61 -51.59
C ASP F 398 -11.99 40.11 -50.17
N GLY F 399 -13.05 40.09 -49.36
CA GLY F 399 -12.95 39.60 -48.00
C GLY F 399 -12.42 40.58 -46.99
N THR F 400 -12.19 41.84 -47.38
CA THR F 400 -11.70 42.87 -46.47
C THR F 400 -12.60 44.09 -46.57
N ALA F 401 -13.03 44.60 -45.43
CA ALA F 401 -13.91 45.76 -45.40
C ALA F 401 -13.09 47.04 -45.27
N SER F 402 -13.75 48.16 -45.59
CA SER F 402 -13.13 49.48 -45.50
C SER F 402 -13.46 50.11 -44.15
N LEU F 403 -12.43 50.57 -43.45
CA LEU F 403 -12.55 51.14 -42.11
C LEU F 403 -11.75 52.42 -42.01
N SER F 404 -11.94 53.31 -42.99
CA SER F 404 -11.16 54.56 -43.03
C SER F 404 -11.29 55.40 -41.77
N PRO F 405 -12.47 55.68 -41.24
CA PRO F 405 -12.55 56.51 -40.04
C PRO F 405 -12.30 55.73 -38.76
N GLY F 406 -11.70 56.41 -37.79
CA GLY F 406 -11.52 55.87 -36.45
C GLY F 406 -10.39 54.88 -36.28
N MET F 407 -9.76 54.92 -35.11
CA MET F 407 -8.74 53.93 -34.75
C MET F 407 -9.42 52.60 -34.42
N MET F 408 -8.61 51.54 -34.37
CA MET F 408 -9.18 50.19 -34.23
C MET F 408 -9.24 49.75 -32.77
N MET F 409 -8.09 49.55 -32.12
CA MET F 409 -8.12 49.22 -30.71
C MET F 409 -7.26 50.13 -29.83
N GLY F 410 -5.96 50.15 -30.08
CA GLY F 410 -5.05 50.89 -29.21
C GLY F 410 -3.79 51.42 -29.86
N MET F 411 -3.76 51.53 -31.19
CA MET F 411 -2.50 51.81 -31.87
C MET F 411 -1.95 53.17 -31.50
N PHE F 412 -2.81 54.19 -31.41
CA PHE F 412 -2.39 55.54 -31.06
C PHE F 412 -3.00 55.90 -29.71
N ASN F 413 -2.20 55.79 -28.64
CA ASN F 413 -2.65 56.11 -27.29
C ASN F 413 -2.14 57.47 -26.83
N MET F 414 -0.83 57.68 -26.87
CA MET F 414 -0.27 58.92 -26.32
C MET F 414 -0.56 60.11 -27.22
N LEU F 415 -0.72 59.91 -28.53
CA LEU F 415 -1.16 61.00 -29.39
C LEU F 415 -2.56 61.46 -29.03
N SER F 416 -3.45 60.51 -28.75
CA SER F 416 -4.79 60.85 -28.27
C SER F 416 -4.72 61.52 -26.90
N THR F 417 -3.76 61.09 -26.06
CA THR F 417 -3.56 61.76 -24.77
C THR F 417 -3.15 63.21 -24.96
N VAL F 418 -2.28 63.47 -25.94
CA VAL F 418 -1.89 64.84 -26.27
C VAL F 418 -3.09 65.63 -26.75
N LEU F 419 -3.92 65.02 -27.60
CA LEU F 419 -5.12 65.71 -28.08
C LEU F 419 -6.05 66.08 -26.93
N GLY F 420 -6.23 65.16 -25.98
CA GLY F 420 -7.06 65.47 -24.83
C GLY F 420 -6.45 66.52 -23.91
N VAL F 421 -5.14 66.44 -23.69
CA VAL F 421 -4.48 67.40 -22.81
C VAL F 421 -4.46 68.79 -23.42
N SER F 422 -4.56 68.89 -24.76
CA SER F 422 -4.72 70.21 -25.37
C SER F 422 -6.01 70.87 -24.90
N ILE F 423 -7.11 70.13 -24.93
CA ILE F 423 -8.39 70.67 -24.45
C ILE F 423 -8.31 70.92 -22.95
N LEU F 424 -7.61 70.05 -22.21
CA LEU F 424 -7.44 70.26 -20.78
C LEU F 424 -6.72 71.57 -20.48
N ASN F 425 -5.65 71.85 -21.23
CA ASN F 425 -4.91 73.09 -21.07
C ASN F 425 -5.70 74.30 -21.57
N LEU F 426 -6.64 74.09 -22.49
CA LEU F 426 -7.47 75.19 -22.99
C LEU F 426 -8.39 75.78 -21.93
N GLY F 427 -8.38 75.25 -20.70
CA GLY F 427 -9.27 75.70 -19.66
C GLY F 427 -8.72 76.75 -18.71
N GLN F 428 -7.60 77.39 -19.04
CA GLN F 428 -7.05 78.40 -18.15
C GLN F 428 -7.89 79.67 -18.20
N LYS F 429 -7.69 80.53 -17.20
CA LYS F 429 -8.44 81.77 -17.11
C LYS F 429 -8.15 82.70 -18.28
N LYS F 430 -6.90 82.68 -18.78
CA LYS F 430 -6.54 83.55 -19.89
C LYS F 430 -7.26 83.18 -21.19
N TYR F 431 -7.81 81.97 -21.27
CA TYR F 431 -8.56 81.54 -22.44
C TYR F 431 -10.06 81.51 -22.21
N THR F 432 -10.51 81.01 -21.05
CA THR F 432 -11.93 81.03 -20.74
C THR F 432 -12.44 82.45 -20.57
N LYS F 433 -11.64 83.32 -19.95
CA LYS F 433 -12.00 84.72 -19.74
C LYS F 433 -13.32 84.86 -18.98
N THR F 434 -13.53 83.99 -18.00
CA THR F 434 -14.75 84.02 -17.21
C THR F 434 -14.38 83.62 -15.78
N THR F 435 -15.36 83.69 -14.88
CA THR F 435 -15.11 83.44 -13.46
C THR F 435 -14.79 81.98 -13.18
N TYR F 436 -15.05 81.07 -14.11
CA TYR F 436 -14.78 79.66 -13.91
C TYR F 436 -13.55 79.23 -14.71
N TRP F 437 -12.87 78.21 -14.20
CA TRP F 437 -11.67 77.69 -14.86
C TRP F 437 -11.43 76.27 -14.40
N TRP F 438 -11.00 75.42 -15.34
CA TRP F 438 -10.88 73.98 -15.06
C TRP F 438 -9.49 73.47 -15.43
N ASP F 439 -9.09 72.40 -14.75
CA ASP F 439 -7.87 71.66 -15.06
C ASP F 439 -8.17 70.19 -14.79
N GLY F 440 -7.13 69.35 -14.84
CA GLY F 440 -7.31 67.95 -14.50
C GLY F 440 -6.30 67.08 -15.23
N LEU F 441 -6.62 65.79 -15.28
CA LEU F 441 -5.75 64.77 -15.84
C LEU F 441 -6.54 63.85 -16.76
N GLN F 442 -5.82 63.24 -17.70
CA GLN F 442 -6.45 62.33 -18.67
C GLN F 442 -5.44 61.25 -19.05
N SER F 443 -5.95 60.05 -19.32
CA SER F 443 -5.13 58.92 -19.73
C SER F 443 -5.69 58.28 -21.00
N SER F 444 -6.28 59.12 -21.85
CA SER F 444 -6.77 58.79 -23.20
C SER F 444 -8.05 57.97 -23.17
N ASP F 445 -8.45 57.46 -22.00
CA ASP F 445 -9.80 56.94 -21.84
C ASP F 445 -10.46 57.44 -20.56
N ASP F 446 -9.71 57.57 -19.48
CA ASP F 446 -10.21 58.05 -18.21
C ASP F 446 -9.77 59.50 -18.02
N PHE F 447 -10.65 60.29 -17.40
CA PHE F 447 -10.32 61.69 -17.19
C PHE F 447 -10.95 62.19 -15.90
N ALA F 448 -10.18 62.98 -15.16
CA ALA F 448 -10.65 63.68 -13.98
C ALA F 448 -10.52 65.17 -14.22
N LEU F 449 -11.62 65.90 -14.05
CA LEU F 449 -11.66 67.33 -14.35
C LEU F 449 -12.14 68.08 -13.11
N ILE F 450 -11.32 69.02 -12.65
CA ILE F 450 -11.65 69.82 -11.48
C ILE F 450 -11.84 71.27 -11.95
N VAL F 451 -13.00 71.84 -11.63
CA VAL F 451 -13.39 73.16 -12.11
C VAL F 451 -13.72 74.03 -10.92
N ASN F 452 -13.21 75.26 -10.93
CA ASN F 452 -13.45 76.23 -9.87
C ASN F 452 -14.29 77.38 -10.42
N ALA F 453 -15.31 77.77 -9.64
CA ALA F 453 -16.21 78.86 -9.98
C ALA F 453 -16.78 79.42 -8.69
N PRO F 454 -17.16 80.70 -8.68
CA PRO F 454 -17.70 81.30 -7.45
C PRO F 454 -19.08 80.79 -7.06
N ASN F 455 -19.81 80.13 -7.97
CA ASN F 455 -21.17 79.69 -7.67
C ASN F 455 -21.48 78.45 -8.48
N HIS F 456 -22.63 77.84 -8.16
CA HIS F 456 -23.05 76.63 -8.85
C HIS F 456 -23.32 76.89 -10.33
N GLU F 457 -23.89 78.05 -10.65
CA GLU F 457 -24.15 78.39 -12.04
C GLU F 457 -22.86 78.47 -12.84
N GLY F 458 -21.81 79.05 -12.26
CA GLY F 458 -20.52 79.06 -12.93
C GLY F 458 -19.96 77.67 -13.14
N ILE F 459 -20.14 76.79 -12.16
CA ILE F 459 -19.68 75.41 -12.29
C ILE F 459 -20.40 74.73 -13.46
N GLN F 460 -21.72 74.89 -13.53
CA GLN F 460 -22.47 74.29 -14.62
C GLN F 460 -22.06 74.86 -15.97
N ALA F 461 -21.84 76.18 -16.03
CA ALA F 461 -21.42 76.81 -17.27
C ALA F 461 -20.06 76.28 -17.72
N GLY F 462 -19.13 76.15 -16.78
CA GLY F 462 -17.82 75.60 -17.13
C GLY F 462 -17.90 74.16 -17.59
N VAL F 463 -18.73 73.35 -16.93
CA VAL F 463 -18.90 71.95 -17.34
C VAL F 463 -19.49 71.88 -18.75
N ASP F 464 -20.50 72.70 -19.03
CA ASP F 464 -21.10 72.71 -20.36
C ASP F 464 -20.11 73.18 -21.41
N ARG F 465 -19.31 74.20 -21.10
CA ARG F 465 -18.30 74.68 -22.03
C ARG F 465 -17.27 73.60 -22.33
N PHE F 466 -16.82 72.89 -21.30
CA PHE F 466 -15.86 71.81 -21.50
C PHE F 466 -16.47 70.69 -22.35
N TYR F 467 -17.72 70.34 -22.08
CA TYR F 467 -18.37 69.29 -22.86
C TYR F 467 -18.50 69.68 -24.33
N ARG F 468 -18.91 70.94 -24.59
CA ARG F 468 -19.05 71.39 -25.97
C ARG F 468 -17.70 71.46 -26.67
N THR F 469 -16.66 71.91 -25.95
CA THR F 469 -15.32 71.97 -26.54
C THR F 469 -14.83 70.57 -26.89
N CYS F 470 -15.07 69.59 -26.01
CA CYS F 470 -14.70 68.22 -26.32
C CYS F 470 -15.48 67.69 -27.52
N LYS F 471 -16.78 68.01 -27.60
CA LYS F 471 -17.58 67.59 -28.75
C LYS F 471 -17.07 68.21 -30.04
N LEU F 472 -16.55 69.43 -29.98
CA LEU F 472 -16.04 70.09 -31.18
C LEU F 472 -14.84 69.37 -31.78
N VAL F 473 -14.12 68.58 -30.99
CA VAL F 473 -12.92 67.90 -31.46
C VAL F 473 -13.16 66.42 -31.77
N GLY F 474 -14.23 65.85 -31.24
CA GLY F 474 -14.49 64.43 -31.44
C GLY F 474 -14.31 63.64 -30.16
N ILE F 475 -14.49 64.31 -29.03
CA ILE F 475 -14.34 63.69 -27.71
C ILE F 475 -15.70 63.69 -27.04
N ASN F 476 -16.17 62.51 -26.66
CA ASN F 476 -17.48 62.35 -26.03
C ASN F 476 -17.30 61.83 -24.61
N MET F 477 -17.94 62.51 -23.66
CA MET F 477 -17.88 62.11 -22.26
C MET F 477 -19.05 61.18 -21.96
N SER F 478 -18.73 59.97 -21.49
CA SER F 478 -19.75 58.99 -21.16
C SER F 478 -20.54 59.46 -19.94
N LYS F 479 -21.81 59.81 -20.15
CA LYS F 479 -22.62 60.32 -19.05
C LYS F 479 -22.84 59.26 -17.98
N LYS F 480 -23.03 58.01 -18.39
CA LYS F 480 -23.27 56.94 -17.43
C LYS F 480 -22.08 56.72 -16.51
N LYS F 481 -20.87 56.78 -17.06
CA LYS F 481 -19.65 56.50 -16.31
C LYS F 481 -19.03 57.73 -15.69
N SER F 482 -19.65 58.89 -15.80
CA SER F 482 -19.13 60.13 -15.25
C SER F 482 -20.00 60.63 -14.12
N TYR F 483 -19.39 61.15 -13.07
CA TYR F 483 -20.13 61.73 -11.97
C TYR F 483 -19.33 62.87 -11.35
N ILE F 484 -20.05 63.79 -10.73
CA ILE F 484 -19.49 65.04 -10.21
C ILE F 484 -19.82 65.17 -8.73
N ASN F 485 -18.81 65.56 -7.95
CA ASN F 485 -19.01 65.81 -6.52
C ASN F 485 -18.09 66.98 -6.12
N ARG F 486 -18.03 67.24 -4.83
CA ARG F 486 -17.14 68.27 -4.32
C ARG F 486 -15.70 67.76 -4.27
N THR F 487 -14.76 68.68 -4.35
CA THR F 487 -13.34 68.32 -4.35
C THR F 487 -12.96 67.65 -3.03
N GLY F 488 -12.11 66.63 -3.13
CA GLY F 488 -11.60 65.93 -1.97
C GLY F 488 -11.54 64.43 -2.15
N THR F 489 -12.46 63.88 -2.94
CA THR F 489 -12.48 62.45 -3.25
C THR F 489 -12.76 62.28 -4.73
N PHE F 490 -11.92 61.50 -5.41
CA PHE F 490 -12.14 61.21 -6.82
C PHE F 490 -11.34 59.97 -7.20
N GLU F 491 -11.45 59.57 -8.47
CA GLU F 491 -10.79 58.39 -9.00
C GLU F 491 -10.21 58.70 -10.36
N PHE F 492 -9.07 58.08 -10.65
CA PHE F 492 -8.40 58.24 -11.95
C PHE F 492 -7.55 57.02 -12.21
N THR F 493 -7.90 56.27 -13.25
CA THR F 493 -7.17 55.06 -13.66
C THR F 493 -6.98 54.09 -12.49
N SER F 494 -8.10 53.79 -11.82
CA SER F 494 -8.14 52.88 -10.68
C SER F 494 -7.32 53.39 -9.49
N PHE F 495 -6.95 54.67 -9.52
CA PHE F 495 -6.30 55.32 -8.37
C PHE F 495 -7.34 56.15 -7.64
N PHE F 496 -7.61 55.79 -6.39
CA PHE F 496 -8.65 56.42 -5.60
C PHE F 496 -8.01 57.43 -4.65
N TYR F 497 -8.25 58.71 -4.89
CA TYR F 497 -7.74 59.77 -4.04
C TYR F 497 -8.83 60.20 -3.07
N ARG F 498 -8.50 60.23 -1.78
CA ARG F 498 -9.46 60.63 -0.74
C ARG F 498 -8.69 61.32 0.37
N TYR F 499 -8.82 62.65 0.44
CA TYR F 499 -8.21 63.46 1.50
C TYR F 499 -6.71 63.22 1.60
N GLY F 500 -6.05 63.15 0.45
CA GLY F 500 -4.61 62.99 0.41
C GLY F 500 -4.10 61.56 0.41
N PHE F 501 -4.99 60.57 0.50
CA PHE F 501 -4.61 59.17 0.51
C PHE F 501 -4.96 58.55 -0.84
N VAL F 502 -4.00 57.86 -1.45
CA VAL F 502 -4.17 57.24 -2.76
C VAL F 502 -3.84 55.76 -2.64
N ALA F 503 -4.71 54.92 -3.19
CA ALA F 503 -4.51 53.47 -3.21
C ALA F 503 -4.34 53.01 -4.64
N ASN F 504 -3.24 52.30 -4.91
CA ASN F 504 -2.93 51.80 -6.25
C ASN F 504 -3.47 50.38 -6.39
N PHE F 505 -4.59 50.24 -7.09
CA PHE F 505 -5.23 48.95 -7.32
C PHE F 505 -5.58 48.80 -8.80
N SER F 506 -4.62 49.14 -9.65
CA SER F 506 -4.81 49.12 -11.10
C SER F 506 -4.23 47.87 -11.75
N MET F 507 -3.80 46.89 -10.97
CA MET F 507 -3.21 45.67 -11.51
C MET F 507 -3.72 44.47 -10.74
N GLU F 508 -3.34 43.28 -11.20
CA GLU F 508 -3.76 42.03 -10.59
C GLU F 508 -2.53 41.26 -10.13
N LEU F 509 -2.63 40.67 -8.95
CA LEU F 509 -1.50 39.94 -8.39
C LEU F 509 -1.18 38.72 -9.24
N PRO F 510 0.09 38.41 -9.48
CA PRO F 510 0.44 37.23 -10.28
C PRO F 510 0.21 35.94 -9.51
N SER F 511 0.53 34.82 -10.16
CA SER F 511 0.33 33.51 -9.56
C SER F 511 1.35 33.20 -8.48
N PHE F 512 2.55 33.76 -8.58
CA PHE F 512 3.64 33.51 -7.63
C PHE F 512 3.96 32.01 -7.55
N GLY F 513 4.36 31.47 -8.70
CA GLY F 513 4.71 30.07 -8.80
C GLY F 513 6.05 29.89 -9.48
N VAL F 514 6.45 28.62 -9.62
CA VAL F 514 7.72 28.30 -10.25
C VAL F 514 7.67 28.67 -11.73
N SER F 515 8.83 29.05 -12.27
CA SER F 515 8.90 29.43 -13.68
C SER F 515 9.08 28.21 -14.58
N GLY F 516 9.90 27.25 -14.16
CA GLY F 516 10.08 26.03 -14.92
C GLY F 516 11.30 26.01 -15.82
N ILE F 517 12.45 26.42 -15.28
CA ILE F 517 13.70 26.37 -16.04
C ILE F 517 14.67 25.45 -15.32
N ASN F 518 15.03 25.82 -14.09
CA ASN F 518 15.85 24.99 -13.21
C ASN F 518 15.60 25.45 -11.79
N GLU F 519 16.47 25.04 -10.86
CA GLU F 519 16.25 25.36 -9.46
C GLU F 519 16.65 26.79 -9.14
N SER F 520 17.93 27.13 -9.35
CA SER F 520 18.43 28.45 -8.99
C SER F 520 17.74 29.54 -9.81
N ALA F 521 17.53 29.29 -11.11
CA ALA F 521 16.87 30.29 -11.95
C ALA F 521 15.45 30.54 -11.49
N ASP F 522 14.71 29.47 -11.16
CA ASP F 522 13.33 29.66 -10.70
C ASP F 522 13.31 30.42 -9.37
N MET F 523 14.22 30.08 -8.45
CA MET F 523 14.26 30.77 -7.17
C MET F 523 14.54 32.26 -7.37
N SER F 524 15.55 32.57 -8.18
CA SER F 524 15.90 33.97 -8.41
C SER F 524 14.76 34.72 -9.10
N VAL F 525 14.12 34.09 -10.08
CA VAL F 525 13.03 34.74 -10.80
C VAL F 525 11.85 35.01 -9.87
N GLY F 526 11.51 34.04 -9.02
CA GLY F 526 10.42 34.25 -8.09
C GLY F 526 10.71 35.36 -7.09
N VAL F 527 11.92 35.38 -6.54
CA VAL F 527 12.28 36.44 -5.60
C VAL F 527 12.25 37.81 -6.29
N THR F 528 12.79 37.88 -7.50
CA THR F 528 12.79 39.14 -8.24
C THR F 528 11.37 39.60 -8.57
N VAL F 529 10.49 38.66 -8.92
CA VAL F 529 9.11 39.01 -9.21
C VAL F 529 8.43 39.57 -7.96
N ILE F 530 8.66 38.92 -6.81
CA ILE F 530 8.08 39.41 -5.56
C ILE F 530 8.59 40.82 -5.26
N LYS F 531 9.90 41.04 -5.42
CA LYS F 531 10.47 42.35 -5.14
C LYS F 531 9.90 43.41 -6.08
N ASN F 532 9.78 43.08 -7.37
CA ASN F 532 9.25 44.04 -8.34
C ASN F 532 7.80 44.38 -8.05
N ASN F 533 6.99 43.37 -7.68
CA ASN F 533 5.61 43.63 -7.32
C ASN F 533 5.52 44.50 -6.08
N MET F 534 6.39 44.26 -5.10
CA MET F 534 6.38 45.08 -3.90
C MET F 534 6.76 46.52 -4.20
N ILE F 535 7.75 46.73 -5.07
CA ILE F 535 8.26 48.07 -5.32
C ILE F 535 7.39 48.85 -6.28
N ASN F 536 6.59 48.19 -7.13
CA ASN F 536 5.80 48.85 -8.14
C ASN F 536 4.30 48.81 -7.86
N ASN F 537 3.74 47.62 -7.61
CA ASN F 537 2.31 47.46 -7.43
C ASN F 537 1.85 47.82 -6.02
N ASP F 538 2.71 48.43 -5.21
CA ASP F 538 2.37 48.82 -3.84
C ASP F 538 1.90 47.63 -3.01
N LEU F 539 2.57 46.49 -3.19
CA LEU F 539 2.23 45.30 -2.42
C LEU F 539 2.55 45.50 -0.94
N GLY F 540 1.64 45.03 -0.09
CA GLY F 540 1.84 45.13 1.33
C GLY F 540 2.95 44.24 1.84
N PRO F 541 3.57 44.62 2.96
CA PRO F 541 4.65 43.78 3.50
C PRO F 541 4.18 42.42 3.98
N ALA F 542 3.06 42.35 4.70
CA ALA F 542 2.52 41.06 5.13
C ALA F 542 2.09 40.23 3.92
N THR F 543 1.48 40.88 2.93
CA THR F 543 1.12 40.17 1.70
C THR F 543 2.36 39.66 0.98
N ALA F 544 3.43 40.46 0.98
CA ALA F 544 4.68 40.01 0.37
C ALA F 544 5.25 38.80 1.10
N GLN F 545 5.20 38.80 2.43
CA GLN F 545 5.69 37.66 3.19
C GLN F 545 4.86 36.41 2.91
N MET F 546 3.54 36.57 2.84
CA MET F 546 2.68 35.43 2.54
C MET F 546 2.95 34.89 1.13
N ALA F 547 3.16 35.80 0.18
CA ALA F 547 3.50 35.36 -1.18
C ALA F 547 4.83 34.62 -1.20
N LEU F 548 5.81 35.11 -0.43
CA LEU F 548 7.09 34.41 -0.34
C LEU F 548 6.92 33.02 0.24
N GLN F 549 6.09 32.88 1.28
CA GLN F 549 5.84 31.57 1.87
C GLN F 549 5.18 30.64 0.86
N LEU F 550 4.18 31.13 0.13
CA LEU F 550 3.52 30.29 -0.87
C LEU F 550 4.47 29.88 -1.97
N PHE F 551 5.31 30.80 -2.43
CA PHE F 551 6.29 30.48 -3.47
C PHE F 551 7.29 29.45 -2.98
N ILE F 552 7.75 29.58 -1.73
CA ILE F 552 8.68 28.60 -1.17
C ILE F 552 8.03 27.23 -1.09
N LYS F 553 6.77 27.18 -0.66
CA LYS F 553 6.06 25.91 -0.59
C LYS F 553 5.95 25.27 -1.97
N ASP F 554 5.56 26.07 -2.97
CA ASP F 554 5.42 25.53 -4.33
C ASP F 554 6.76 25.06 -4.87
N TYR F 555 7.82 25.82 -4.62
CA TYR F 555 9.15 25.45 -5.08
C TYR F 555 9.62 24.15 -4.46
N ARG F 556 9.42 24.00 -3.15
CA ARG F 556 9.84 22.78 -2.46
C ARG F 556 9.02 21.58 -2.93
N TYR F 557 7.73 21.77 -3.14
CA TYR F 557 6.90 20.66 -3.60
C TYR F 557 7.24 20.26 -5.03
N THR F 558 7.57 21.24 -5.88
CA THR F 558 7.87 20.94 -7.28
C THR F 558 9.21 20.25 -7.43
N TYR F 559 10.24 20.74 -6.73
CA TYR F 559 11.59 20.22 -6.89
C TYR F 559 11.96 19.18 -5.83
N ARG F 560 10.99 18.76 -5.01
CA ARG F 560 11.20 17.75 -3.97
C ARG F 560 12.34 18.11 -3.04
N CYS F 561 12.63 19.40 -2.90
CA CYS F 561 13.73 19.87 -2.07
C CYS F 561 13.22 20.30 -0.69
N HIS F 562 12.67 19.34 0.04
CA HIS F 562 12.20 19.61 1.39
C HIS F 562 13.37 19.69 2.36
N ARG F 563 13.10 20.26 3.53
CA ARG F 563 14.14 20.43 4.53
C ARG F 563 14.62 19.07 5.05
N GLY F 564 15.89 19.03 5.47
CA GLY F 564 16.50 17.79 5.90
C GLY F 564 16.02 17.28 7.25
N ASP F 565 15.28 18.10 8.00
CA ASP F 565 14.73 17.69 9.29
C ASP F 565 13.24 17.38 9.21
N THR F 566 12.71 17.19 8.02
CA THR F 566 11.30 16.91 7.82
C THR F 566 11.06 15.40 7.72
N GLN F 567 9.78 15.02 7.77
CA GLN F 567 9.36 13.63 7.72
C GLN F 567 8.55 13.34 6.46
N ILE F 568 8.97 13.89 5.33
CA ILE F 568 8.31 13.67 4.04
C ILE F 568 9.17 12.73 3.22
N GLN F 569 8.55 11.69 2.67
CA GLN F 569 9.25 10.66 1.92
C GLN F 569 9.19 10.97 0.43
N THR F 570 10.34 11.20 -0.18
CA THR F 570 10.47 11.42 -1.61
C THR F 570 11.66 10.61 -2.13
N ARG F 571 11.94 10.75 -3.43
CA ARG F 571 13.10 10.06 -4.00
C ARG F 571 14.41 10.72 -3.58
N ARG F 572 14.37 12.02 -3.30
CA ARG F 572 15.56 12.75 -2.85
C ARG F 572 15.68 12.78 -1.33
N ALA F 573 14.78 12.11 -0.60
CA ALA F 573 14.78 12.21 0.85
C ALA F 573 16.06 11.66 1.46
N PHE F 574 16.54 10.52 0.95
CA PHE F 574 17.72 9.89 1.54
C PHE F 574 18.96 10.74 1.33
N GLU F 575 19.17 11.23 0.11
CA GLU F 575 20.34 12.07 -0.16
C GLU F 575 20.29 13.36 0.63
N LEU F 576 19.12 13.98 0.72
CA LEU F 576 18.99 15.21 1.50
C LEU F 576 19.26 14.96 2.97
N LYS F 577 18.78 13.83 3.50
CA LYS F 577 19.07 13.49 4.89
C LYS F 577 20.55 13.27 5.12
N LYS F 578 21.22 12.58 4.19
CA LYS F 578 22.66 12.37 4.31
C LYS F 578 23.40 13.70 4.30
N LEU F 579 23.01 14.62 3.41
CA LEU F 579 23.64 15.93 3.36
C LEU F 579 23.37 16.72 4.64
N TRP F 580 22.16 16.61 5.18
CA TRP F 580 21.82 17.35 6.39
C TRP F 580 22.64 16.87 7.58
N GLU F 581 22.70 15.56 7.78
CA GLU F 581 23.50 15.02 8.88
C GLU F 581 24.99 15.16 8.64
N GLN F 582 25.43 15.32 7.38
CA GLN F 582 26.85 15.48 7.12
C GLN F 582 27.35 16.86 7.52
N THR F 583 26.58 17.90 7.23
CA THR F 583 27.02 19.26 7.46
C THR F 583 26.84 19.67 8.91
N ARG F 584 27.49 20.77 9.28
CA ARG F 584 27.40 21.34 10.62
C ARG F 584 26.61 22.64 10.65
N SER F 585 26.92 23.58 9.75
CA SER F 585 26.18 24.83 9.67
C SER F 585 24.96 24.60 8.79
N LYS F 586 23.81 24.41 9.43
CA LYS F 586 22.59 24.13 8.69
C LYS F 586 22.16 25.31 7.83
N ALA F 587 22.35 26.52 8.33
CA ALA F 587 21.94 27.72 7.60
C ALA F 587 22.72 27.93 6.30
N GLY F 588 23.85 27.26 6.12
CA GLY F 588 24.63 27.42 4.91
C GLY F 588 24.14 26.64 3.71
N LEU F 589 23.15 25.78 3.90
CA LEU F 589 22.60 24.98 2.81
C LEU F 589 21.54 25.76 2.05
N LEU F 590 21.54 25.59 0.73
CA LEU F 590 20.53 26.23 -0.10
C LEU F 590 19.19 25.54 0.07
N VAL F 591 18.13 26.23 -0.35
CA VAL F 591 16.79 25.64 -0.31
C VAL F 591 16.71 24.43 -1.23
N SER F 592 17.42 24.48 -2.35
CA SER F 592 17.45 23.34 -3.27
C SER F 592 18.12 22.12 -2.64
N ASP F 593 18.87 22.30 -1.56
CA ASP F 593 19.54 21.21 -0.87
C ASP F 593 18.98 21.01 0.54
N GLY F 594 17.72 21.39 0.75
CA GLY F 594 17.07 21.19 2.03
C GLY F 594 17.43 22.20 3.09
N GLY F 595 18.09 23.31 2.74
CA GLY F 595 18.44 24.32 3.70
C GLY F 595 17.25 25.15 4.10
N PRO F 596 17.42 25.90 5.20
CA PRO F 596 16.34 26.77 5.66
C PRO F 596 16.18 27.98 4.76
N ASN F 597 14.97 28.55 4.80
CA ASN F 597 14.64 29.73 3.99
C ASN F 597 14.97 30.98 4.80
N LEU F 598 16.08 31.62 4.46
CA LEU F 598 16.51 32.85 5.13
C LEU F 598 16.02 34.11 4.43
N TYR F 599 15.28 33.97 3.32
CA TYR F 599 14.82 35.14 2.59
C TYR F 599 13.77 35.90 3.38
N ASN F 600 13.79 37.23 3.24
CA ASN F 600 12.80 38.09 3.88
C ASN F 600 12.67 39.35 3.03
N ILE F 601 11.95 40.34 3.55
CA ILE F 601 11.71 41.58 2.81
C ILE F 601 13.03 42.31 2.55
N ARG F 602 13.88 42.40 3.57
CA ARG F 602 15.13 43.14 3.45
C ARG F 602 16.16 42.46 2.55
N ASN F 603 15.95 41.19 2.20
CA ASN F 603 16.92 40.43 1.43
C ASN F 603 16.43 40.05 0.04
N LEU F 604 15.35 40.67 -0.43
CA LEU F 604 14.79 40.28 -1.73
C LEU F 604 15.67 40.71 -2.90
N HIS F 605 16.64 41.59 -2.68
CA HIS F 605 17.51 42.08 -3.75
C HIS F 605 18.84 41.35 -3.81
N ILE F 606 19.03 40.33 -2.99
CA ILE F 606 20.29 39.60 -2.88
C ILE F 606 20.07 38.18 -3.41
N PRO F 607 20.94 37.68 -4.29
CA PRO F 607 20.80 36.29 -4.74
C PRO F 607 21.01 35.31 -3.59
N GLU F 608 20.38 34.14 -3.71
CA GLU F 608 20.43 33.16 -2.63
C GLU F 608 21.85 32.67 -2.39
N VAL F 609 22.62 32.44 -3.46
CA VAL F 609 23.98 31.95 -3.31
C VAL F 609 24.84 32.97 -2.57
N CYS F 610 24.73 34.24 -2.94
CA CYS F 610 25.50 35.28 -2.27
C CYS F 610 24.98 35.56 -0.87
N LEU F 611 23.67 35.39 -0.65
CA LEU F 611 23.11 35.64 0.67
C LEU F 611 23.64 34.66 1.71
N LYS F 612 23.75 33.39 1.35
CA LYS F 612 24.18 32.35 2.26
C LYS F 612 25.64 31.97 2.09
N TRP F 613 26.40 32.75 1.31
CA TRP F 613 27.78 32.38 1.00
C TRP F 613 28.64 32.33 2.26
N GLU F 614 28.48 33.29 3.17
CA GLU F 614 29.29 33.34 4.36
C GLU F 614 28.94 32.27 5.38
N LEU F 615 27.82 31.57 5.21
CA LEU F 615 27.41 30.52 6.12
C LEU F 615 27.71 29.12 5.61
N MET F 616 28.14 28.98 4.36
CA MET F 616 28.43 27.67 3.81
C MET F 616 29.70 27.09 4.42
N ASP F 617 29.73 25.77 4.52
CA ASP F 617 30.95 25.08 4.93
C ASP F 617 31.96 25.09 3.79
N GLU F 618 33.23 24.85 4.15
CA GLU F 618 34.30 24.90 3.16
C GLU F 618 34.10 23.84 2.09
N ASP F 619 33.89 22.59 2.51
CA ASP F 619 33.71 21.50 1.55
C ASP F 619 32.42 21.69 0.75
N TYR F 620 31.35 22.13 1.42
CA TYR F 620 30.07 22.32 0.72
C TYR F 620 30.19 23.37 -0.37
N GLN F 621 30.81 24.51 -0.06
CA GLN F 621 30.95 25.55 -1.06
C GLN F 621 31.98 25.19 -2.12
N GLY F 622 32.97 24.37 -1.77
CA GLY F 622 33.90 23.88 -2.77
C GLY F 622 33.25 22.96 -3.78
N ARG F 623 32.39 22.06 -3.30
CA ARG F 623 31.72 21.13 -4.21
C ARG F 623 30.59 21.80 -4.98
N LEU F 624 29.89 22.76 -4.37
CA LEU F 624 28.71 23.35 -4.99
C LEU F 624 29.05 24.09 -6.27
N CYS F 625 30.13 24.88 -6.25
CA CYS F 625 30.52 25.70 -7.39
C CYS F 625 31.79 25.18 -8.05
N ASN F 626 31.94 23.86 -8.09
CA ASN F 626 33.11 23.27 -8.76
C ASN F 626 33.01 23.50 -10.26
N PRO F 627 34.05 24.03 -10.91
CA PRO F 627 33.98 24.30 -12.35
C PRO F 627 34.04 23.06 -13.21
N MET F 628 34.35 21.90 -12.64
CA MET F 628 34.47 20.66 -13.40
C MET F 628 33.25 19.76 -13.28
N ASN F 629 32.14 20.28 -12.75
CA ASN F 629 30.94 19.48 -12.64
C ASN F 629 30.35 19.21 -14.02
N PRO F 630 29.76 18.03 -14.23
CA PRO F 630 29.22 17.69 -15.55
C PRO F 630 27.92 18.37 -15.89
N PHE F 631 27.21 18.93 -14.91
CA PHE F 631 25.92 19.54 -15.18
C PHE F 631 26.03 20.88 -15.90
N VAL F 632 27.18 21.55 -15.76
CA VAL F 632 27.41 22.85 -16.39
C VAL F 632 28.42 22.67 -17.50
N SER F 633 28.07 23.11 -18.71
CA SER F 633 28.96 23.00 -19.85
C SER F 633 29.56 24.36 -20.21
N ALA F 659 22.63 35.11 -11.94
CA ALA F 659 22.90 34.15 -10.88
C ALA F 659 24.24 33.47 -11.09
N VAL F 660 24.74 32.84 -10.03
CA VAL F 660 26.02 32.13 -10.10
C VAL F 660 25.80 30.75 -10.69
N ALA F 661 26.67 30.37 -11.62
CA ALA F 661 26.56 29.08 -12.30
C ALA F 661 27.06 27.99 -11.37
N THR F 662 26.12 27.35 -10.67
CA THR F 662 26.41 26.25 -9.76
C THR F 662 25.90 24.94 -10.35
N THR F 663 26.03 23.87 -9.56
CA THR F 663 25.60 22.55 -10.01
C THR F 663 24.08 22.47 -10.18
N HIS F 664 23.33 23.37 -9.56
CA HIS F 664 21.87 23.37 -9.67
C HIS F 664 21.37 23.96 -10.97
N SER F 665 22.24 24.57 -11.77
CA SER F 665 21.85 25.18 -13.04
C SER F 665 22.04 24.16 -14.17
N TRP F 666 21.26 23.08 -14.09
CA TRP F 666 21.30 22.03 -15.09
C TRP F 666 20.36 22.37 -16.24
N ILE F 667 20.36 21.51 -17.26
CA ILE F 667 19.54 21.69 -18.44
C ILE F 667 18.66 20.46 -18.62
N PRO F 668 17.34 20.60 -18.63
CA PRO F 668 16.46 19.45 -18.84
C PRO F 668 16.41 19.07 -20.32
N LYS F 669 15.61 18.04 -20.61
CA LYS F 669 15.42 17.57 -21.97
C LYS F 669 14.11 18.09 -22.54
N ARG F 670 14.08 18.26 -23.86
CA ARG F 670 12.89 18.76 -24.53
C ARG F 670 11.79 17.71 -24.57
N LYS G 41 4.18 25.57 -24.04
CA LYS G 41 2.96 26.32 -23.77
C LYS G 41 2.91 26.81 -22.33
N ASN G 42 2.84 25.87 -21.40
CA ASN G 42 2.86 26.19 -19.97
C ASN G 42 4.12 25.61 -19.36
N PRO G 43 5.15 26.42 -19.11
CA PRO G 43 6.42 25.86 -18.59
C PRO G 43 6.30 25.23 -17.23
N ALA G 44 5.39 25.72 -16.37
CA ALA G 44 5.29 25.20 -15.01
C ALA G 44 4.82 23.74 -15.01
N LEU G 45 3.74 23.45 -15.75
CA LEU G 45 3.23 22.09 -15.81
C LEU G 45 4.25 21.16 -16.46
N ARG G 46 4.92 21.63 -17.51
CA ARG G 46 5.95 20.81 -18.15
C ARG G 46 7.09 20.51 -17.18
N MET G 47 7.51 21.50 -16.40
CA MET G 47 8.57 21.27 -15.42
C MET G 47 8.14 20.28 -14.35
N LYS G 48 6.91 20.41 -13.85
CA LYS G 48 6.42 19.47 -12.85
C LYS G 48 6.36 18.06 -13.41
N TRP G 49 5.85 17.90 -14.63
CA TRP G 49 5.76 16.58 -15.24
C TRP G 49 7.15 15.99 -15.46
N MET G 50 8.11 16.81 -15.92
CA MET G 50 9.46 16.32 -16.14
C MET G 50 10.13 15.92 -14.84
N MET G 51 9.95 16.71 -13.78
CA MET G 51 10.52 16.34 -12.49
C MET G 51 9.86 15.11 -11.90
N ALA G 52 8.59 14.86 -12.26
CA ALA G 52 7.92 13.65 -11.81
C ALA G 52 8.47 12.39 -12.46
N MET G 53 9.29 12.52 -13.50
CA MET G 53 9.87 11.37 -14.19
C MET G 53 11.08 10.86 -13.40
N LYS G 54 11.83 9.94 -14.00
CA LYS G 54 12.98 9.34 -13.34
C LYS G 54 14.31 9.99 -13.73
N TYR G 55 14.52 10.29 -15.01
CA TYR G 55 15.77 10.85 -15.51
C TYR G 55 15.47 12.09 -16.34
N PRO G 56 15.21 13.22 -15.69
CA PRO G 56 14.84 14.42 -16.44
C PRO G 56 16.02 15.24 -16.95
N ILE G 57 17.16 15.16 -16.27
CA ILE G 57 18.32 15.97 -16.59
C ILE G 57 19.14 15.27 -17.66
N THR G 58 19.78 16.05 -18.53
CA THR G 58 20.76 15.52 -19.48
C THR G 58 22.15 15.94 -19.04
N ALA G 59 23.13 15.09 -19.35
CA ALA G 59 24.50 15.34 -18.93
C ALA G 59 25.46 14.64 -19.88
N ASP G 60 26.73 15.04 -19.81
CA ASP G 60 27.75 14.43 -20.64
C ASP G 60 28.04 13.00 -20.18
N LYS G 61 28.61 12.21 -21.09
CA LYS G 61 28.94 10.82 -20.77
C LYS G 61 30.02 10.72 -19.70
N ARG G 62 30.82 11.78 -19.51
CA ARG G 62 31.89 11.73 -18.52
C ARG G 62 31.35 11.49 -17.12
N ILE G 63 30.10 11.89 -16.86
CA ILE G 63 29.50 11.66 -15.55
C ILE G 63 29.42 10.18 -15.20
N MET G 64 29.55 9.30 -16.21
CA MET G 64 29.56 7.87 -15.93
C MET G 64 30.78 7.45 -15.12
N GLU G 65 31.81 8.28 -15.06
CA GLU G 65 33.05 7.93 -14.37
C GLU G 65 33.19 8.61 -13.01
N MET G 66 32.73 9.85 -12.88
CA MET G 66 32.93 10.57 -11.61
C MET G 66 31.99 10.08 -10.52
N ILE G 67 30.80 9.61 -10.88
CA ILE G 67 29.83 9.18 -9.88
C ILE G 67 29.43 7.73 -10.14
N PRO G 68 29.11 6.95 -9.11
CA PRO G 68 28.65 5.58 -9.34
C PRO G 68 27.22 5.55 -9.87
N GLU G 69 26.90 4.43 -10.52
CA GLU G 69 25.57 4.26 -11.09
C GLU G 69 24.52 4.09 -9.99
N ARG G 70 24.90 3.43 -8.89
CA ARG G 70 23.96 3.12 -7.82
C ARG G 70 24.39 3.82 -6.54
N ASN G 71 23.40 4.19 -5.73
CA ASN G 71 23.63 4.80 -4.44
C ASN G 71 23.99 3.73 -3.41
N GLU G 72 24.39 4.18 -2.21
CA GLU G 72 24.61 3.25 -1.12
C GLU G 72 23.32 2.60 -0.65
N GLN G 73 22.17 3.22 -0.92
CA GLN G 73 20.87 2.63 -0.64
C GLN G 73 20.33 1.84 -1.83
N GLY G 74 21.04 1.84 -2.96
CA GLY G 74 20.61 1.13 -4.14
C GLY G 74 19.90 1.95 -5.20
N GLN G 75 19.66 3.23 -4.93
CA GLN G 75 18.99 4.06 -5.91
C GLN G 75 19.90 4.36 -7.09
N THR G 76 19.33 4.36 -8.30
CA THR G 76 20.09 4.65 -9.50
C THR G 76 20.33 6.16 -9.63
N LEU G 77 21.48 6.51 -10.20
CA LEU G 77 21.85 7.90 -10.40
C LEU G 77 21.82 8.33 -11.86
N TRP G 78 22.19 7.44 -12.79
CA TRP G 78 22.15 7.76 -14.20
C TRP G 78 21.84 6.50 -14.99
N SER G 79 21.38 6.70 -16.22
CA SER G 79 20.96 5.61 -17.10
C SER G 79 21.91 5.50 -18.29
N LYS G 80 22.14 4.27 -18.72
CA LYS G 80 23.02 4.01 -19.86
C LYS G 80 22.40 4.37 -21.19
N THR G 81 21.07 4.43 -21.27
CA THR G 81 20.41 4.70 -22.54
C THR G 81 20.78 6.09 -23.07
N ASN G 82 20.84 6.20 -24.39
CA ASN G 82 21.27 7.42 -25.06
C ASN G 82 20.07 8.25 -25.49
N ASP G 83 20.17 9.56 -25.26
CA ASP G 83 19.12 10.46 -25.70
C ASP G 83 19.18 10.67 -27.21
N ALA G 84 18.09 11.17 -27.77
CA ALA G 84 17.99 11.42 -29.20
C ALA G 84 18.54 12.81 -29.51
N GLY G 85 19.50 12.87 -30.43
CA GLY G 85 20.08 14.13 -30.82
C GLY G 85 21.59 14.18 -30.69
N SER G 86 22.12 13.52 -29.66
CA SER G 86 23.56 13.50 -29.40
C SER G 86 23.86 12.32 -28.50
N ASP G 87 25.09 12.29 -27.98
CA ASP G 87 25.55 11.20 -27.13
C ASP G 87 25.34 11.47 -25.64
N ARG G 88 24.67 12.57 -25.29
CA ARG G 88 24.43 12.89 -23.89
C ARG G 88 23.53 11.84 -23.25
N VAL G 89 23.80 11.55 -21.98
CA VAL G 89 23.08 10.55 -21.23
C VAL G 89 22.12 11.22 -20.25
N MET G 90 21.27 10.41 -19.62
CA MET G 90 20.25 10.87 -18.72
C MET G 90 20.73 10.78 -17.27
N VAL G 91 20.27 11.73 -16.45
CA VAL G 91 20.70 11.88 -15.07
C VAL G 91 19.54 12.41 -14.25
N SER G 92 19.34 11.82 -13.07
CA SER G 92 18.32 12.21 -12.10
C SER G 92 18.88 13.26 -11.15
N PRO G 93 18.01 14.04 -10.50
CA PRO G 93 18.50 15.03 -9.52
C PRO G 93 19.21 14.40 -8.34
N LEU G 94 18.98 13.11 -8.08
CA LEU G 94 19.74 12.42 -7.04
C LEU G 94 21.23 12.50 -7.31
N ALA G 95 21.63 12.45 -8.58
CA ALA G 95 23.04 12.60 -8.93
C ALA G 95 23.55 13.99 -8.57
N VAL G 96 22.72 15.02 -8.79
CA VAL G 96 23.11 16.38 -8.45
C VAL G 96 23.34 16.49 -6.94
N THR G 97 22.41 15.94 -6.15
CA THR G 97 22.57 15.99 -4.70
C THR G 97 23.79 15.20 -4.25
N TRP G 98 24.04 14.05 -4.88
CA TRP G 98 25.22 13.24 -4.54
C TRP G 98 26.50 14.00 -4.83
N TRP G 99 26.56 14.67 -5.99
CA TRP G 99 27.73 15.48 -6.31
C TRP G 99 27.90 16.62 -5.31
N ASN G 100 26.79 17.24 -4.91
CA ASN G 100 26.86 18.32 -3.93
C ASN G 100 27.41 17.82 -2.59
N ARG G 101 26.98 16.64 -2.16
CA ARG G 101 27.43 16.10 -0.87
C ARG G 101 28.67 15.21 -1.00
N ASN G 102 28.99 14.73 -2.19
CA ASN G 102 30.16 13.88 -2.38
C ASN G 102 30.70 14.12 -3.79
N GLY G 103 31.83 14.82 -3.88
CA GLY G 103 32.44 15.10 -5.16
C GLY G 103 33.80 15.76 -5.01
N PRO G 104 34.50 15.92 -6.13
CA PRO G 104 35.81 16.58 -6.07
C PRO G 104 35.68 18.02 -5.60
N THR G 105 36.61 18.43 -4.74
CA THR G 105 36.63 19.78 -4.19
C THR G 105 37.92 20.48 -4.58
N THR G 106 37.79 21.74 -5.01
CA THR G 106 38.93 22.54 -5.44
C THR G 106 38.83 23.93 -4.81
N SER G 107 39.98 24.60 -4.76
CA SER G 107 40.04 25.96 -4.21
C SER G 107 39.41 26.95 -5.18
N THR G 108 38.13 27.26 -4.99
CA THR G 108 37.39 28.16 -5.87
C THR G 108 37.16 29.47 -5.12
N VAL G 109 38.02 30.45 -5.36
CA VAL G 109 37.89 31.77 -4.76
C VAL G 109 37.70 32.87 -5.80
N HIS G 110 37.75 32.55 -7.09
CA HIS G 110 37.58 33.56 -8.14
C HIS G 110 36.12 33.95 -8.33
N TYR G 111 35.17 33.13 -7.88
CA TYR G 111 33.76 33.42 -8.10
C TYR G 111 33.32 34.74 -7.49
N PRO G 112 33.64 35.08 -6.23
CA PRO G 112 33.29 36.41 -5.73
C PRO G 112 34.00 37.55 -6.46
N LYS G 113 35.09 37.26 -7.17
CA LYS G 113 35.86 38.31 -7.86
C LYS G 113 35.27 38.63 -9.23
N VAL G 114 35.15 37.62 -10.09
CA VAL G 114 34.63 37.86 -11.43
C VAL G 114 33.16 38.26 -11.39
N TYR G 115 32.39 37.65 -10.48
CA TYR G 115 30.98 38.01 -10.30
C TYR G 115 30.92 39.12 -9.26
N LYS G 116 30.73 40.36 -9.72
CA LYS G 116 30.65 41.52 -8.85
C LYS G 116 29.27 42.13 -8.79
N THR G 117 28.54 42.18 -9.91
CA THR G 117 27.18 42.70 -9.90
C THR G 117 26.28 41.83 -9.02
N TYR G 118 26.41 40.51 -9.14
CA TYR G 118 25.64 39.62 -8.29
C TYR G 118 26.15 39.62 -6.85
N PHE G 119 27.46 39.79 -6.66
CA PHE G 119 28.04 39.85 -5.32
C PHE G 119 28.18 41.30 -4.86
MG MG I . 11.23 -49.71 31.77
#